data_5EHK
#
_entry.id   5EHK
#
_cell.length_a   85.137
_cell.length_b   151.112
_cell.length_c   205.744
_cell.angle_alpha   90.00
_cell.angle_beta   90.00
_cell.angle_gamma   90.00
#
_symmetry.space_group_name_H-M   'P 21 21 21'
#
loop_
_entity.id
_entity.type
_entity.pdbx_description
1 polymer 'Lantibiotic dehydratase'
2 water water
#
_entity_poly.entity_id   1
_entity_poly.type   'polypeptide(L)'
_entity_poly.pdbx_seq_one_letter_code
;MTDSPFRAWDVFMVRTPVGYAYPTPLSNSGFDSPASSPGFGEGEFPPDAPVPSDVSGHGAGSSEASVRASGRPPAGDHLS
LLRAACEDGPLMEAVELASPSLAGLLARVARGDTGGLKDKRLRRAALALLRYDIRMRTRPTPFGLFAGVSGGRFDTSAKW
LAGTGHRTRTRADMEWLLSAVHRLERDRVLLAGVTVQAHQTLTVRGDRIVLDCPSALGKPLNGSTRSTVSARRSPVVAEI
LGAARRPVLAGRLAQSVAQRFELPADRVTGLLADMAAQELLITALRPPLDGDDPLQHVLDVVAAAEARAGSPAEAMSSES
AALVAALREVDARCHAYDRTAVGQGRRELAELIQSTRRVHPHDTPLHVDLRIDLEVRLPEVVRTEIERAAEALWRLSPPR
RGMRALRRYHEAFLERYGADRAVPLLELLDDTRGLGPPAGYKWPPSETPAGPQEEPRRSAALARLVAKAARRGEREIVID
EETIAELAYDEAAPADLPNSLELGVHVVAPSLDELSAGTFRVVLAPGPGSHHAGATLGRFTGLLPDVDAESAARQAGRPL
HIQDAVAADVAFIPRSGRAANLAHTPSYSGRRISVGLPDSGRAQEIPLDELGVGANLERLCLVHLPTGREVVPALPNMVS
AFAQAPNPARLLFELGLEGQRLWEPWDWGALSEMPFLPGVRYGRTLLAAPLWRMDQLRGPADDSGPAADWDAALDRWRAE
WNVPRRVLAVSMDQRLLLDLDDAWHRVLLRDELRRTPELIAQQVAGDEEGWLDRGDAGFPGHLAEIVVPLERRDRHAARP
PHIRATVSGREPTGAGGPWLYLRLRVPRRNQDDFLRDQVPVLVRAGIEHGADRWFFIRYSDTAGQHLRVRFRGEREKLWA
GLLPEIGARLVEWQRQGLLAGHELGQYDPEYERYGGDALAEFTETAFQHDSAAAISLLRLTRRAGFRYTLDEVTAISAAA
LADAFGPPAPVVEPVPLVGGLQWAPDLFDGDPAAAWMSSTGGRRELPPDYRRDPARWQKLIDPTGGWPLLRADEDGCQVL
AALESRDEAVRRFGTAYREAFRPTDSPSTQLRLVGSLLHMTCNRLIGGSAERERSVLGLARGAVQDNLNRRRHLA
;
_entity_poly.pdbx_strand_id   A,B
#
# COMPACT_ATOMS: atom_id res chain seq x y z
N ASP A 3 -38.77 -19.49 1.70
CA ASP A 3 -38.49 -18.06 1.88
C ASP A 3 -37.01 -17.57 1.86
N SER A 4 -36.04 -18.46 2.11
CA SER A 4 -34.62 -18.09 1.95
C SER A 4 -34.25 -17.98 0.48
N PRO A 5 -33.27 -17.13 0.15
CA PRO A 5 -32.81 -17.11 -1.25
C PRO A 5 -32.02 -18.37 -1.58
N PHE A 6 -31.65 -19.16 -0.58
CA PHE A 6 -31.01 -20.44 -0.84
C PHE A 6 -31.95 -21.60 -0.47
N ARG A 7 -31.90 -22.67 -1.26
CA ARG A 7 -32.60 -23.91 -0.97
C ARG A 7 -31.54 -25.00 -0.86
N ALA A 8 -31.53 -25.77 0.23
CA ALA A 8 -30.59 -26.89 0.37
C ALA A 8 -31.01 -28.09 -0.49
N TRP A 9 -30.03 -28.92 -0.81
CA TRP A 9 -30.26 -30.19 -1.53
C TRP A 9 -31.04 -31.17 -0.66
N ASP A 10 -31.66 -32.18 -1.27
CA ASP A 10 -32.33 -33.20 -0.49
C ASP A 10 -31.31 -34.02 0.28
N VAL A 11 -30.24 -34.42 -0.40
CA VAL A 11 -29.22 -35.27 0.23
C VAL A 11 -28.06 -34.42 0.68
N PHE A 12 -27.25 -34.98 1.58
CA PHE A 12 -26.06 -34.31 2.07
C PHE A 12 -25.05 -35.35 2.47
N MET A 13 -23.79 -34.94 2.63
CA MET A 13 -22.74 -35.88 3.02
C MET A 13 -22.45 -35.73 4.51
N VAL A 14 -21.95 -36.79 5.13
CA VAL A 14 -21.66 -36.78 6.55
C VAL A 14 -20.22 -37.22 6.69
N ARG A 15 -19.45 -36.50 7.50
CA ARG A 15 -18.10 -36.90 7.85
C ARG A 15 -18.14 -37.33 9.29
N THR A 16 -17.47 -38.41 9.63
CA THR A 16 -17.50 -38.90 11.01
C THR A 16 -16.34 -39.85 11.36
N PRO A 17 -15.89 -39.82 12.63
CA PRO A 17 -14.84 -40.79 13.01
C PRO A 17 -15.41 -42.20 13.30
N VAL A 18 -14.56 -43.23 13.26
CA VAL A 18 -15.04 -44.58 13.55
C VAL A 18 -15.55 -44.67 14.98
N HIS A 78 4.67 -42.45 29.31
CA HIS A 78 4.95 -43.76 29.87
C HIS A 78 4.71 -44.88 28.84
N LEU A 79 5.55 -45.90 28.93
CA LEU A 79 5.53 -47.07 28.04
C LEU A 79 4.22 -47.87 28.15
N SER A 80 3.49 -47.68 29.24
CA SER A 80 2.22 -48.37 29.47
C SER A 80 1.15 -47.97 28.46
N LEU A 81 1.06 -46.68 28.16
CA LEU A 81 0.03 -46.19 27.25
C LEU A 81 0.23 -46.77 25.85
N LEU A 82 1.48 -47.08 25.54
CA LEU A 82 1.82 -47.79 24.31
C LEU A 82 1.33 -49.22 24.35
N ARG A 83 1.76 -49.91 25.41
CA ARG A 83 1.39 -51.31 25.62
C ARG A 83 -0.15 -51.47 25.66
N ALA A 84 -0.82 -50.51 26.30
CA ALA A 84 -2.29 -50.53 26.42
C ALA A 84 -3.04 -50.59 25.08
N ALA A 85 -2.65 -49.74 24.14
CA ALA A 85 -3.39 -49.62 22.90
C ALA A 85 -2.98 -50.65 21.84
N CYS A 86 -2.03 -51.53 22.18
CA CYS A 86 -1.68 -52.62 21.27
C CYS A 86 -2.80 -53.64 21.08
N GLU A 87 -3.82 -53.57 21.92
CA GLU A 87 -4.92 -54.51 21.89
C GLU A 87 -6.12 -53.95 21.07
N ASP A 88 -5.86 -52.86 20.35
CA ASP A 88 -6.86 -52.11 19.58
C ASP A 88 -6.65 -52.16 18.06
N GLY A 89 -7.39 -53.01 17.35
CA GLY A 89 -7.43 -52.97 15.89
C GLY A 89 -8.72 -52.40 15.33
N LEU A 91 -7.45 -49.49 15.27
CA LEU A 91 -6.44 -48.50 15.65
C LEU A 91 -5.03 -48.91 15.31
N MET A 92 -4.71 -50.20 15.45
CA MET A 92 -3.36 -50.63 15.10
C MET A 92 -3.24 -50.65 13.60
N GLU A 93 -4.36 -50.93 12.93
CA GLU A 93 -4.41 -50.93 11.47
C GLU A 93 -4.32 -49.51 10.92
N ALA A 94 -5.01 -48.60 11.59
CA ALA A 94 -4.97 -47.20 11.22
C ALA A 94 -3.56 -46.63 11.37
N VAL A 95 -2.89 -46.99 12.46
CA VAL A 95 -1.55 -46.46 12.71
C VAL A 95 -0.51 -47.09 11.76
N GLU A 96 -0.74 -48.32 11.35
CA GLU A 96 0.11 -48.97 10.35
C GLU A 96 0.03 -48.26 8.99
N LEU A 97 -1.07 -47.55 8.79
CA LEU A 97 -1.34 -46.88 7.55
C LEU A 97 -0.87 -45.42 7.58
N ALA A 98 -1.15 -44.70 8.67
CA ALA A 98 -0.83 -43.28 8.77
C ALA A 98 0.63 -43.03 9.11
N SER A 99 1.21 -43.91 9.91
CA SER A 99 2.57 -43.72 10.37
C SER A 99 3.24 -45.08 10.54
N PRO A 100 3.78 -45.65 9.45
CA PRO A 100 4.46 -46.95 9.60
C PRO A 100 5.55 -46.88 10.65
N SER A 101 6.24 -45.74 10.77
CA SER A 101 7.29 -45.58 11.77
C SER A 101 6.78 -45.78 13.19
N LEU A 102 5.63 -45.18 13.52
CA LEU A 102 5.07 -45.32 14.86
C LEU A 102 4.59 -46.74 15.04
N ALA A 103 4.12 -47.33 13.94
CA ALA A 103 3.63 -48.70 13.94
C ALA A 103 4.77 -49.66 14.26
N GLY A 104 5.97 -49.30 13.83
CA GLY A 104 7.12 -50.13 14.10
C GLY A 104 7.40 -50.18 15.59
N LEU A 105 7.36 -49.01 16.23
CA LEU A 105 7.62 -48.95 17.66
C LEU A 105 6.59 -49.77 18.46
N LEU A 106 5.34 -49.72 18.03
CA LEU A 106 4.29 -50.45 18.72
C LEU A 106 4.48 -51.97 18.53
N ALA A 107 5.14 -52.33 17.44
CA ALA A 107 5.41 -53.74 17.13
C ALA A 107 6.48 -54.34 18.04
N ARG A 108 7.41 -53.51 18.48
CA ARG A 108 8.44 -53.97 19.43
C ARG A 108 8.17 -53.50 20.86
N VAL A 109 6.90 -53.36 21.21
CA VAL A 109 6.50 -53.32 22.61
C VAL A 109 5.55 -54.50 22.82
N ALA A 110 4.88 -54.91 21.75
CA ALA A 110 3.98 -56.05 21.76
C ALA A 110 4.74 -57.38 21.76
N ARG A 111 5.92 -57.37 21.15
CA ARG A 111 6.79 -58.56 21.14
C ARG A 111 7.73 -58.53 22.34
N GLY A 112 7.85 -57.35 22.96
CA GLY A 112 8.74 -57.11 24.08
C GLY A 112 9.78 -56.05 23.77
N ASP A 113 9.98 -55.15 24.74
CA ASP A 113 10.89 -54.00 24.58
C ASP A 113 12.32 -54.43 24.28
N THR A 114 12.81 -54.12 23.09
CA THR A 114 14.17 -54.46 22.72
C THR A 114 15.13 -53.32 23.09
N GLY A 115 15.94 -52.88 22.13
CA GLY A 115 16.99 -51.90 22.37
C GLY A 115 16.68 -50.62 23.15
N GLY A 116 16.33 -50.75 24.43
CA GLY A 116 16.24 -49.63 25.36
C GLY A 116 15.45 -48.40 24.93
N LEU A 117 15.27 -48.25 23.61
CA LEU A 117 14.47 -47.20 23.00
C LEU A 117 15.10 -45.82 23.17
N LYS A 118 14.55 -45.02 24.09
CA LYS A 118 15.01 -43.66 24.41
C LYS A 118 13.92 -43.06 25.29
N ASP A 119 14.25 -42.64 26.52
CA ASP A 119 13.22 -42.13 27.43
C ASP A 119 12.55 -40.86 26.90
N LYS A 120 13.17 -40.22 25.91
CA LYS A 120 12.58 -39.09 25.20
C LYS A 120 11.62 -39.63 24.13
N ARG A 121 12.04 -40.70 23.45
CA ARG A 121 11.26 -41.28 22.38
C ARG A 121 10.01 -42.02 22.88
N LEU A 122 10.09 -42.59 24.08
CA LEU A 122 8.91 -43.20 24.70
C LEU A 122 7.84 -42.15 24.86
N ARG A 123 8.23 -40.99 25.36
CA ARG A 123 7.29 -39.94 25.66
C ARG A 123 6.94 -39.23 24.37
N ARG A 124 7.78 -39.39 23.36
CA ARG A 124 7.53 -38.77 22.07
C ARG A 124 6.50 -39.58 21.31
N ALA A 125 6.70 -40.90 21.29
CA ALA A 125 5.83 -41.84 20.57
C ALA A 125 4.43 -41.99 21.18
N ALA A 126 4.36 -41.97 22.51
CA ALA A 126 3.08 -42.06 23.19
C ALA A 126 2.17 -40.86 22.82
N LEU A 127 2.73 -39.66 22.79
CA LEU A 127 1.95 -38.46 22.42
C LEU A 127 1.44 -38.55 20.98
N ALA A 128 2.28 -39.07 20.09
CA ALA A 128 1.86 -39.31 18.71
C ALA A 128 0.68 -40.28 18.69
N LEU A 129 0.78 -41.36 19.46
CA LEU A 129 -0.29 -42.35 19.50
C LEU A 129 -1.56 -41.76 20.07
N LEU A 130 -1.40 -40.90 21.07
CA LEU A 130 -2.53 -40.25 21.72
C LEU A 130 -3.27 -39.37 20.75
N ARG A 131 -2.53 -38.69 19.87
CA ARG A 131 -3.14 -37.85 18.85
C ARG A 131 -4.01 -38.70 17.94
N TYR A 132 -3.48 -39.87 17.56
CA TYR A 132 -4.21 -40.80 16.69
C TYR A 132 -5.42 -41.45 17.37
N ASP A 133 -5.36 -41.66 18.69
CA ASP A 133 -6.46 -42.27 19.42
C ASP A 133 -7.61 -41.27 19.45
N ILE A 134 -7.34 -40.10 20.04
CA ILE A 134 -8.28 -39.00 20.10
C ILE A 134 -8.91 -38.74 18.75
N ARG A 135 -8.10 -38.78 17.69
CA ARG A 135 -8.61 -38.54 16.35
C ARG A 135 -9.65 -39.56 15.98
N MET A 136 -9.31 -40.82 16.20
CA MET A 136 -10.15 -41.94 15.77
C MET A 136 -11.51 -41.92 16.43
N ARG A 137 -11.57 -41.23 17.56
CA ARG A 137 -12.77 -41.25 18.36
C ARG A 137 -13.50 -39.89 18.35
N THR A 138 -12.86 -38.87 17.80
CA THR A 138 -13.45 -37.53 17.81
C THR A 138 -13.36 -36.69 16.54
N ARG A 139 -12.37 -36.94 15.68
CA ARG A 139 -12.19 -36.08 14.48
C ARG A 139 -12.91 -36.50 13.22
N PRO A 140 -13.95 -35.76 12.86
CA PRO A 140 -14.79 -36.10 11.71
C PRO A 140 -14.07 -35.99 10.36
N THR A 141 -12.93 -35.31 10.30
CA THR A 141 -12.27 -35.06 9.02
C THR A 141 -11.85 -36.39 8.38
N PRO A 142 -12.42 -36.71 7.20
CA PRO A 142 -12.16 -38.01 6.58
C PRO A 142 -10.69 -38.16 6.30
N PHE A 143 -10.04 -39.03 7.05
CA PHE A 143 -8.62 -39.29 6.90
C PHE A 143 -8.42 -40.73 6.38
N GLY A 144 -7.67 -41.56 7.08
CA GLY A 144 -7.39 -42.89 6.57
C GLY A 144 -8.39 -43.90 7.07
N LEU A 145 -8.05 -44.59 8.16
CA LEU A 145 -9.00 -45.44 8.85
C LEU A 145 -9.52 -44.79 10.12
N PHE A 146 -9.27 -43.49 10.27
CA PHE A 146 -9.71 -42.78 11.45
C PHE A 146 -11.12 -42.25 11.26
N ALA A 147 -11.46 -41.87 10.03
CA ALA A 147 -12.76 -41.25 9.79
C ALA A 147 -13.16 -41.37 8.34
N GLY A 148 -14.45 -41.17 8.07
CA GLY A 148 -14.98 -41.38 6.74
C GLY A 148 -16.33 -40.76 6.52
N VAL A 149 -16.99 -41.16 5.43
CA VAL A 149 -18.20 -40.46 4.96
C VAL A 149 -19.42 -41.38 4.87
N SER A 150 -20.61 -40.79 4.81
CA SER A 150 -21.84 -41.54 4.60
C SER A 150 -22.98 -40.67 4.06
N GLY A 151 -23.93 -41.32 3.39
CA GLY A 151 -25.15 -40.66 2.91
C GLY A 151 -26.07 -40.15 4.03
N GLY A 152 -26.87 -39.14 3.71
CA GLY A 152 -27.80 -38.56 4.66
C GLY A 152 -28.88 -37.86 3.87
N ARG A 153 -30.02 -37.57 4.50
CA ARG A 153 -31.13 -37.00 3.77
C ARG A 153 -31.99 -36.16 4.66
N PHE A 154 -32.61 -35.15 4.08
CA PHE A 154 -33.64 -34.42 4.77
C PHE A 154 -34.95 -35.16 4.57
N ASP A 155 -35.75 -35.20 5.62
CA ASP A 155 -36.92 -36.05 5.68
C ASP A 155 -37.95 -35.34 6.53
N THR A 156 -38.98 -36.08 6.95
CA THR A 156 -39.94 -35.53 7.89
C THR A 156 -39.70 -36.15 9.25
N SER A 157 -38.82 -37.14 9.28
CA SER A 157 -38.54 -37.88 10.51
C SER A 157 -37.04 -38.05 10.78
N ALA A 158 -36.59 -37.58 11.94
CA ALA A 158 -35.20 -37.74 12.35
C ALA A 158 -34.84 -39.21 12.46
N LYS A 159 -33.59 -39.54 12.16
CA LYS A 159 -33.07 -40.89 12.31
C LYS A 159 -31.55 -40.84 12.50
N TRP A 160 -30.99 -41.71 13.34
CA TRP A 160 -29.55 -41.76 13.52
C TRP A 160 -29.01 -43.17 13.78
N LEU A 161 -29.01 -43.99 12.75
CA LEU A 161 -28.64 -45.39 12.89
C LEU A 161 -27.14 -45.67 12.72
N ALA A 162 -26.39 -45.60 13.83
CA ALA A 162 -24.99 -45.97 13.79
C ALA A 162 -24.85 -47.48 13.70
N GLY A 163 -24.08 -47.93 12.71
CA GLY A 163 -23.80 -49.34 12.53
C GLY A 163 -22.35 -49.66 12.87
N THR A 164 -21.83 -50.74 12.30
CA THR A 164 -20.45 -51.15 12.55
C THR A 164 -19.78 -51.72 11.31
N GLY A 165 -20.54 -51.90 10.23
CA GLY A 165 -20.01 -52.48 9.02
C GLY A 165 -19.26 -51.52 8.09
N HIS A 166 -18.21 -50.89 8.59
CA HIS A 166 -17.45 -49.90 7.84
C HIS A 166 -16.62 -50.55 6.74
N ARG A 167 -16.64 -49.93 5.56
CA ARG A 167 -15.90 -50.42 4.40
C ARG A 167 -14.89 -49.42 3.85
N THR A 168 -13.78 -49.98 3.37
CA THR A 168 -12.65 -49.22 2.89
C THR A 168 -12.65 -49.22 1.36
N ARG A 169 -12.22 -48.12 0.74
CA ARG A 169 -11.80 -48.17 -0.65
C ARG A 169 -10.33 -47.76 -0.70
N THR A 170 -9.50 -48.55 -1.39
CA THR A 170 -8.06 -48.31 -1.44
C THR A 170 -7.54 -48.09 -2.87
N ARG A 171 -6.76 -47.04 -3.05
CA ARG A 171 -6.25 -46.68 -4.36
C ARG A 171 -4.78 -46.33 -4.32
N ALA A 172 -4.16 -46.39 -5.49
CA ALA A 172 -2.76 -46.05 -5.65
C ALA A 172 -2.57 -44.58 -5.43
N ASP A 173 -1.53 -44.20 -4.69
CA ASP A 173 -1.15 -42.80 -4.50
C ASP A 173 -0.65 -42.27 -5.84
N MET A 174 -1.12 -41.09 -6.24
CA MET A 174 -0.81 -40.53 -7.56
C MET A 174 0.68 -40.36 -7.81
N GLU A 175 1.39 -39.89 -6.80
CA GLU A 175 2.82 -39.73 -6.91
C GLU A 175 3.45 -41.08 -7.18
N TRP A 176 2.99 -42.10 -6.46
CA TRP A 176 3.46 -43.48 -6.64
C TRP A 176 3.13 -43.98 -8.05
N LEU A 177 1.86 -43.91 -8.45
CA LEU A 177 1.45 -44.39 -9.75
C LEU A 177 2.17 -43.70 -10.90
N LEU A 178 2.44 -42.40 -10.75
CA LEU A 178 3.09 -41.66 -11.81
C LEU A 178 4.53 -42.13 -12.06
N SER A 179 5.24 -42.55 -11.01
CA SER A 179 6.57 -43.15 -11.18
C SER A 179 6.56 -44.32 -12.16
N ALA A 180 5.51 -45.13 -12.08
CA ALA A 180 5.35 -46.26 -12.98
C ALA A 180 4.90 -45.85 -14.38
N VAL A 181 4.00 -44.88 -14.46
CA VAL A 181 3.47 -44.43 -15.75
C VAL A 181 4.61 -43.88 -16.59
N HIS A 182 5.54 -43.21 -15.92
CA HIS A 182 6.77 -42.70 -16.55
C HIS A 182 7.57 -43.82 -17.20
N ARG A 183 7.69 -44.95 -16.50
CA ARG A 183 8.46 -46.09 -16.99
C ARG A 183 7.77 -46.69 -18.18
N LEU A 184 6.44 -46.68 -18.16
CA LEU A 184 5.66 -47.10 -19.32
C LEU A 184 5.82 -46.10 -20.49
N GLU A 185 6.07 -44.82 -20.17
CA GLU A 185 6.14 -43.75 -21.20
C GLU A 185 7.45 -43.79 -22.00
N ARG A 186 8.47 -44.45 -21.43
CA ARG A 186 9.76 -44.60 -22.10
C ARG A 186 9.73 -45.78 -23.08
N ASP A 187 8.76 -46.67 -22.92
CA ASP A 187 8.57 -47.78 -23.84
C ASP A 187 8.02 -47.28 -25.19
N ARG A 188 8.90 -47.14 -26.18
CA ARG A 188 8.49 -46.58 -27.47
C ARG A 188 7.47 -47.42 -28.19
N VAL A 189 7.44 -48.71 -27.86
CA VAL A 189 6.51 -49.64 -28.53
C VAL A 189 5.14 -49.59 -27.88
N LEU A 190 5.12 -49.39 -26.56
CA LEU A 190 3.85 -49.17 -25.86
C LEU A 190 3.33 -47.79 -26.25
N LEU A 191 4.24 -46.81 -26.24
CA LEU A 191 3.92 -45.42 -26.57
C LEU A 191 3.08 -45.25 -27.84
N ALA A 192 3.36 -46.06 -28.87
CA ALA A 192 2.61 -45.94 -30.11
C ALA A 192 1.21 -46.52 -29.97
N GLY A 193 0.99 -47.25 -28.88
CA GLY A 193 -0.29 -47.89 -28.62
C GLY A 193 -1.31 -46.93 -28.04
N VAL A 194 -0.83 -45.99 -27.24
CA VAL A 194 -1.68 -44.98 -26.63
C VAL A 194 -1.76 -43.69 -27.47
N THR A 195 -2.66 -42.80 -27.07
CA THR A 195 -2.78 -41.48 -27.70
C THR A 195 -1.91 -40.41 -26.99
N VAL A 196 -1.47 -39.40 -27.73
CA VAL A 196 -0.73 -38.28 -27.13
C VAL A 196 -1.38 -36.95 -27.55
N GLN A 197 -1.17 -35.90 -26.75
CA GLN A 197 -1.64 -34.56 -27.11
C GLN A 197 -0.72 -33.49 -26.57
N ALA A 198 -0.76 -32.31 -27.21
CA ALA A 198 0.07 -31.21 -26.75
C ALA A 198 -0.42 -30.71 -25.40
N HIS A 199 0.51 -30.50 -24.49
CA HIS A 199 0.23 -29.89 -23.19
C HIS A 199 -0.53 -28.59 -23.47
N GLN A 200 -1.59 -28.33 -22.74
CA GLN A 200 -2.47 -27.23 -23.13
C GLN A 200 -1.89 -25.84 -22.81
N THR A 201 -0.82 -25.78 -22.02
CA THR A 201 -0.33 -24.47 -21.63
C THR A 201 1.03 -24.11 -22.22
N LEU A 202 1.45 -24.83 -23.26
CA LEU A 202 2.67 -24.45 -23.96
C LEU A 202 2.52 -23.05 -24.50
N THR A 203 3.57 -22.26 -24.40
CA THR A 203 3.55 -20.94 -24.97
C THR A 203 4.81 -20.79 -25.83
N VAL A 204 4.63 -20.21 -27.01
CA VAL A 204 5.69 -20.00 -28.00
C VAL A 204 6.48 -18.70 -27.80
N ARG A 205 7.77 -18.80 -27.57
CA ARG A 205 8.58 -17.59 -27.44
C ARG A 205 9.75 -17.61 -28.41
N GLY A 206 9.63 -16.81 -29.47
CA GLY A 206 10.66 -16.72 -30.48
C GLY A 206 10.73 -18.03 -31.24
N ASP A 207 11.89 -18.69 -31.16
CA ASP A 207 12.11 -19.99 -31.78
C ASP A 207 12.09 -21.11 -30.75
N ARG A 208 11.63 -20.81 -29.55
CA ARG A 208 11.56 -21.82 -28.49
C ARG A 208 10.12 -22.11 -28.11
N ILE A 209 9.89 -23.36 -27.70
CA ILE A 209 8.64 -23.75 -27.06
C ILE A 209 8.84 -23.77 -25.53
N VAL A 210 7.95 -23.11 -24.80
CA VAL A 210 8.11 -23.00 -23.35
C VAL A 210 6.92 -23.56 -22.59
N LEU A 211 7.22 -24.40 -21.61
CA LEU A 211 6.23 -24.87 -20.64
C LEU A 211 6.53 -24.27 -19.27
N ASP A 212 5.71 -23.34 -18.81
CA ASP A 212 5.90 -22.84 -17.45
C ASP A 212 5.34 -23.88 -16.47
N CYS A 213 6.10 -24.16 -15.41
CA CYS A 213 5.69 -25.11 -14.37
C CYS A 213 5.31 -26.51 -14.88
N PRO A 214 6.31 -27.33 -15.20
CA PRO A 214 5.92 -28.72 -15.46
C PRO A 214 5.62 -29.42 -14.13
N SER A 215 4.94 -30.57 -14.19
CA SER A 215 4.65 -31.39 -13.02
C SER A 215 5.84 -32.23 -12.64
N ALA A 216 6.30 -32.05 -11.41
CA ALA A 216 7.43 -32.78 -10.87
C ALA A 216 6.99 -34.05 -10.10
N LEU A 217 5.81 -34.59 -10.40
CA LEU A 217 5.18 -35.54 -9.50
C LEU A 217 5.91 -36.86 -9.26
N GLY A 218 6.27 -37.57 -10.31
CA GLY A 218 6.96 -38.83 -10.09
C GLY A 218 8.47 -38.70 -10.17
N LYS A 219 9.00 -37.55 -9.77
CA LYS A 219 10.41 -37.26 -9.96
C LYS A 219 11.15 -36.84 -8.69
N SER A 227 11.14 -26.89 -12.61
CA SER A 227 10.93 -25.44 -12.53
C SER A 227 10.37 -24.84 -13.83
N THR A 228 11.07 -25.10 -14.94
CA THR A 228 10.66 -24.60 -16.26
C THR A 228 11.33 -25.40 -17.38
N VAL A 229 10.61 -25.61 -18.47
CA VAL A 229 11.15 -26.34 -19.61
C VAL A 229 11.22 -25.46 -20.85
N SER A 230 12.41 -25.34 -21.43
CA SER A 230 12.61 -24.52 -22.63
C SER A 230 13.21 -25.34 -23.75
N ALA A 231 12.39 -25.74 -24.72
CA ALA A 231 12.87 -26.53 -25.84
C ALA A 231 12.97 -25.68 -27.11
N ARG A 232 13.93 -25.96 -27.99
CA ARG A 232 13.97 -25.28 -29.27
C ARG A 232 12.84 -25.78 -30.18
N ARG A 233 12.15 -24.84 -30.83
CA ARG A 233 10.97 -25.19 -31.65
C ARG A 233 11.33 -25.37 -33.12
N SER A 234 11.90 -26.52 -33.44
CA SER A 234 12.29 -26.84 -34.80
C SER A 234 11.04 -27.14 -35.61
N PRO A 235 11.18 -27.29 -36.94
CA PRO A 235 10.01 -27.63 -37.76
C PRO A 235 9.39 -28.97 -37.43
N VAL A 236 10.21 -29.94 -37.01
CA VAL A 236 9.68 -31.26 -36.67
C VAL A 236 8.87 -31.19 -35.38
N VAL A 237 9.49 -30.55 -34.38
CA VAL A 237 8.86 -30.24 -33.11
C VAL A 237 7.54 -29.49 -33.27
N ALA A 238 7.49 -28.48 -34.14
CA ALA A 238 6.26 -27.70 -34.33
C ALA A 238 5.15 -28.49 -35.01
N GLU A 239 5.53 -29.34 -35.98
CA GLU A 239 4.59 -30.21 -36.68
C GLU A 239 3.96 -31.23 -35.74
N ILE A 240 4.77 -31.74 -34.82
CA ILE A 240 4.31 -32.72 -33.87
C ILE A 240 3.25 -32.07 -32.99
N LEU A 241 3.61 -30.93 -32.41
CA LEU A 241 2.70 -30.22 -31.52
C LEU A 241 1.38 -29.83 -32.19
N GLY A 242 1.41 -29.43 -33.45
CA GLY A 242 0.19 -29.04 -34.13
C GLY A 242 -0.72 -30.21 -34.44
N ALA A 243 -0.14 -31.33 -34.83
CA ALA A 243 -0.93 -32.51 -35.14
C ALA A 243 -1.50 -33.15 -33.86
N ALA A 244 -0.81 -32.93 -32.76
CA ALA A 244 -1.24 -33.45 -31.46
C ALA A 244 -2.00 -32.40 -30.64
N ARG A 245 -2.68 -31.48 -31.33
CA ARG A 245 -3.49 -30.46 -30.65
C ARG A 245 -4.65 -31.13 -29.93
N ARG A 246 -5.39 -31.96 -30.65
CA ARG A 246 -6.33 -32.85 -29.99
C ARG A 246 -5.67 -34.23 -29.80
N PRO A 247 -6.16 -35.04 -28.85
CA PRO A 247 -5.51 -36.34 -28.64
C PRO A 247 -5.55 -37.19 -29.92
N VAL A 248 -4.37 -37.66 -30.34
CA VAL A 248 -4.19 -38.44 -31.57
C VAL A 248 -3.35 -39.66 -31.25
N LEU A 249 -3.60 -40.77 -31.94
CA LEU A 249 -2.84 -42.00 -31.72
C LEU A 249 -1.35 -41.82 -32.04
N ALA A 250 -0.47 -42.13 -31.09
CA ALA A 250 0.94 -41.76 -31.21
C ALA A 250 1.63 -42.41 -32.40
N GLY A 251 1.26 -43.64 -32.70
CA GLY A 251 1.84 -44.37 -33.81
C GLY A 251 1.53 -43.71 -35.14
N ARG A 252 0.24 -43.50 -35.44
CA ARG A 252 -0.17 -42.82 -36.66
C ARG A 252 0.49 -41.43 -36.76
N LEU A 253 0.68 -40.79 -35.61
CA LEU A 253 1.33 -39.48 -35.56
C LEU A 253 2.79 -39.59 -35.98
N ALA A 254 3.50 -40.54 -35.40
CA ALA A 254 4.93 -40.70 -35.65
C ALA A 254 5.24 -41.07 -37.10
N GLN A 255 4.28 -41.74 -37.74
CA GLN A 255 4.44 -42.15 -39.14
C GLN A 255 4.23 -40.99 -40.11
N SER A 256 3.23 -40.16 -39.85
CA SER A 256 2.98 -39.01 -40.71
C SER A 256 4.14 -38.02 -40.70
N VAL A 257 4.67 -37.74 -39.51
CA VAL A 257 5.81 -36.82 -39.35
C VAL A 257 7.06 -37.35 -40.06
N ALA A 258 7.24 -38.67 -40.01
CA ALA A 258 8.34 -39.30 -40.71
C ALA A 258 8.25 -39.11 -42.22
N GLN A 259 7.03 -39.21 -42.75
CA GLN A 259 6.80 -38.99 -44.18
C GLN A 259 7.12 -37.56 -44.59
N ARG A 260 6.28 -36.63 -44.12
CA ARG A 260 6.39 -35.20 -44.37
C ARG A 260 7.84 -34.68 -44.32
N PHE A 261 8.60 -35.14 -43.35
CA PHE A 261 9.97 -34.69 -43.18
C PHE A 261 10.97 -35.70 -43.76
N GLU A 262 10.45 -36.75 -44.40
CA GLU A 262 11.25 -37.85 -44.97
C GLU A 262 12.31 -38.32 -43.97
N LEU A 263 11.84 -38.92 -42.87
CA LEU A 263 12.71 -39.40 -41.80
C LEU A 263 12.41 -40.86 -41.40
N PRO A 264 13.38 -41.52 -40.73
CA PRO A 264 13.16 -42.81 -40.05
C PRO A 264 11.93 -42.78 -39.14
N ALA A 265 10.96 -43.66 -39.42
CA ALA A 265 9.71 -43.72 -38.66
C ALA A 265 9.86 -44.19 -37.22
N ASP A 266 11.09 -44.22 -36.71
CA ASP A 266 11.36 -44.60 -35.33
C ASP A 266 12.18 -43.53 -34.64
N ARG A 267 13.05 -42.88 -35.40
CA ARG A 267 13.82 -41.75 -34.88
C ARG A 267 12.83 -40.67 -34.44
N VAL A 268 11.70 -40.61 -35.14
CA VAL A 268 10.62 -39.70 -34.82
C VAL A 268 9.91 -40.13 -33.53
N THR A 269 9.67 -41.43 -33.39
CA THR A 269 9.05 -41.96 -32.18
C THR A 269 9.90 -41.68 -30.94
N GLY A 270 11.22 -41.66 -31.10
CA GLY A 270 12.09 -41.28 -30.00
C GLY A 270 11.99 -39.80 -29.68
N LEU A 271 11.54 -39.03 -30.66
CA LEU A 271 11.27 -37.60 -30.46
C LEU A 271 9.98 -37.43 -29.66
N LEU A 272 8.92 -38.13 -30.06
CA LEU A 272 7.68 -38.16 -29.29
C LEU A 272 7.95 -38.56 -27.83
N ALA A 273 8.93 -39.45 -27.64
CA ALA A 273 9.29 -39.98 -26.32
C ALA A 273 10.01 -38.95 -25.46
N ASP A 274 10.98 -38.25 -26.05
CA ASP A 274 11.66 -37.13 -25.38
C ASP A 274 10.66 -36.03 -25.01
N MET A 275 9.70 -35.79 -25.89
CA MET A 275 8.70 -34.75 -25.68
C MET A 275 7.76 -35.13 -24.55
N ALA A 276 7.31 -36.38 -24.55
CA ALA A 276 6.45 -36.87 -23.48
C ALA A 276 7.21 -36.87 -22.14
N ALA A 277 8.53 -36.97 -22.22
CA ALA A 277 9.36 -36.93 -21.03
C ALA A 277 9.55 -35.51 -20.49
N GLN A 278 9.51 -34.51 -21.37
CA GLN A 278 9.68 -33.13 -20.95
C GLN A 278 8.34 -32.53 -20.62
N GLU A 279 7.30 -33.33 -20.81
CA GLU A 279 5.94 -32.89 -20.63
C GLU A 279 5.51 -31.86 -21.66
N LEU A 280 6.14 -31.87 -22.83
CA LEU A 280 5.65 -31.10 -23.97
C LEU A 280 4.47 -31.89 -24.54
N LEU A 281 4.46 -33.19 -24.30
CA LEU A 281 3.32 -34.02 -24.64
C LEU A 281 2.77 -34.70 -23.39
N ILE A 282 1.50 -35.09 -23.46
CA ILE A 282 0.84 -35.79 -22.38
C ILE A 282 0.27 -37.08 -22.95
N THR A 283 0.73 -38.23 -22.43
CA THR A 283 0.26 -39.52 -22.95
C THR A 283 -1.04 -39.88 -22.28
N ALA A 284 -1.85 -40.71 -22.92
CA ALA A 284 -3.12 -41.15 -22.34
C ALA A 284 -2.88 -42.02 -21.10
N LEU A 285 -1.66 -42.54 -20.98
CA LEU A 285 -1.27 -43.33 -19.82
C LEU A 285 -1.53 -42.63 -18.49
N ARG A 286 -1.26 -41.33 -18.42
CA ARG A 286 -1.48 -40.55 -17.22
C ARG A 286 -2.97 -40.42 -16.91
N PRO A 287 -3.32 -40.58 -15.63
CA PRO A 287 -4.70 -40.59 -15.17
C PRO A 287 -5.35 -39.23 -15.40
N PRO A 288 -6.49 -39.19 -16.09
CA PRO A 288 -7.20 -37.94 -16.45
C PRO A 288 -7.73 -37.15 -15.24
N LEU A 289 -7.79 -37.79 -14.08
CA LEU A 289 -8.46 -37.23 -12.91
C LEU A 289 -9.91 -36.85 -13.23
N ASP A 290 -10.66 -37.79 -13.77
CA ASP A 290 -12.06 -37.54 -14.09
C ASP A 290 -13.02 -38.23 -13.13
N GLY A 291 -12.49 -38.91 -12.12
CA GLY A 291 -13.35 -39.58 -11.16
C GLY A 291 -13.17 -41.08 -11.04
N ASP A 292 -12.64 -41.72 -12.09
CA ASP A 292 -12.31 -43.14 -12.06
C ASP A 292 -11.13 -43.43 -11.14
N ASP A 293 -10.93 -44.71 -10.82
CA ASP A 293 -9.73 -45.16 -10.15
C ASP A 293 -8.58 -44.94 -11.13
N PRO A 294 -7.54 -44.23 -10.67
CA PRO A 294 -6.33 -43.97 -11.47
C PRO A 294 -5.64 -45.26 -11.88
N LEU A 295 -5.45 -46.21 -10.97
CA LEU A 295 -4.74 -47.46 -11.30
C LEU A 295 -5.43 -48.21 -12.44
N GLN A 296 -6.75 -48.33 -12.32
CA GLN A 296 -7.55 -48.99 -13.32
C GLN A 296 -7.46 -48.28 -14.66
N HIS A 297 -7.39 -46.95 -14.61
CA HIS A 297 -7.21 -46.17 -15.83
C HIS A 297 -5.95 -46.56 -16.58
N VAL A 298 -4.82 -46.66 -15.89
CA VAL A 298 -3.59 -47.12 -16.55
C VAL A 298 -3.75 -48.51 -17.18
N LEU A 299 -4.27 -49.47 -16.40
CA LEU A 299 -4.56 -50.81 -16.92
C LEU A 299 -5.50 -50.81 -18.13
N ASP A 300 -6.63 -50.10 -18.05
CA ASP A 300 -7.55 -50.05 -19.20
C ASP A 300 -6.87 -49.54 -20.48
N VAL A 301 -5.99 -48.56 -20.30
CA VAL A 301 -5.24 -47.99 -21.41
C VAL A 301 -4.21 -48.96 -22.03
N VAL A 302 -3.37 -49.60 -21.22
CA VAL A 302 -2.42 -50.60 -21.74
C VAL A 302 -3.15 -51.79 -22.36
N ALA A 303 -4.31 -52.11 -21.80
CA ALA A 303 -5.16 -53.15 -22.36
C ALA A 303 -5.71 -52.74 -23.72
N ALA A 304 -5.97 -51.44 -23.91
CA ALA A 304 -6.42 -50.94 -25.20
C ALA A 304 -5.28 -51.07 -26.20
N ALA A 305 -4.05 -50.96 -25.71
CA ALA A 305 -2.89 -51.02 -26.57
C ALA A 305 -2.54 -52.46 -26.92
N GLU A 306 -2.60 -53.35 -25.92
CA GLU A 306 -2.33 -54.76 -26.14
C GLU A 306 -3.24 -55.30 -27.22
N ALA A 307 -4.55 -55.11 -27.00
CA ALA A 307 -5.57 -55.64 -27.90
C ALA A 307 -5.77 -54.78 -29.16
N ARG A 308 -4.71 -54.16 -29.64
CA ARG A 308 -4.79 -53.42 -30.90
C ARG A 308 -3.65 -53.79 -31.87
N ALA A 309 -2.54 -54.26 -31.32
CA ALA A 309 -1.38 -54.63 -32.11
C ALA A 309 -1.64 -56.02 -32.69
N GLY A 310 -1.12 -57.06 -32.07
CA GLY A 310 -1.40 -58.41 -32.55
C GLY A 310 -1.57 -59.45 -31.46
N SER A 311 -0.54 -59.63 -30.64
CA SER A 311 -0.64 -60.50 -29.48
C SER A 311 -0.12 -59.72 -28.30
N PRO A 312 -0.86 -59.71 -27.17
CA PRO A 312 -0.49 -59.01 -25.94
C PRO A 312 0.93 -59.32 -25.41
N ALA A 313 1.88 -59.53 -26.33
CA ALA A 313 3.25 -59.84 -25.98
C ALA A 313 4.21 -58.87 -26.66
N GLU A 314 3.99 -58.60 -27.95
CA GLU A 314 4.84 -57.65 -28.67
C GLU A 314 4.34 -56.22 -28.48
N ALA A 315 3.04 -56.07 -28.21
CA ALA A 315 2.47 -54.78 -27.87
C ALA A 315 3.03 -54.41 -26.50
N MET A 316 4.07 -53.58 -26.51
CA MET A 316 4.93 -53.19 -25.37
C MET A 316 6.05 -54.23 -25.19
N SER A 317 7.16 -53.79 -24.61
CA SER A 317 8.37 -54.59 -24.51
C SER A 317 8.25 -55.70 -23.47
N SER A 318 9.39 -56.22 -23.06
CA SER A 318 9.44 -57.30 -22.07
C SER A 318 9.10 -56.80 -20.67
N GLU A 319 10.07 -56.18 -19.99
CA GLU A 319 9.89 -55.80 -18.59
C GLU A 319 8.80 -54.74 -18.38
N SER A 320 8.28 -54.18 -19.46
CA SER A 320 7.13 -53.29 -19.35
C SER A 320 5.91 -54.11 -18.93
N ALA A 321 5.71 -55.26 -19.56
CA ALA A 321 4.62 -56.17 -19.17
C ALA A 321 4.91 -56.80 -17.81
N ALA A 322 6.17 -56.74 -17.38
CA ALA A 322 6.54 -57.16 -16.03
C ALA A 322 5.97 -56.13 -15.06
N LEU A 323 6.24 -54.85 -15.34
CA LEU A 323 5.72 -53.73 -14.57
C LEU A 323 4.21 -53.73 -14.60
N VAL A 324 3.64 -54.07 -15.76
CA VAL A 324 2.19 -54.11 -15.90
C VAL A 324 1.59 -55.14 -14.96
N ALA A 325 2.17 -56.34 -14.95
CA ALA A 325 1.66 -57.39 -14.08
C ALA A 325 1.80 -56.98 -12.61
N ALA A 326 2.96 -56.45 -12.24
CA ALA A 326 3.19 -55.92 -10.88
C ALA A 326 2.17 -54.84 -10.44
N LEU A 327 1.55 -54.17 -11.39
CA LEU A 327 0.55 -53.16 -11.07
C LEU A 327 -0.83 -53.80 -10.94
N ARG A 328 -1.14 -54.76 -11.79
CA ARG A 328 -2.40 -55.51 -11.70
C ARG A 328 -2.49 -56.29 -10.39
N GLU A 329 -1.34 -56.60 -9.81
CA GLU A 329 -1.29 -57.34 -8.56
C GLU A 329 -1.76 -56.41 -7.46
N VAL A 330 -1.28 -55.17 -7.53
CA VAL A 330 -1.62 -54.17 -6.53
C VAL A 330 -3.09 -53.86 -6.63
N ASP A 331 -3.60 -53.82 -7.86
CA ASP A 331 -5.02 -53.65 -8.07
C ASP A 331 -5.77 -54.77 -7.34
N ALA A 332 -5.35 -56.00 -7.61
CA ALA A 332 -6.00 -57.18 -7.05
C ALA A 332 -5.98 -57.17 -5.51
N ARG A 333 -4.85 -56.82 -4.93
CA ARG A 333 -4.77 -56.74 -3.48
C ARG A 333 -5.54 -55.56 -2.88
N CYS A 334 -5.91 -54.60 -3.73
CA CYS A 334 -6.68 -53.45 -3.26
C CYS A 334 -8.13 -53.83 -3.02
N HIS A 335 -8.70 -54.59 -3.95
CA HIS A 335 -10.06 -55.04 -3.80
C HIS A 335 -10.14 -56.04 -2.66
N ALA A 336 -9.09 -56.87 -2.57
CA ALA A 336 -8.98 -57.87 -1.52
C ALA A 336 -9.09 -57.21 -0.17
N TYR A 337 -8.27 -56.19 0.03
CA TYR A 337 -8.26 -55.46 1.30
C TYR A 337 -9.56 -54.66 1.51
N ASP A 338 -10.23 -54.33 0.42
CA ASP A 338 -11.49 -53.60 0.53
C ASP A 338 -12.64 -54.55 0.88
N ARG A 339 -12.36 -55.85 0.84
CA ARG A 339 -13.35 -56.86 1.23
C ARG A 339 -13.31 -57.01 2.73
N THR A 340 -12.14 -56.73 3.29
CA THR A 340 -11.86 -56.88 4.70
C THR A 340 -12.61 -55.85 5.57
N ALA A 341 -12.76 -56.16 6.86
CA ALA A 341 -13.40 -55.27 7.82
C ALA A 341 -12.37 -54.46 8.62
N VAL A 342 -12.86 -53.57 9.47
CA VAL A 342 -12.02 -52.59 10.15
C VAL A 342 -11.26 -53.23 11.31
N GLY A 343 -9.93 -53.18 11.29
CA GLY A 343 -9.12 -53.82 12.32
C GLY A 343 -8.74 -55.24 11.91
N GLN A 344 -9.43 -55.76 10.90
CA GLN A 344 -9.32 -57.16 10.48
C GLN A 344 -8.41 -57.43 9.28
N GLY A 345 -8.11 -56.41 8.49
CA GLY A 345 -7.28 -56.62 7.32
C GLY A 345 -5.81 -56.25 7.48
N ARG A 346 -5.29 -56.31 8.70
CA ARG A 346 -3.89 -55.96 8.91
C ARG A 346 -2.94 -56.85 8.12
N ARG A 347 -3.39 -58.04 7.73
CA ARG A 347 -2.48 -58.91 7.01
C ARG A 347 -2.55 -58.58 5.53
N GLU A 348 -3.77 -58.36 5.02
CA GLU A 348 -3.95 -57.91 3.63
C GLU A 348 -3.26 -56.57 3.32
N LEU A 349 -3.23 -55.67 4.30
CA LEU A 349 -2.63 -54.35 4.16
C LEU A 349 -1.11 -54.41 4.00
N ALA A 350 -0.46 -55.17 4.88
CA ALA A 350 0.98 -55.41 4.75
C ALA A 350 1.29 -56.13 3.43
N GLU A 351 0.33 -56.94 2.99
CA GLU A 351 0.40 -57.65 1.71
C GLU A 351 0.26 -56.69 0.52
N LEU A 352 -0.57 -55.66 0.67
CA LEU A 352 -0.71 -54.66 -0.37
C LEU A 352 0.57 -53.82 -0.42
N ILE A 353 1.11 -53.48 0.74
CA ILE A 353 2.28 -52.61 0.83
C ILE A 353 3.50 -53.13 0.08
N GLN A 354 3.99 -54.32 0.43
CA GLN A 354 5.23 -54.80 -0.19
C GLN A 354 5.00 -55.06 -1.69
N SER A 355 3.76 -55.36 -2.06
CA SER A 355 3.40 -55.54 -3.47
C SER A 355 3.69 -54.26 -4.27
N THR A 356 3.17 -53.15 -3.77
CA THR A 356 3.49 -51.83 -4.31
C THR A 356 4.98 -51.53 -4.22
N ARG A 357 5.64 -52.05 -3.20
CA ARG A 357 7.08 -51.84 -3.02
C ARG A 357 7.89 -52.56 -4.08
N ARG A 358 7.32 -53.62 -4.64
CA ARG A 358 7.97 -54.35 -5.72
C ARG A 358 8.04 -53.46 -6.96
N VAL A 359 6.90 -52.87 -7.28
CA VAL A 359 6.80 -51.89 -8.35
C VAL A 359 7.76 -50.75 -8.11
N HIS A 360 7.74 -50.22 -6.89
CA HIS A 360 8.63 -49.13 -6.47
C HIS A 360 8.39 -48.81 -5.00
N PRO A 361 9.47 -48.79 -4.21
CA PRO A 361 9.34 -48.54 -2.77
C PRO A 361 8.99 -47.09 -2.50
N HIS A 362 7.78 -46.83 -1.99
CA HIS A 362 7.38 -45.46 -1.64
C HIS A 362 6.86 -45.34 -0.21
N ASP A 363 7.15 -44.23 0.44
CA ASP A 363 6.73 -44.00 1.83
C ASP A 363 5.22 -44.09 2.03
N THR A 364 4.45 -43.56 1.08
CA THR A 364 3.00 -43.54 1.19
C THR A 364 2.35 -43.80 -0.16
N PRO A 365 2.30 -45.08 -0.58
CA PRO A 365 1.81 -45.47 -1.91
C PRO A 365 0.32 -45.74 -1.91
N LEU A 366 -0.36 -45.55 -0.78
CA LEU A 366 -1.80 -45.79 -0.73
C LEU A 366 -2.59 -44.59 -0.27
N HIS A 367 -3.80 -44.48 -0.80
CA HIS A 367 -4.77 -43.51 -0.32
C HIS A 367 -6.05 -44.26 0.04
N VAL A 368 -6.50 -44.07 1.28
CA VAL A 368 -7.65 -44.84 1.77
C VAL A 368 -8.79 -43.92 2.14
N ASP A 369 -9.97 -44.21 1.59
CA ASP A 369 -11.17 -43.54 2.03
C ASP A 369 -12.04 -44.56 2.76
N LEU A 370 -12.72 -44.11 3.81
CA LEU A 370 -13.50 -45.00 4.63
C LEU A 370 -14.98 -44.70 4.49
N ARG A 371 -15.77 -45.71 4.13
CA ARG A 371 -17.21 -45.52 4.15
C ARG A 371 -17.76 -45.92 5.51
N ILE A 372 -18.36 -44.95 6.20
CA ILE A 372 -18.94 -45.17 7.52
C ILE A 372 -20.33 -45.81 7.46
N ASP A 373 -20.54 -46.88 8.23
CA ASP A 373 -21.87 -47.48 8.38
C ASP A 373 -22.67 -46.65 9.36
N LEU A 374 -23.54 -45.81 8.82
CA LEU A 374 -24.28 -44.83 9.59
C LEU A 374 -25.35 -44.27 8.70
N GLU A 375 -26.57 -44.31 9.20
CA GLU A 375 -27.67 -43.69 8.49
C GLU A 375 -28.08 -42.45 9.25
N VAL A 376 -28.14 -41.34 8.54
CA VAL A 376 -28.55 -40.10 9.16
C VAL A 376 -29.68 -39.45 8.40
N ARG A 377 -30.73 -39.10 9.12
CA ARG A 377 -31.81 -38.35 8.52
C ARG A 377 -32.15 -37.17 9.41
N LEU A 378 -32.44 -36.04 8.79
CA LEU A 378 -32.76 -34.87 9.57
C LEU A 378 -34.06 -34.30 9.03
N PRO A 379 -34.90 -33.79 9.94
CA PRO A 379 -36.21 -33.26 9.58
C PRO A 379 -36.07 -31.97 8.81
N GLU A 380 -37.16 -31.52 8.21
CA GLU A 380 -37.16 -30.29 7.45
C GLU A 380 -36.89 -29.03 8.27
N VAL A 381 -37.11 -29.06 9.58
CA VAL A 381 -36.95 -27.84 10.37
C VAL A 381 -35.47 -27.44 10.36
N VAL A 382 -34.60 -28.45 10.32
CA VAL A 382 -33.17 -28.21 10.29
C VAL A 382 -32.72 -27.66 8.94
N ARG A 383 -33.17 -28.29 7.85
CA ARG A 383 -32.90 -27.78 6.51
C ARG A 383 -33.27 -26.30 6.38
N THR A 384 -34.32 -25.87 7.05
CA THR A 384 -34.73 -24.47 7.02
C THR A 384 -33.80 -23.57 7.86
N GLU A 385 -33.25 -24.12 8.93
CA GLU A 385 -32.34 -23.36 9.79
C GLU A 385 -31.10 -23.04 8.95
N ILE A 386 -30.51 -24.09 8.40
CA ILE A 386 -29.34 -23.95 7.58
C ILE A 386 -29.57 -23.02 6.41
N GLU A 387 -30.72 -23.10 5.75
CA GLU A 387 -30.97 -22.17 4.66
C GLU A 387 -31.05 -20.72 5.13
N ARG A 388 -31.56 -20.49 6.33
CA ARG A 388 -31.70 -19.13 6.84
C ARG A 388 -30.33 -18.59 7.28
N ALA A 389 -29.47 -19.51 7.69
CA ALA A 389 -28.13 -19.18 8.15
C ALA A 389 -27.27 -18.73 6.97
N ALA A 390 -27.19 -19.59 5.97
CA ALA A 390 -26.58 -19.27 4.69
C ALA A 390 -27.00 -17.88 4.24
N GLU A 391 -28.29 -17.56 4.31
CA GLU A 391 -28.73 -16.22 3.94
C GLU A 391 -28.04 -15.12 4.78
N ALA A 392 -27.93 -15.38 6.08
CA ALA A 392 -27.38 -14.40 6.99
C ALA A 392 -25.93 -14.08 6.63
N LEU A 393 -25.14 -15.14 6.46
CA LEU A 393 -23.76 -15.03 6.01
C LEU A 393 -23.66 -14.31 4.68
N TRP A 394 -24.62 -14.53 3.81
CA TRP A 394 -24.55 -13.85 2.53
C TRP A 394 -24.82 -12.36 2.71
N ARG A 395 -25.81 -12.01 3.52
CA ARG A 395 -26.16 -10.61 3.64
C ARG A 395 -25.02 -9.82 4.29
N LEU A 396 -24.23 -10.54 5.09
CA LEU A 396 -23.13 -10.00 5.90
C LEU A 396 -21.78 -10.01 5.17
N SER A 397 -21.80 -10.49 3.94
CA SER A 397 -20.60 -10.63 3.13
C SER A 397 -20.10 -9.28 2.60
N PRO A 398 -18.83 -9.22 2.16
CA PRO A 398 -18.28 -7.99 1.54
C PRO A 398 -19.04 -7.51 0.28
N PRO A 399 -19.16 -6.19 0.09
CA PRO A 399 -19.90 -5.60 -1.03
C PRO A 399 -19.06 -5.65 -2.32
N ARG A 400 -18.90 -6.85 -2.81
CA ARG A 400 -17.94 -7.16 -3.86
C ARG A 400 -18.57 -8.21 -4.80
N ARG A 401 -18.23 -8.22 -6.09
CA ARG A 401 -18.58 -9.36 -6.95
C ARG A 401 -17.31 -10.12 -7.37
N GLY A 402 -17.34 -11.44 -7.26
CA GLY A 402 -16.16 -12.22 -7.62
C GLY A 402 -15.12 -12.27 -6.53
N MET A 403 -14.11 -13.10 -6.71
CA MET A 403 -12.95 -13.13 -5.82
C MET A 403 -12.21 -11.78 -5.74
N ARG A 404 -11.66 -11.49 -4.57
CA ARG A 404 -10.87 -10.29 -4.36
C ARG A 404 -9.59 -10.35 -5.21
N ALA A 405 -9.06 -11.54 -5.42
CA ALA A 405 -7.87 -11.72 -6.27
C ALA A 405 -7.93 -11.23 -7.74
N LEU A 406 -9.10 -10.85 -8.24
CA LEU A 406 -9.19 -10.45 -9.63
C LEU A 406 -9.75 -9.08 -9.72
N ARG A 407 -9.82 -8.37 -8.61
CA ARG A 407 -10.40 -7.01 -8.68
C ARG A 407 -9.45 -6.00 -9.33
N ARG A 408 -8.19 -6.00 -8.92
CA ARG A 408 -7.20 -5.13 -9.56
C ARG A 408 -6.91 -5.59 -11.00
N TYR A 409 -6.92 -6.90 -11.24
CA TYR A 409 -6.72 -7.45 -12.58
C TYR A 409 -7.80 -6.96 -13.56
N HIS A 410 -9.03 -7.00 -13.12
CA HIS A 410 -10.15 -6.50 -13.89
C HIS A 410 -9.96 -5.02 -14.26
N GLU A 411 -9.49 -4.22 -13.30
CA GLU A 411 -9.23 -2.80 -13.57
C GLU A 411 -8.12 -2.67 -14.59
N ALA A 412 -7.07 -3.46 -14.40
CA ALA A 412 -5.93 -3.44 -15.29
C ALA A 412 -6.40 -3.75 -16.71
N PHE A 413 -7.23 -4.81 -16.81
CA PHE A 413 -7.78 -5.29 -18.06
C PHE A 413 -8.55 -4.16 -18.77
N LEU A 414 -9.49 -3.56 -18.04
CA LEU A 414 -10.23 -2.40 -18.56
C LEU A 414 -9.31 -1.32 -19.09
N GLU A 415 -8.22 -1.05 -18.38
CA GLU A 415 -7.29 0.00 -18.73
C GLU A 415 -6.56 -0.31 -20.05
N ARG A 416 -6.14 -1.56 -20.21
CA ARG A 416 -5.36 -1.93 -21.41
C ARG A 416 -6.20 -2.29 -22.63
N TYR A 417 -7.36 -2.90 -22.42
CA TYR A 417 -8.07 -3.47 -23.55
C TYR A 417 -9.41 -2.86 -23.79
N GLY A 418 -9.95 -2.20 -22.76
CA GLY A 418 -11.30 -1.69 -22.83
C GLY A 418 -12.35 -2.78 -22.71
N ALA A 419 -13.58 -2.42 -23.00
CA ALA A 419 -14.73 -3.28 -22.77
C ALA A 419 -15.30 -3.88 -24.07
N ASP A 420 -14.58 -3.79 -25.17
CA ASP A 420 -15.07 -4.40 -26.42
C ASP A 420 -14.06 -5.31 -27.06
N ARG A 421 -13.29 -6.02 -26.25
CA ARG A 421 -12.22 -6.82 -26.79
C ARG A 421 -12.06 -8.07 -25.95
N ALA A 422 -11.86 -9.20 -26.62
CA ALA A 422 -11.57 -10.43 -25.90
C ALA A 422 -10.13 -10.79 -26.18
N VAL A 423 -9.46 -11.34 -25.18
CA VAL A 423 -8.07 -11.68 -25.37
C VAL A 423 -7.96 -13.17 -25.13
N PRO A 424 -7.35 -13.91 -26.06
CA PRO A 424 -7.30 -15.35 -25.80
C PRO A 424 -6.74 -15.61 -24.42
N LEU A 425 -7.46 -16.30 -23.55
CA LEU A 425 -6.89 -16.69 -22.25
C LEU A 425 -5.63 -17.44 -22.61
N LEU A 426 -4.51 -17.08 -22.00
CA LEU A 426 -3.17 -17.64 -22.31
C LEU A 426 -2.29 -16.55 -22.85
N GLU A 427 -2.80 -15.78 -23.80
CA GLU A 427 -2.12 -14.56 -24.17
C GLU A 427 -2.27 -13.55 -23.04
N LEU A 428 -3.47 -13.44 -22.50
CA LEU A 428 -3.71 -12.60 -21.34
C LEU A 428 -2.78 -13.00 -20.20
N LEU A 429 -2.58 -14.29 -19.99
CA LEU A 429 -1.78 -14.76 -18.86
C LEU A 429 -0.28 -14.64 -19.08
N ASP A 430 0.11 -14.35 -20.32
CA ASP A 430 1.51 -14.21 -20.69
C ASP A 430 2.14 -12.88 -20.23
N ASP A 431 3.28 -12.98 -19.56
CA ASP A 431 4.03 -11.81 -19.07
C ASP A 431 4.39 -10.84 -20.17
N THR A 432 4.75 -11.36 -21.33
CA THR A 432 5.23 -10.55 -22.43
C THR A 432 4.12 -9.98 -23.30
N ARG A 433 3.16 -10.82 -23.66
CA ARG A 433 2.12 -10.39 -24.60
C ARG A 433 0.89 -9.83 -23.92
N GLY A 434 0.70 -10.18 -22.65
CA GLY A 434 -0.48 -9.77 -21.92
C GLY A 434 -0.25 -8.99 -20.64
N LEU A 435 -1.18 -9.19 -19.70
CA LEU A 435 -1.14 -8.60 -18.38
C LEU A 435 -0.24 -9.44 -17.51
N GLY A 436 -0.10 -10.72 -17.86
CA GLY A 436 0.56 -11.68 -16.99
C GLY A 436 -0.45 -12.18 -15.98
N PRO A 437 -0.02 -13.09 -15.10
CA PRO A 437 -0.91 -13.60 -14.05
C PRO A 437 -1.19 -12.53 -13.01
N PRO A 438 -2.34 -12.61 -12.35
CA PRO A 438 -2.70 -11.59 -11.35
C PRO A 438 -1.82 -11.74 -10.12
N ALA A 439 -1.70 -10.66 -9.35
CA ALA A 439 -0.88 -10.67 -8.16
C ALA A 439 -1.18 -11.91 -7.32
N GLY A 440 -0.15 -12.62 -6.95
CA GLY A 440 -0.29 -13.69 -6.01
C GLY A 440 -0.32 -15.07 -6.63
N TYR A 441 -0.52 -15.14 -7.94
CA TYR A 441 -0.57 -16.46 -8.56
C TYR A 441 0.79 -17.15 -8.44
N LYS A 442 0.78 -18.41 -8.03
CA LYS A 442 2.00 -19.09 -7.65
C LYS A 442 2.67 -19.86 -8.81
N TRP A 443 1.94 -20.14 -9.89
CA TRP A 443 2.42 -21.14 -10.86
C TRP A 443 2.25 -20.79 -12.34
N PRO A 444 3.21 -20.06 -12.92
CA PRO A 444 4.44 -19.48 -12.34
C PRO A 444 4.17 -18.25 -11.52
N PRO A 445 5.09 -17.92 -10.62
CA PRO A 445 4.82 -16.76 -9.78
C PRO A 445 4.70 -15.46 -10.58
N SER A 446 3.65 -14.73 -10.26
CA SER A 446 3.34 -13.46 -10.86
C SER A 446 4.36 -12.42 -10.42
N GLU A 447 4.69 -11.51 -11.32
CA GLU A 447 5.59 -10.43 -10.95
C GLU A 447 4.82 -9.14 -10.57
N THR A 448 3.51 -9.17 -10.71
CA THR A 448 2.68 -7.99 -10.42
C THR A 448 2.54 -7.79 -8.91
N PRO A 449 2.80 -6.57 -8.45
CA PRO A 449 2.68 -6.33 -7.01
C PRO A 449 1.24 -6.44 -6.50
N ALA A 450 1.05 -6.99 -5.30
CA ALA A 450 -0.26 -6.99 -4.68
C ALA A 450 -0.58 -5.56 -4.32
N GLY A 451 -1.85 -5.22 -4.32
CA GLY A 451 -2.28 -3.90 -3.90
C GLY A 451 -2.18 -3.66 -2.39
N PRO A 452 -2.81 -2.59 -1.91
CA PRO A 452 -2.89 -2.41 -0.45
C PRO A 452 -3.49 -3.64 0.24
N GLN A 453 -2.86 -4.08 1.32
CA GLN A 453 -3.35 -5.21 2.11
C GLN A 453 -4.72 -4.84 2.70
N GLU A 454 -5.53 -5.83 3.05
CA GLU A 454 -6.84 -5.52 3.63
C GLU A 454 -6.70 -5.44 5.18
N GLU A 455 -7.15 -4.32 5.74
CA GLU A 455 -7.18 -4.16 7.21
C GLU A 455 -8.20 -5.10 7.85
N PRO A 456 -7.83 -5.76 8.95
CA PRO A 456 -8.83 -6.49 9.72
C PRO A 456 -9.95 -5.52 10.06
N ARG A 457 -11.19 -5.98 9.98
CA ARG A 457 -12.34 -5.09 10.08
C ARG A 457 -12.42 -4.40 11.44
N ARG A 458 -13.02 -3.23 11.47
CA ARG A 458 -13.27 -2.54 12.73
C ARG A 458 -14.70 -2.07 12.78
N SER A 459 -15.39 -2.41 13.85
CA SER A 459 -16.81 -2.12 13.96
C SER A 459 -17.21 -1.71 15.36
N ALA A 460 -17.79 -0.53 15.48
CA ALA A 460 -18.34 -0.11 16.77
C ALA A 460 -19.41 -1.12 17.16
N ALA A 461 -20.19 -1.54 16.16
CA ALA A 461 -21.25 -2.52 16.35
C ALA A 461 -20.77 -3.86 16.94
N LEU A 462 -19.80 -4.48 16.29
CA LEU A 462 -19.20 -5.70 16.80
C LEU A 462 -18.63 -5.51 18.21
N ALA A 463 -17.94 -4.39 18.45
CA ALA A 463 -17.30 -4.19 19.74
C ALA A 463 -18.30 -4.18 20.89
N ARG A 464 -19.44 -3.51 20.70
CA ARG A 464 -20.50 -3.49 21.70
C ARG A 464 -20.96 -4.90 22.07
N LEU A 465 -21.13 -5.72 21.05
CA LEU A 465 -21.63 -7.06 21.26
C LEU A 465 -20.70 -7.77 22.22
N VAL A 466 -19.41 -7.56 22.03
CA VAL A 466 -18.39 -8.21 22.85
C VAL A 466 -18.36 -7.65 24.27
N ALA A 467 -18.48 -6.32 24.36
CA ALA A 467 -18.38 -5.63 25.64
C ALA A 467 -19.53 -6.04 26.56
N LYS A 468 -20.76 -5.91 26.08
CA LYS A 468 -21.93 -6.39 26.81
C LYS A 468 -21.79 -7.86 27.26
N ALA A 469 -21.48 -8.74 26.32
CA ALA A 469 -21.30 -10.15 26.65
C ALA A 469 -20.27 -10.34 27.75
N ALA A 470 -19.34 -9.40 27.90
CA ALA A 470 -18.30 -9.51 28.93
C ALA A 470 -18.80 -9.06 30.32
N ARG A 471 -19.53 -7.95 30.36
CA ARG A 471 -20.12 -7.42 31.58
C ARG A 471 -21.01 -8.48 32.22
N ARG A 472 -21.85 -9.10 31.39
CA ARG A 472 -22.83 -10.05 31.86
C ARG A 472 -22.27 -11.48 31.83
N GLY A 473 -20.98 -11.62 31.54
CA GLY A 473 -20.27 -12.90 31.64
C GLY A 473 -20.75 -14.06 30.76
N GLU A 474 -21.53 -13.74 29.72
CA GLU A 474 -22.10 -14.72 28.79
C GLU A 474 -21.11 -15.20 27.70
N ARG A 475 -21.14 -16.50 27.39
CA ARG A 475 -20.24 -17.06 26.39
C ARG A 475 -20.83 -17.00 25.00
N GLU A 476 -22.09 -16.59 24.87
CA GLU A 476 -22.73 -16.49 23.58
C GLU A 476 -23.54 -15.23 23.60
N ILE A 477 -23.62 -14.56 22.46
CA ILE A 477 -24.41 -13.37 22.32
C ILE A 477 -25.42 -13.73 21.22
N VAL A 478 -26.61 -13.14 21.26
CA VAL A 478 -27.66 -13.51 20.31
C VAL A 478 -28.01 -12.35 19.39
N ILE A 479 -27.91 -12.58 18.08
CA ILE A 479 -28.18 -11.53 17.11
C ILE A 479 -29.49 -11.76 16.39
N ASP A 480 -30.19 -10.66 16.12
CA ASP A 480 -31.43 -10.71 15.39
C ASP A 480 -31.35 -9.76 14.19
N GLU A 481 -32.46 -9.58 13.50
CA GLU A 481 -32.50 -8.73 12.33
C GLU A 481 -31.95 -7.31 12.55
N GLU A 482 -32.13 -6.76 13.76
CA GLU A 482 -31.60 -5.43 14.06
C GLU A 482 -30.09 -5.45 14.15
N THR A 483 -29.53 -6.58 14.56
CA THR A 483 -28.08 -6.69 14.63
C THR A 483 -27.53 -6.78 13.21
N ILE A 484 -28.20 -7.54 12.34
CA ILE A 484 -27.74 -7.77 10.98
C ILE A 484 -27.81 -6.50 10.16
N ALA A 485 -28.88 -5.74 10.33
CA ALA A 485 -29.04 -4.44 9.68
C ALA A 485 -27.91 -3.45 10.02
N GLU A 486 -27.18 -3.71 11.10
CA GLU A 486 -26.13 -2.80 11.54
C GLU A 486 -24.78 -3.20 11.00
N LEU A 487 -24.60 -4.48 10.71
CA LEU A 487 -23.30 -4.96 10.28
C LEU A 487 -23.16 -4.96 8.78
N ALA A 488 -24.28 -4.88 8.08
CA ALA A 488 -24.27 -5.04 6.62
C ALA A 488 -23.55 -3.87 5.98
N TYR A 489 -22.58 -4.15 5.12
CA TYR A 489 -21.88 -3.09 4.41
C TYR A 489 -22.84 -2.42 3.45
N ASP A 490 -23.87 -3.14 3.06
CA ASP A 490 -24.92 -2.58 2.24
C ASP A 490 -26.07 -3.56 2.12
N GLU A 491 -27.10 -3.16 1.36
CA GLU A 491 -28.22 -4.03 1.07
C GLU A 491 -27.86 -4.95 -0.10
N ALA A 492 -27.63 -6.22 0.21
CA ALA A 492 -27.21 -7.20 -0.80
C ALA A 492 -28.30 -7.47 -1.85
N ALA A 493 -28.01 -7.19 -3.11
CA ALA A 493 -28.97 -7.33 -4.20
C ALA A 493 -29.18 -8.78 -4.63
N PRO A 494 -30.45 -9.16 -4.86
CA PRO A 494 -30.75 -10.54 -5.27
C PRO A 494 -30.10 -10.96 -6.61
N ALA A 495 -29.80 -10.01 -7.49
CA ALA A 495 -29.11 -10.32 -8.75
C ALA A 495 -27.70 -10.84 -8.53
N ASP A 496 -27.16 -10.61 -7.34
CA ASP A 496 -25.78 -10.98 -7.02
C ASP A 496 -25.68 -12.33 -6.34
N LEU A 497 -26.81 -13.00 -6.19
CA LEU A 497 -26.80 -14.26 -5.50
C LEU A 497 -25.95 -15.26 -6.27
N PRO A 498 -25.11 -16.00 -5.57
CA PRO A 498 -24.24 -16.97 -6.24
C PRO A 498 -25.04 -18.16 -6.72
N ASN A 499 -24.49 -18.93 -7.67
CA ASN A 499 -25.11 -20.16 -8.13
C ASN A 499 -25.23 -21.21 -7.03
N SER A 500 -24.16 -21.47 -6.28
CA SER A 500 -24.21 -22.49 -5.25
C SER A 500 -23.17 -22.33 -4.13
N LEU A 501 -23.27 -23.17 -3.10
CA LEU A 501 -22.32 -23.13 -1.98
C LEU A 501 -22.43 -24.40 -1.14
N GLU A 502 -21.51 -24.58 -0.18
CA GLU A 502 -21.51 -25.72 0.72
C GLU A 502 -21.12 -25.26 2.11
N LEU A 503 -21.97 -25.52 3.10
CA LEU A 503 -21.64 -25.24 4.48
C LEU A 503 -21.45 -26.59 5.14
N GLY A 504 -20.45 -26.71 5.98
CA GLY A 504 -20.29 -27.93 6.75
C GLY A 504 -20.74 -27.55 8.13
N VAL A 505 -21.59 -28.36 8.76
CA VAL A 505 -22.08 -28.01 10.10
C VAL A 505 -22.16 -29.17 11.06
N HIS A 506 -22.21 -28.83 12.35
CA HIS A 506 -22.59 -29.76 13.39
C HIS A 506 -24.06 -29.47 13.69
N VAL A 507 -24.85 -30.54 13.79
CA VAL A 507 -26.21 -30.41 14.31
C VAL A 507 -26.25 -31.11 15.65
N VAL A 508 -26.68 -30.40 16.69
CA VAL A 508 -26.73 -30.99 18.03
C VAL A 508 -28.06 -30.79 18.77
N ALA A 509 -28.38 -31.75 19.62
CA ALA A 509 -29.67 -31.78 20.34
C ALA A 509 -29.51 -32.73 21.51
N PRO A 510 -30.40 -32.65 22.50
CA PRO A 510 -30.39 -33.60 23.63
C PRO A 510 -30.77 -35.05 23.23
N SER A 511 -31.67 -35.16 22.27
CA SER A 511 -32.16 -36.46 21.82
C SER A 511 -32.71 -36.32 20.41
N LEU A 512 -32.72 -37.40 19.63
CA LEU A 512 -33.28 -37.36 18.26
C LEU A 512 -34.66 -36.73 18.24
N ASP A 513 -35.43 -36.97 19.29
CA ASP A 513 -36.83 -36.59 19.33
C ASP A 513 -37.00 -35.12 19.69
N GLU A 514 -36.22 -34.63 20.65
CA GLU A 514 -36.30 -33.21 20.95
C GLU A 514 -35.81 -32.38 19.74
N LEU A 515 -34.94 -33.00 18.93
CA LEU A 515 -34.47 -32.41 17.69
C LEU A 515 -35.66 -32.21 16.78
N SER A 516 -36.40 -33.31 16.59
CA SER A 516 -37.54 -33.34 15.68
C SER A 516 -38.48 -32.20 16.02
N ALA A 517 -38.53 -31.87 17.32
CA ALA A 517 -39.40 -30.84 17.86
C ALA A 517 -38.80 -29.43 17.85
N GLY A 518 -37.52 -29.33 17.48
CA GLY A 518 -36.92 -28.02 17.28
C GLY A 518 -35.98 -27.55 18.37
N THR A 519 -35.70 -28.44 19.32
CA THR A 519 -34.70 -28.15 20.34
C THR A 519 -33.36 -28.72 19.87
N PHE A 520 -32.65 -27.87 19.14
CA PHE A 520 -31.36 -28.22 18.56
C PHE A 520 -30.57 -26.96 18.26
N ARG A 521 -29.28 -27.16 17.99
CA ARG A 521 -28.43 -26.08 17.55
C ARG A 521 -27.76 -26.51 16.26
N VAL A 522 -27.65 -25.60 15.29
CA VAL A 522 -26.75 -25.83 14.15
C VAL A 522 -25.45 -25.02 14.33
N VAL A 523 -24.31 -25.69 14.34
CA VAL A 523 -23.05 -25.00 14.56
C VAL A 523 -22.20 -25.03 13.28
N LEU A 524 -21.94 -23.87 12.68
CA LEU A 524 -21.12 -23.82 11.47
C LEU A 524 -19.73 -24.32 11.80
N ALA A 525 -19.28 -25.33 11.07
CA ALA A 525 -18.06 -26.05 11.44
C ALA A 525 -16.83 -25.23 11.08
N PRO A 526 -15.72 -25.49 11.78
CA PRO A 526 -14.45 -24.85 11.35
C PRO A 526 -13.96 -25.45 10.04
N GLY A 527 -13.15 -24.71 9.31
CA GLY A 527 -12.66 -25.14 8.02
C GLY A 527 -13.28 -24.28 6.94
N PRO A 528 -12.73 -24.32 5.71
CA PRO A 528 -13.32 -23.57 4.59
C PRO A 528 -14.57 -24.22 4.01
N GLY A 529 -15.50 -23.38 3.54
CA GLY A 529 -16.64 -23.84 2.78
C GLY A 529 -16.26 -23.87 1.32
N SER A 530 -17.26 -24.03 0.45
CA SER A 530 -17.01 -24.11 -0.96
C SER A 530 -17.95 -23.16 -1.73
N HIS A 531 -17.67 -22.93 -3.01
CA HIS A 531 -18.57 -22.11 -3.78
C HIS A 531 -19.27 -22.91 -4.87
N HIS A 532 -19.21 -24.24 -4.74
CA HIS A 532 -19.84 -25.15 -5.71
C HIS A 532 -20.62 -26.29 -5.07
N ALA A 533 -21.92 -26.35 -5.31
CA ALA A 533 -22.71 -27.50 -4.83
C ALA A 533 -22.18 -28.82 -5.39
N GLY A 534 -21.64 -29.68 -4.54
CA GLY A 534 -21.08 -30.93 -5.03
C GLY A 534 -19.55 -31.07 -4.91
N ALA A 535 -18.86 -29.96 -4.67
CA ALA A 535 -17.41 -29.97 -4.64
C ALA A 535 -16.88 -30.85 -3.52
N THR A 536 -17.46 -30.73 -2.33
CA THR A 536 -16.97 -31.51 -1.19
C THR A 536 -17.30 -33.00 -1.37
N LEU A 537 -18.43 -33.30 -2.00
CA LEU A 537 -18.87 -34.68 -2.15
C LEU A 537 -18.02 -35.39 -3.22
N GLY A 538 -17.42 -34.58 -4.08
CA GLY A 538 -16.77 -35.04 -5.28
C GLY A 538 -15.86 -36.25 -5.21
N ARG A 539 -14.84 -36.19 -4.35
CA ARG A 539 -13.84 -37.25 -4.31
C ARG A 539 -14.30 -38.51 -3.56
N PHE A 540 -15.53 -38.48 -3.07
CA PHE A 540 -16.12 -39.61 -2.36
C PHE A 540 -17.10 -40.34 -3.27
N THR A 541 -17.02 -40.02 -4.56
CA THR A 541 -17.86 -40.62 -5.59
C THR A 541 -17.63 -42.13 -5.66
N GLY A 542 -18.72 -42.89 -5.79
CA GLY A 542 -18.67 -44.34 -5.76
C GLY A 542 -19.05 -44.90 -4.38
N LEU A 543 -18.55 -44.26 -3.34
CA LEU A 543 -18.81 -44.68 -1.96
C LEU A 543 -20.26 -44.51 -1.54
N LEU A 544 -20.92 -43.46 -2.00
CA LEU A 544 -22.30 -43.22 -1.58
C LEU A 544 -23.26 -43.17 -2.75
N PRO A 545 -23.50 -44.33 -3.38
CA PRO A 545 -24.29 -44.50 -4.60
C PRO A 545 -25.59 -43.74 -4.47
N ASP A 546 -26.14 -43.83 -3.26
CA ASP A 546 -27.22 -43.00 -2.76
C ASP A 546 -27.10 -41.53 -3.25
N VAL A 547 -26.09 -40.81 -2.77
CA VAL A 547 -26.05 -39.37 -3.05
C VAL A 547 -25.37 -39.01 -4.39
N ASP A 548 -24.42 -39.83 -4.81
CA ASP A 548 -23.78 -39.69 -6.12
C ASP A 548 -24.78 -39.50 -7.26
N ALA A 549 -25.91 -40.20 -7.21
CA ALA A 549 -26.85 -40.08 -8.33
C ALA A 549 -27.70 -38.82 -8.22
N GLU A 550 -27.98 -38.37 -7.01
CA GLU A 550 -28.68 -37.11 -6.84
C GLU A 550 -27.72 -36.00 -7.19
N SER A 551 -26.50 -36.09 -6.64
CA SER A 551 -25.43 -35.14 -6.94
C SER A 551 -25.21 -34.95 -8.44
N ALA A 552 -25.04 -36.05 -9.17
CA ALA A 552 -24.77 -35.96 -10.60
C ALA A 552 -25.92 -35.32 -11.35
N ALA A 553 -27.13 -35.52 -10.84
CA ALA A 553 -28.30 -35.01 -11.55
C ALA A 553 -28.47 -33.51 -11.37
N ARG A 554 -28.22 -33.05 -10.16
CA ARG A 554 -28.29 -31.64 -9.81
C ARG A 554 -27.20 -30.81 -10.51
N GLN A 555 -25.98 -31.35 -10.49
CA GLN A 555 -24.86 -30.68 -11.15
C GLN A 555 -25.06 -30.67 -12.67
N ALA A 556 -25.66 -31.72 -13.19
CA ALA A 556 -25.97 -31.77 -14.62
C ALA A 556 -26.85 -30.61 -15.02
N GLY A 557 -27.66 -30.12 -14.08
CA GLY A 557 -28.51 -28.99 -14.31
C GLY A 557 -28.23 -27.84 -13.38
N ARG A 558 -26.96 -27.66 -13.01
CA ARG A 558 -26.57 -26.59 -12.08
C ARG A 558 -27.02 -25.20 -12.54
N PRO A 559 -27.31 -24.32 -11.59
CA PRO A 559 -27.69 -22.97 -12.01
C PRO A 559 -26.49 -22.15 -12.49
N LEU A 560 -26.71 -21.28 -13.48
CA LEU A 560 -25.69 -20.37 -13.99
C LEU A 560 -26.17 -18.92 -13.82
N HIS A 561 -25.25 -17.96 -13.81
CA HIS A 561 -25.61 -16.57 -13.51
C HIS A 561 -25.50 -15.66 -14.71
N ILE A 562 -24.96 -16.20 -15.80
CA ILE A 562 -24.92 -15.50 -17.09
C ILE A 562 -25.84 -16.20 -18.07
N GLN A 563 -26.71 -15.45 -18.73
CA GLN A 563 -27.67 -16.03 -19.67
C GLN A 563 -26.97 -16.70 -20.81
N ASP A 564 -27.45 -17.90 -21.13
CA ASP A 564 -26.99 -18.65 -22.28
C ASP A 564 -25.58 -19.22 -22.13
N ALA A 565 -25.05 -19.13 -20.92
CA ALA A 565 -23.71 -19.59 -20.67
C ALA A 565 -23.58 -21.09 -20.85
N VAL A 566 -22.41 -21.50 -21.29
CA VAL A 566 -22.04 -22.91 -21.31
C VAL A 566 -21.41 -23.24 -19.98
N ALA A 567 -21.84 -24.31 -19.33
CA ALA A 567 -21.25 -24.73 -18.07
C ALA A 567 -20.08 -25.64 -18.38
N ALA A 568 -19.03 -25.59 -17.58
CA ALA A 568 -17.92 -26.51 -17.76
C ALA A 568 -17.21 -26.74 -16.44
N ASP A 569 -16.41 -27.80 -16.40
CA ASP A 569 -15.60 -28.12 -15.23
C ASP A 569 -14.14 -28.08 -15.64
N VAL A 570 -13.30 -27.47 -14.79
CA VAL A 570 -11.87 -27.39 -15.06
C VAL A 570 -11.26 -28.55 -14.31
N ALA A 571 -10.35 -29.28 -14.95
CA ALA A 571 -9.61 -30.35 -14.30
C ALA A 571 -8.12 -30.11 -14.46
N PHE A 572 -7.36 -30.15 -13.38
CA PHE A 572 -5.92 -29.90 -13.49
C PHE A 572 -5.07 -30.83 -12.62
N ILE A 573 -3.80 -30.97 -12.97
CA ILE A 573 -2.92 -31.74 -12.12
C ILE A 573 -2.42 -30.89 -10.94
N PRO A 574 -2.68 -31.35 -9.72
CA PRO A 574 -2.23 -30.47 -8.63
C PRO A 574 -0.72 -30.52 -8.44
N ARG A 575 -0.16 -29.49 -7.82
CA ARG A 575 1.28 -29.30 -7.70
C ARG A 575 1.88 -30.28 -6.70
N SER A 576 1.12 -30.63 -5.67
CA SER A 576 1.57 -31.59 -4.67
C SER A 576 0.82 -32.93 -4.78
N GLY A 577 1.52 -34.00 -4.43
CA GLY A 577 0.98 -35.36 -4.51
C GLY A 577 -0.12 -35.61 -3.48
N ARG A 578 -0.14 -34.82 -2.41
CA ARG A 578 -1.22 -34.91 -1.44
C ARG A 578 -2.55 -34.48 -2.07
N ALA A 579 -2.54 -33.31 -2.69
CA ALA A 579 -3.74 -32.79 -3.33
C ALA A 579 -4.09 -33.62 -4.55
N ALA A 580 -3.07 -34.21 -5.16
CA ALA A 580 -3.32 -34.98 -6.38
C ALA A 580 -4.20 -36.18 -6.05
N ASN A 581 -4.05 -36.70 -4.83
CA ASN A 581 -4.89 -37.80 -4.36
C ASN A 581 -6.33 -37.37 -4.08
N LEU A 582 -6.58 -36.06 -4.07
CA LEU A 582 -7.90 -35.55 -3.74
C LEU A 582 -8.64 -34.97 -4.95
N ALA A 583 -8.19 -35.34 -6.13
CA ALA A 583 -8.66 -34.71 -7.35
C ALA A 583 -9.38 -35.70 -8.23
N HIS A 584 -9.62 -36.91 -7.71
CA HIS A 584 -10.40 -37.92 -8.44
C HIS A 584 -11.90 -37.62 -8.38
N THR A 585 -12.32 -36.60 -9.13
CA THR A 585 -13.63 -36.02 -8.95
C THR A 585 -14.31 -35.83 -10.28
N PRO A 586 -15.55 -36.32 -10.42
CA PRO A 586 -16.19 -36.37 -11.73
C PRO A 586 -16.72 -35.02 -12.21
N SER A 587 -16.85 -34.90 -13.51
CA SER A 587 -17.40 -33.71 -14.11
C SER A 587 -18.78 -34.02 -14.64
N TYR A 588 -19.76 -33.17 -14.29
CA TYR A 588 -21.15 -33.40 -14.63
C TYR A 588 -21.76 -32.27 -15.43
N SER A 589 -21.02 -31.19 -15.63
CA SER A 589 -21.47 -30.19 -16.56
C SER A 589 -21.36 -30.85 -17.93
N GLY A 590 -21.89 -30.23 -18.97
CA GLY A 590 -21.65 -30.80 -20.29
C GLY A 590 -20.19 -30.93 -20.74
N ARG A 591 -19.28 -30.18 -20.11
CA ARG A 591 -17.94 -29.95 -20.66
C ARG A 591 -16.83 -30.03 -19.63
N ARG A 592 -15.65 -30.36 -20.13
CA ARG A 592 -14.45 -30.34 -19.30
C ARG A 592 -13.32 -29.59 -19.97
N ILE A 593 -12.62 -28.79 -19.16
CA ILE A 593 -11.41 -28.08 -19.61
C ILE A 593 -10.22 -28.73 -18.93
N SER A 594 -9.48 -29.51 -19.70
CA SER A 594 -8.32 -30.18 -19.15
C SER A 594 -7.18 -29.20 -19.21
N VAL A 595 -6.49 -29.02 -18.09
CA VAL A 595 -5.28 -28.20 -18.03
C VAL A 595 -4.11 -28.99 -17.47
N GLY A 596 -3.19 -29.41 -18.31
CA GLY A 596 -2.04 -30.17 -17.84
C GLY A 596 -2.32 -31.64 -17.63
N LEU A 597 -3.46 -32.11 -18.17
CA LEU A 597 -3.93 -33.49 -18.09
C LEU A 597 -4.51 -33.87 -19.45
N PRO A 598 -4.57 -35.18 -19.78
CA PRO A 598 -5.15 -35.59 -21.07
C PRO A 598 -6.64 -35.38 -21.08
N ASP A 599 -7.28 -35.42 -22.23
CA ASP A 599 -8.73 -35.29 -22.24
C ASP A 599 -9.28 -36.49 -21.50
N SER A 600 -10.50 -36.38 -21.01
CA SER A 600 -11.20 -37.51 -20.42
C SER A 600 -12.23 -38.09 -21.39
N GLY A 601 -12.33 -39.42 -21.43
CA GLY A 601 -13.38 -40.08 -22.17
C GLY A 601 -14.79 -39.78 -21.64
N ARG A 602 -14.88 -39.43 -20.37
CA ARG A 602 -16.18 -39.21 -19.71
C ARG A 602 -16.79 -37.85 -19.87
N ALA A 603 -16.16 -36.95 -20.62
CA ALA A 603 -16.67 -35.58 -20.72
C ALA A 603 -16.20 -34.90 -21.99
N GLN A 604 -17.12 -34.24 -22.68
CA GLN A 604 -16.74 -33.54 -23.91
C GLN A 604 -15.79 -32.39 -23.58
N GLU A 605 -14.62 -32.44 -24.20
CA GLU A 605 -13.56 -31.47 -23.91
C GLU A 605 -13.90 -30.09 -24.48
N ILE A 606 -13.78 -29.04 -23.66
CA ILE A 606 -13.87 -27.69 -24.21
C ILE A 606 -12.48 -27.04 -24.16
N PRO A 607 -11.81 -27.02 -25.32
CA PRO A 607 -10.35 -26.85 -25.32
C PRO A 607 -9.95 -25.46 -24.85
N LEU A 608 -8.93 -25.43 -24.01
CA LEU A 608 -8.40 -24.20 -23.44
C LEU A 608 -8.12 -23.11 -24.49
N ASP A 609 -7.53 -23.47 -25.62
CA ASP A 609 -7.13 -22.46 -26.60
C ASP A 609 -8.31 -21.85 -27.34
N GLU A 610 -9.52 -22.30 -27.01
CA GLU A 610 -10.72 -21.72 -27.61
C GLU A 610 -11.32 -20.65 -26.72
N LEU A 611 -10.69 -20.42 -25.57
CA LEU A 611 -11.24 -19.54 -24.57
C LEU A 611 -10.65 -18.11 -24.60
N GLY A 612 -11.48 -17.11 -24.33
CA GLY A 612 -11.06 -15.72 -24.29
C GLY A 612 -11.61 -15.00 -23.06
N VAL A 613 -11.09 -13.82 -22.78
CA VAL A 613 -11.54 -13.05 -21.64
C VAL A 613 -11.91 -11.63 -22.12
N GLY A 614 -13.09 -11.16 -21.74
CA GLY A 614 -13.60 -9.85 -22.08
C GLY A 614 -13.95 -9.17 -20.76
N ALA A 615 -14.41 -7.93 -20.80
CA ALA A 615 -14.71 -7.20 -19.59
C ALA A 615 -15.78 -6.12 -19.80
N ASN A 616 -16.59 -5.89 -18.78
CA ASN A 616 -17.42 -4.67 -18.71
C ASN A 616 -17.10 -3.96 -17.40
N LEU A 617 -17.84 -2.91 -17.08
CA LEU A 617 -17.51 -2.10 -15.91
C LEU A 617 -17.48 -2.89 -14.61
N GLU A 618 -18.23 -3.99 -14.57
CA GLU A 618 -18.41 -4.74 -13.33
C GLU A 618 -17.55 -6.00 -13.16
N ARG A 619 -17.37 -6.77 -14.23
CA ARG A 619 -16.74 -8.10 -14.14
C ARG A 619 -15.84 -8.42 -15.34
N LEU A 620 -14.93 -9.35 -15.13
CA LEU A 620 -14.26 -10.02 -16.23
C LEU A 620 -15.18 -11.11 -16.66
N CYS A 621 -15.02 -11.64 -17.85
CA CYS A 621 -15.81 -12.82 -18.24
C CYS A 621 -15.22 -13.71 -19.28
N LEU A 622 -15.38 -15.01 -19.06
CA LEU A 622 -14.85 -16.04 -19.94
C LEU A 622 -15.75 -16.22 -21.17
N VAL A 623 -15.15 -16.30 -22.35
CA VAL A 623 -15.92 -16.38 -23.59
C VAL A 623 -15.40 -17.50 -24.44
N HIS A 624 -16.31 -18.34 -24.95
CA HIS A 624 -15.91 -19.35 -25.94
C HIS A 624 -15.90 -18.62 -27.26
N LEU A 625 -14.69 -18.34 -27.73
CA LEU A 625 -14.47 -17.52 -28.92
C LEU A 625 -15.18 -18.01 -30.19
N PRO A 626 -15.13 -19.32 -30.50
CA PRO A 626 -15.81 -19.73 -31.72
C PRO A 626 -17.30 -19.42 -31.79
N THR A 627 -17.99 -19.35 -30.65
CA THR A 627 -19.45 -19.28 -30.67
C THR A 627 -20.07 -18.02 -30.07
N GLY A 628 -19.28 -17.22 -29.35
CA GLY A 628 -19.82 -16.02 -28.73
C GLY A 628 -20.78 -16.31 -27.58
N ARG A 629 -20.45 -17.31 -26.78
CA ARG A 629 -21.17 -17.58 -25.57
C ARG A 629 -20.23 -17.53 -24.36
N GLU A 630 -20.72 -17.13 -23.20
CA GLU A 630 -19.88 -17.17 -22.02
C GLU A 630 -19.69 -18.62 -21.54
N VAL A 631 -18.67 -18.81 -20.74
CA VAL A 631 -18.43 -20.10 -20.16
C VAL A 631 -18.38 -19.81 -18.69
N VAL A 632 -19.03 -20.66 -17.91
CA VAL A 632 -18.96 -20.55 -16.47
C VAL A 632 -18.33 -21.82 -15.92
N PRO A 633 -17.00 -21.78 -15.74
CA PRO A 633 -16.32 -22.97 -15.24
C PRO A 633 -16.54 -23.16 -13.75
N ALA A 634 -16.56 -24.43 -13.33
CA ALA A 634 -16.60 -24.74 -11.92
C ALA A 634 -15.44 -25.66 -11.61
N LEU A 635 -15.03 -25.67 -10.35
CA LEU A 635 -14.00 -26.60 -9.92
C LEU A 635 -14.67 -27.60 -8.96
N PRO A 636 -15.01 -28.80 -9.47
CA PRO A 636 -15.86 -29.76 -8.76
C PRO A 636 -15.14 -30.59 -7.70
N ASN A 637 -14.11 -30.04 -7.09
CA ASN A 637 -13.47 -30.68 -5.95
C ASN A 637 -13.02 -29.63 -4.94
N MET A 638 -12.31 -30.07 -3.90
CA MET A 638 -11.86 -29.16 -2.88
C MET A 638 -10.34 -28.98 -2.90
N VAL A 639 -9.71 -29.28 -4.03
CA VAL A 639 -8.31 -28.91 -4.15
C VAL A 639 -8.17 -27.40 -4.31
N SER A 640 -7.24 -26.83 -3.57
CA SER A 640 -7.06 -25.38 -3.53
C SER A 640 -6.42 -24.84 -4.80
N ALA A 641 -7.18 -24.12 -5.62
CA ALA A 641 -6.60 -23.55 -6.83
C ALA A 641 -5.42 -22.60 -6.52
N PHE A 642 -5.57 -21.84 -5.43
CA PHE A 642 -4.56 -20.89 -4.98
C PHE A 642 -3.20 -21.56 -4.78
N ALA A 643 -3.22 -22.67 -4.07
CA ALA A 643 -1.98 -23.32 -3.68
C ALA A 643 -1.52 -24.39 -4.65
N GLN A 644 -2.43 -24.95 -5.41
CA GLN A 644 -2.12 -26.19 -6.11
C GLN A 644 -2.31 -26.14 -7.61
N ALA A 645 -2.86 -25.05 -8.15
CA ALA A 645 -3.24 -25.05 -9.57
C ALA A 645 -2.35 -24.26 -10.52
N PRO A 646 -2.05 -24.85 -11.68
CA PRO A 646 -1.41 -24.07 -12.74
C PRO A 646 -2.25 -22.82 -13.03
N ASN A 647 -1.60 -21.70 -13.33
CA ASN A 647 -2.30 -20.42 -13.50
C ASN A 647 -3.56 -20.41 -14.38
N PRO A 648 -3.51 -21.01 -15.56
CA PRO A 648 -4.73 -20.91 -16.36
C PRO A 648 -5.91 -21.59 -15.70
N ALA A 649 -5.64 -22.72 -15.06
CA ALA A 649 -6.65 -23.46 -14.32
C ALA A 649 -7.21 -22.58 -13.24
N ARG A 650 -6.32 -21.94 -12.48
CA ARG A 650 -6.78 -21.08 -11.41
C ARG A 650 -7.56 -19.87 -11.95
N LEU A 651 -7.19 -19.37 -13.13
CA LEU A 651 -7.90 -18.24 -13.69
C LEU A 651 -9.31 -18.69 -14.08
N LEU A 652 -9.41 -19.91 -14.63
CA LEU A 652 -10.70 -20.45 -15.01
C LEU A 652 -11.58 -20.57 -13.79
N PHE A 653 -11.01 -21.10 -12.72
CA PHE A 653 -11.76 -21.22 -11.50
C PHE A 653 -12.29 -19.86 -11.04
N GLU A 654 -11.43 -18.86 -10.96
CA GLU A 654 -11.86 -17.59 -10.38
C GLU A 654 -12.83 -16.84 -11.29
N LEU A 655 -12.67 -16.99 -12.61
CA LEU A 655 -13.57 -16.33 -13.55
C LEU A 655 -15.01 -16.85 -13.40
N GLY A 656 -15.13 -18.15 -13.11
CA GLY A 656 -16.42 -18.74 -12.92
C GLY A 656 -17.18 -18.06 -11.81
N LEU A 657 -16.48 -17.52 -10.82
CA LEU A 657 -17.15 -16.86 -9.70
C LEU A 657 -17.36 -15.36 -9.91
N GLU A 658 -16.94 -14.85 -11.06
CA GLU A 658 -17.17 -13.45 -11.40
C GLU A 658 -18.67 -13.15 -11.42
N GLY A 659 -19.04 -11.93 -11.06
CA GLY A 659 -20.42 -11.49 -11.09
C GLY A 659 -21.24 -12.07 -9.96
N GLN A 660 -20.64 -12.89 -9.11
CA GLN A 660 -21.37 -13.41 -7.97
C GLN A 660 -20.84 -12.87 -6.64
N ARG A 661 -21.74 -12.36 -5.79
CA ARG A 661 -21.35 -11.98 -4.45
C ARG A 661 -21.15 -13.20 -3.52
N LEU A 662 -19.94 -13.37 -2.99
CA LEU A 662 -19.55 -14.64 -2.37
C LEU A 662 -19.56 -14.61 -0.86
N TRP A 663 -20.30 -15.52 -0.25
CA TRP A 663 -20.42 -15.60 1.20
C TRP A 663 -19.03 -15.90 1.82
N GLU A 664 -18.82 -15.50 3.09
CA GLU A 664 -17.59 -15.86 3.80
C GLU A 664 -17.98 -16.19 5.21
N PRO A 665 -17.10 -16.89 5.94
CA PRO A 665 -17.33 -17.11 7.37
C PRO A 665 -17.50 -15.83 8.15
N TRP A 666 -17.95 -15.96 9.39
CA TRP A 666 -18.11 -14.84 10.30
C TRP A 666 -16.75 -14.14 10.52
N ASP A 667 -16.74 -12.83 10.31
CA ASP A 667 -15.51 -12.05 10.42
C ASP A 667 -15.45 -11.15 11.67
N TRP A 668 -14.55 -11.50 12.59
CA TRP A 668 -14.40 -10.80 13.86
C TRP A 668 -13.53 -9.56 13.69
N GLY A 669 -12.76 -9.53 12.60
CA GLY A 669 -11.94 -8.37 12.31
C GLY A 669 -10.86 -8.15 13.35
N ALA A 670 -10.62 -6.88 13.67
CA ALA A 670 -9.62 -6.51 14.66
C ALA A 670 -9.88 -7.17 16.01
N LEU A 671 -11.17 -7.43 16.27
CA LEU A 671 -11.61 -7.98 17.55
C LEU A 671 -11.06 -9.36 17.79
N SER A 672 -10.38 -9.91 16.81
CA SER A 672 -9.83 -11.24 16.93
C SER A 672 -8.72 -11.31 17.99
N GLU A 673 -8.27 -10.14 18.45
CA GLU A 673 -7.19 -10.07 19.43
C GLU A 673 -7.67 -10.30 20.87
N MET A 674 -8.97 -10.15 21.11
CA MET A 674 -9.55 -10.32 22.42
C MET A 674 -9.24 -11.72 22.94
N PRO A 675 -9.01 -11.87 24.26
CA PRO A 675 -8.69 -13.18 24.85
C PRO A 675 -9.88 -14.11 24.77
N PHE A 676 -11.08 -13.55 24.85
CA PHE A 676 -12.27 -14.35 24.64
C PHE A 676 -13.22 -13.65 23.73
N LEU A 677 -13.73 -14.40 22.76
CA LEU A 677 -14.81 -13.98 21.86
C LEU A 677 -16.03 -14.91 21.99
N PRO A 678 -17.20 -14.32 22.28
CA PRO A 678 -18.45 -15.06 22.48
C PRO A 678 -18.87 -15.76 21.20
N GLY A 679 -19.48 -16.94 21.31
CA GLY A 679 -20.15 -17.56 20.17
C GLY A 679 -21.27 -16.65 19.69
N VAL A 680 -21.57 -16.66 18.40
CA VAL A 680 -22.63 -15.77 17.91
C VAL A 680 -23.80 -16.59 17.36
N ARG A 681 -24.99 -16.35 17.92
CA ARG A 681 -26.16 -17.13 17.55
C ARG A 681 -27.25 -16.36 16.79
N TYR A 682 -27.69 -16.96 15.70
CA TYR A 682 -28.78 -16.44 14.89
C TYR A 682 -29.85 -17.53 14.79
N GLY A 683 -31.01 -17.28 15.41
CA GLY A 683 -31.97 -18.34 15.64
C GLY A 683 -31.34 -19.52 16.38
N ARG A 684 -31.26 -20.65 15.68
CA ARG A 684 -30.75 -21.91 16.24
C ARG A 684 -29.31 -22.15 15.78
N THR A 685 -28.79 -21.22 14.96
CA THR A 685 -27.46 -21.34 14.36
C THR A 685 -26.32 -20.52 15.02
N LEU A 686 -25.25 -21.22 15.35
CA LEU A 686 -23.98 -20.61 15.75
C LEU A 686 -23.11 -20.29 14.52
N LEU A 687 -23.18 -19.05 14.05
CA LEU A 687 -22.37 -18.58 12.93
C LEU A 687 -20.86 -18.68 13.24
N ALA A 688 -20.51 -18.52 14.52
CA ALA A 688 -19.14 -18.65 14.98
C ALA A 688 -19.20 -19.22 16.37
N ALA A 689 -18.30 -20.17 16.65
CA ALA A 689 -18.19 -20.80 17.97
C ALA A 689 -17.53 -19.86 18.99
N PRO A 690 -17.71 -20.13 20.30
CA PRO A 690 -16.99 -19.30 21.27
C PRO A 690 -15.51 -19.60 21.23
N LEU A 691 -14.71 -18.63 21.68
CA LEU A 691 -13.30 -18.54 21.34
C LEU A 691 -12.35 -18.07 22.44
N TRP A 692 -11.35 -18.88 22.78
CA TRP A 692 -10.36 -18.48 23.79
C TRP A 692 -8.94 -18.43 23.22
N ARG A 693 -8.28 -17.28 23.28
CA ARG A 693 -6.88 -17.25 22.88
C ARG A 693 -6.07 -17.90 23.97
N MET A 694 -4.87 -18.38 23.64
CA MET A 694 -4.02 -19.03 24.63
C MET A 694 -2.62 -18.40 24.79
N ASP A 695 -2.48 -17.10 24.53
CA ASP A 695 -1.21 -16.38 24.63
C ASP A 695 -0.53 -16.53 26.01
N GLN A 696 -1.30 -16.27 27.06
CA GLN A 696 -0.82 -16.36 28.44
C GLN A 696 -0.18 -17.70 28.76
N LEU A 697 -0.58 -18.73 28.02
CA LEU A 697 -0.11 -20.07 28.30
C LEU A 697 1.20 -20.41 27.58
N ARG A 698 1.68 -19.49 26.75
CA ARG A 698 2.84 -19.81 25.92
C ARG A 698 4.11 -19.89 26.74
N GLY A 699 4.29 -18.90 27.60
CA GLY A 699 5.40 -18.88 28.54
C GLY A 699 5.40 -20.01 29.56
N PRO A 700 4.25 -20.30 30.19
CA PRO A 700 4.18 -21.44 31.10
C PRO A 700 4.34 -22.80 30.41
N ALA A 701 4.00 -22.86 29.13
CA ALA A 701 4.37 -24.00 28.31
C ALA A 701 5.86 -23.83 28.04
N ASP A 702 6.56 -24.89 27.64
CA ASP A 702 8.01 -24.85 27.32
C ASP A 702 9.02 -24.52 28.45
N ASP A 703 8.56 -23.98 29.58
CA ASP A 703 9.42 -23.85 30.75
C ASP A 703 9.76 -25.26 31.20
N SER A 704 11.05 -25.59 31.24
CA SER A 704 11.43 -26.94 31.65
C SER A 704 11.17 -26.99 33.15
N GLY A 705 9.97 -27.45 33.51
CA GLY A 705 9.55 -27.52 34.89
C GLY A 705 8.60 -28.67 35.16
N PRO A 706 8.05 -28.72 36.39
CA PRO A 706 7.14 -29.78 36.88
C PRO A 706 5.79 -29.80 36.15
N ALA A 707 5.12 -30.95 36.21
CA ALA A 707 3.82 -31.12 35.57
C ALA A 707 2.71 -30.33 36.28
N ALA A 708 2.97 -29.93 37.53
CA ALA A 708 2.02 -29.11 38.28
C ALA A 708 2.30 -27.61 38.10
N ASP A 709 3.52 -27.31 37.65
CA ASP A 709 3.91 -25.94 37.40
C ASP A 709 3.18 -25.45 36.16
N TRP A 710 2.88 -26.38 35.25
CA TRP A 710 2.03 -26.14 34.09
C TRP A 710 0.55 -26.18 34.48
N ASP A 711 0.15 -27.27 35.14
CA ASP A 711 -1.23 -27.48 35.55
C ASP A 711 -1.81 -26.28 36.31
N ALA A 712 -0.97 -25.60 37.09
CA ALA A 712 -1.42 -24.41 37.83
C ALA A 712 -1.78 -23.27 36.89
N ALA A 713 -0.88 -22.96 35.97
CA ALA A 713 -1.11 -21.92 34.96
C ALA A 713 -2.37 -22.23 34.16
N LEU A 714 -2.58 -23.51 33.87
CA LEU A 714 -3.79 -23.95 33.18
C LEU A 714 -5.05 -23.62 33.95
N ASP A 715 -5.08 -24.09 35.20
CA ASP A 715 -6.21 -23.87 36.12
C ASP A 715 -6.42 -22.39 36.34
N ARG A 716 -5.32 -21.66 36.39
CA ARG A 716 -5.35 -20.21 36.51
C ARG A 716 -6.02 -19.61 35.29
N TRP A 717 -5.52 -19.98 34.10
CA TRP A 717 -6.11 -19.57 32.83
C TRP A 717 -7.56 -20.06 32.71
N ARG A 718 -7.78 -21.33 33.04
CA ARG A 718 -9.10 -21.92 32.92
C ARG A 718 -10.15 -21.17 33.74
N ALA A 719 -9.78 -20.77 34.96
CA ALA A 719 -10.73 -20.11 35.83
C ALA A 719 -10.82 -18.59 35.57
N GLU A 720 -9.79 -18.02 34.95
CA GLU A 720 -9.74 -16.60 34.69
C GLU A 720 -10.63 -16.12 33.54
N TRP A 721 -10.95 -17.03 32.61
CA TRP A 721 -11.74 -16.65 31.44
C TRP A 721 -12.97 -17.53 31.33
N ASN A 722 -13.13 -18.42 32.31
CA ASN A 722 -14.25 -19.35 32.38
C ASN A 722 -14.23 -20.37 31.22
N VAL A 723 -13.07 -20.99 31.02
CA VAL A 723 -12.89 -22.01 30.00
C VAL A 723 -13.45 -23.31 30.52
N PRO A 724 -14.33 -23.94 29.74
CA PRO A 724 -14.89 -25.25 30.05
C PRO A 724 -13.83 -26.33 30.21
N ARG A 725 -14.24 -27.47 30.75
CA ARG A 725 -13.31 -28.56 30.97
C ARG A 725 -12.96 -29.18 29.62
N ARG A 726 -13.93 -29.23 28.73
CA ARG A 726 -13.69 -29.74 27.37
C ARG A 726 -13.61 -28.60 26.35
N VAL A 727 -12.56 -28.67 25.53
CA VAL A 727 -12.33 -27.68 24.50
C VAL A 727 -11.94 -28.36 23.20
N LEU A 728 -12.22 -27.68 22.11
CA LEU A 728 -11.66 -28.04 20.83
C LEU A 728 -10.44 -27.15 20.63
N ALA A 729 -9.28 -27.77 20.45
CA ALA A 729 -8.04 -27.04 20.16
C ALA A 729 -7.87 -26.91 18.65
N VAL A 730 -8.01 -25.69 18.15
CA VAL A 730 -8.06 -25.45 16.70
C VAL A 730 -6.85 -24.71 16.14
N SER A 731 -6.26 -25.27 15.09
CA SER A 731 -5.37 -24.50 14.22
C SER A 731 -5.74 -24.74 12.76
N MET A 732 -4.83 -24.45 11.84
CA MET A 732 -5.09 -24.70 10.44
C MET A 732 -5.07 -26.20 10.21
N ASP A 733 -4.11 -26.87 10.86
CA ASP A 733 -3.91 -28.31 10.65
C ASP A 733 -4.68 -29.26 11.59
N GLN A 734 -5.08 -28.79 12.78
CA GLN A 734 -5.76 -29.67 13.74
C GLN A 734 -7.07 -29.13 14.32
N ARG A 735 -8.05 -30.03 14.38
CA ARG A 735 -9.15 -29.91 15.31
C ARG A 735 -8.76 -30.92 16.37
N LEU A 736 -8.80 -30.51 17.64
CA LEU A 736 -8.36 -31.41 18.70
C LEU A 736 -9.26 -31.38 19.94
N LEU A 737 -10.09 -32.42 20.07
CA LEU A 737 -11.02 -32.55 21.19
C LEU A 737 -10.24 -32.97 22.42
N LEU A 738 -10.17 -32.08 23.39
CA LEU A 738 -9.36 -32.36 24.58
C LEU A 738 -10.24 -32.27 25.83
N ASP A 739 -10.10 -33.25 26.70
CA ASP A 739 -10.65 -33.16 28.04
C ASP A 739 -9.58 -32.63 29.00
N LEU A 740 -9.79 -31.41 29.52
CA LEU A 740 -8.75 -30.76 30.33
C LEU A 740 -8.70 -31.25 31.78
N ASP A 741 -9.56 -32.21 32.10
CA ASP A 741 -9.52 -32.88 33.40
C ASP A 741 -8.50 -33.99 33.29
N ASP A 742 -8.48 -34.63 32.12
CA ASP A 742 -7.53 -35.68 31.82
C ASP A 742 -6.07 -35.22 31.89
N ALA A 743 -5.24 -36.01 32.55
CA ALA A 743 -3.83 -35.66 32.74
C ALA A 743 -3.02 -35.80 31.45
N TRP A 744 -3.31 -36.84 30.67
CA TRP A 744 -2.70 -36.99 29.34
C TRP A 744 -3.08 -35.86 28.37
N HIS A 745 -4.36 -35.52 28.31
CA HIS A 745 -4.81 -34.42 27.46
C HIS A 745 -4.18 -33.10 27.89
N ARG A 746 -3.94 -32.94 29.19
CA ARG A 746 -3.33 -31.72 29.70
C ARG A 746 -1.86 -31.53 29.27
N VAL A 747 -1.17 -32.64 29.00
CA VAL A 747 0.21 -32.53 28.54
C VAL A 747 0.23 -32.47 27.03
N LEU A 748 -0.80 -33.04 26.41
CA LEU A 748 -0.93 -33.00 24.97
C LEU A 748 -1.15 -31.56 24.52
N LEU A 749 -1.91 -30.81 25.31
CA LEU A 749 -2.19 -29.41 25.04
C LEU A 749 -0.91 -28.60 25.17
N ARG A 750 -0.02 -29.02 26.05
CA ARG A 750 1.22 -28.27 26.25
C ARG A 750 2.14 -28.46 25.05
N ASP A 751 2.28 -29.71 24.62
CA ASP A 751 3.12 -30.03 23.48
C ASP A 751 2.58 -29.37 22.23
N GLU A 752 1.26 -29.40 22.09
CA GLU A 752 0.61 -28.81 20.91
C GLU A 752 0.77 -27.31 20.87
N LEU A 753 0.82 -26.67 22.05
CA LEU A 753 0.98 -25.22 22.12
C LEU A 753 2.42 -24.77 21.85
N ARG A 754 3.39 -25.52 22.38
CA ARG A 754 4.79 -25.23 22.10
C ARG A 754 4.98 -25.33 20.60
N ARG A 755 4.30 -26.31 20.02
CA ARG A 755 4.40 -26.62 18.59
C ARG A 755 3.59 -25.66 17.70
N THR A 756 2.38 -25.32 18.10
CA THR A 756 1.54 -24.43 17.29
C THR A 756 1.06 -23.22 18.11
N PRO A 757 1.88 -22.16 18.16
CA PRO A 757 1.73 -20.95 18.99
C PRO A 757 0.43 -20.16 18.83
N GLU A 758 -0.18 -20.17 17.64
CA GLU A 758 -1.38 -19.39 17.44
C GLU A 758 -2.66 -20.22 17.70
N LEU A 759 -2.52 -21.30 18.46
CA LEU A 759 -3.61 -22.22 18.74
C LEU A 759 -4.72 -21.54 19.55
N ILE A 760 -5.95 -21.98 19.33
CA ILE A 760 -7.06 -21.45 20.09
C ILE A 760 -7.89 -22.57 20.72
N ALA A 761 -8.88 -22.18 21.52
CA ALA A 761 -9.78 -23.15 22.14
C ALA A 761 -11.21 -22.82 21.82
N GLN A 762 -11.93 -23.79 21.25
CA GLN A 762 -13.36 -23.61 21.01
C GLN A 762 -14.20 -24.41 22.01
N GLN A 763 -15.30 -23.79 22.44
CA GLN A 763 -16.30 -24.51 23.18
C GLN A 763 -16.95 -25.52 22.23
N VAL A 764 -17.00 -26.77 22.69
CA VAL A 764 -17.59 -27.88 21.95
C VAL A 764 -19.09 -27.67 21.68
N ALA A 765 -19.53 -28.03 20.48
CA ALA A 765 -20.91 -27.84 20.09
C ALA A 765 -21.82 -28.61 21.03
N GLY A 766 -22.74 -27.90 21.68
CA GLY A 766 -23.71 -28.56 22.54
C GLY A 766 -23.37 -28.48 24.02
N ASP A 767 -22.10 -28.24 24.32
CA ASP A 767 -21.66 -28.18 25.71
C ASP A 767 -22.34 -27.04 26.48
N GLU A 768 -22.49 -25.89 25.83
CA GLU A 768 -23.03 -24.70 26.48
C GLU A 768 -24.48 -24.87 26.92
N GLU A 769 -25.19 -25.77 26.23
CA GLU A 769 -26.58 -26.05 26.56
C GLU A 769 -26.71 -27.31 27.41
N GLY A 770 -25.58 -27.87 27.82
CA GLY A 770 -25.62 -29.07 28.63
C GLY A 770 -25.70 -30.37 27.86
N TRP A 771 -26.02 -30.29 26.57
CA TRP A 771 -26.38 -31.47 25.78
C TRP A 771 -25.33 -32.58 25.69
N LEU A 772 -24.15 -32.38 26.26
CA LEU A 772 -23.12 -33.39 26.19
C LEU A 772 -23.36 -34.55 27.18
N ASP A 773 -24.45 -35.26 26.95
CA ASP A 773 -24.78 -36.50 27.65
C ASP A 773 -25.96 -37.23 27.00
N PHE A 779 -27.21 -37.37 21.40
CA PHE A 779 -26.58 -38.43 20.61
C PHE A 779 -25.69 -37.75 19.53
N PRO A 780 -24.57 -38.41 19.14
CA PRO A 780 -23.27 -37.77 18.89
C PRO A 780 -23.14 -36.70 17.78
N GLY A 781 -24.03 -35.71 17.80
CA GLY A 781 -24.03 -34.67 16.77
C GLY A 781 -22.82 -33.77 16.77
N HIS A 782 -22.10 -33.73 17.88
CA HIS A 782 -20.95 -32.82 18.01
C HIS A 782 -19.67 -33.43 17.44
N LEU A 783 -19.72 -34.73 17.16
CA LEU A 783 -18.58 -35.45 16.65
C LEU A 783 -18.78 -35.75 15.19
N ALA A 784 -19.78 -35.14 14.59
CA ALA A 784 -20.12 -35.43 13.22
C ALA A 784 -20.32 -34.14 12.48
N GLU A 785 -19.78 -34.08 11.27
CA GLU A 785 -19.94 -32.91 10.42
C GLU A 785 -20.95 -33.24 9.34
N ILE A 786 -21.86 -32.31 9.08
CA ILE A 786 -22.80 -32.47 7.99
C ILE A 786 -22.44 -31.47 6.89
N VAL A 787 -22.23 -31.95 5.67
CA VAL A 787 -21.97 -31.05 4.56
C VAL A 787 -23.20 -30.88 3.70
N VAL A 788 -23.81 -29.71 3.76
CA VAL A 788 -25.04 -29.48 3.04
C VAL A 788 -24.88 -28.45 1.95
N PRO A 789 -25.02 -28.87 0.68
CA PRO A 789 -25.00 -27.96 -0.47
C PRO A 789 -26.27 -27.13 -0.54
N LEU A 790 -26.22 -25.96 -1.14
CA LEU A 790 -27.38 -25.09 -1.32
C LEU A 790 -27.24 -24.39 -2.67
N GLU A 791 -28.36 -24.14 -3.35
CA GLU A 791 -28.34 -23.45 -4.64
C GLU A 791 -29.20 -22.21 -4.56
N ARG A 792 -28.97 -21.24 -5.44
CA ARG A 792 -29.88 -20.11 -5.54
C ARG A 792 -31.28 -20.66 -5.80
N ARG A 793 -32.25 -20.27 -4.97
CA ARG A 793 -33.64 -20.75 -5.09
C ARG A 793 -34.26 -20.33 -6.43
N ASP A 794 -34.26 -19.03 -6.70
CA ASP A 794 -34.70 -18.48 -7.97
C ASP A 794 -33.57 -18.68 -8.96
N ARG A 795 -33.67 -19.74 -9.75
CA ARG A 795 -32.53 -20.23 -10.49
C ARG A 795 -32.17 -19.42 -11.75
N HIS A 796 -33.07 -18.57 -12.24
CA HIS A 796 -32.81 -17.90 -13.53
C HIS A 796 -31.55 -17.02 -13.48
N ALA A 797 -30.86 -16.90 -14.61
CA ALA A 797 -29.59 -16.17 -14.70
C ALA A 797 -29.87 -14.69 -14.78
N ALA A 798 -29.30 -13.94 -13.84
CA ALA A 798 -29.65 -12.53 -13.66
C ALA A 798 -29.02 -11.63 -14.74
N ARG A 799 -27.91 -12.10 -15.30
CA ARG A 799 -27.09 -11.27 -16.16
C ARG A 799 -27.05 -11.70 -17.64
N PRO A 800 -27.20 -10.72 -18.52
CA PRO A 800 -27.04 -10.92 -19.96
C PRO A 800 -25.60 -11.28 -20.22
N PRO A 801 -25.31 -12.02 -21.29
CA PRO A 801 -23.90 -12.21 -21.64
C PRO A 801 -23.29 -10.92 -22.09
N HIS A 802 -21.97 -10.90 -22.10
CA HIS A 802 -21.26 -9.78 -22.64
C HIS A 802 -20.44 -10.34 -23.71
N ILE A 803 -20.99 -10.36 -24.91
CA ILE A 803 -20.24 -10.94 -26.02
C ILE A 803 -19.88 -9.89 -27.07
N ARG A 804 -18.59 -9.61 -27.18
CA ARG A 804 -18.06 -8.67 -28.16
C ARG A 804 -16.68 -9.18 -28.48
N ALA A 805 -16.53 -10.50 -28.35
CA ALA A 805 -15.30 -11.22 -28.62
C ALA A 805 -14.53 -10.63 -29.84
N THR A 806 -13.21 -10.50 -29.73
CA THR A 806 -12.42 -9.83 -30.76
C THR A 806 -11.04 -10.47 -30.99
N VAL A 807 -10.23 -9.74 -31.76
CA VAL A 807 -8.87 -10.11 -32.09
C VAL A 807 -8.10 -8.81 -32.23
N SER A 808 -6.82 -8.90 -32.55
CA SER A 808 -5.95 -7.73 -32.64
C SER A 808 -5.28 -7.65 -34.01
N PRO A 812 2.54 -2.90 -34.47
CA PRO A 812 3.80 -3.12 -33.72
C PRO A 812 4.98 -2.41 -34.40
N THR A 813 5.31 -1.21 -33.92
CA THR A 813 6.34 -0.38 -34.52
C THR A 813 7.40 -0.02 -33.48
N GLY A 814 8.50 0.63 -33.88
CA GLY A 814 9.54 0.92 -32.89
C GLY A 814 10.59 1.99 -33.11
N ALA A 815 11.80 1.72 -32.64
CA ALA A 815 12.89 2.68 -32.76
C ALA A 815 13.38 2.86 -34.21
N GLY A 816 12.96 1.98 -35.12
CA GLY A 816 13.11 2.24 -36.54
C GLY A 816 12.68 3.66 -36.96
N GLY A 817 11.38 3.89 -37.08
CA GLY A 817 10.89 5.24 -37.06
C GLY A 817 9.98 5.85 -38.12
N PRO A 818 8.68 5.49 -38.09
CA PRO A 818 7.76 6.46 -38.70
C PRO A 818 7.46 7.56 -37.66
N TRP A 819 7.30 7.13 -36.41
CA TRP A 819 7.08 8.03 -35.30
C TRP A 819 8.33 8.22 -34.41
N LEU A 820 8.60 9.47 -34.06
CA LEU A 820 9.45 9.82 -32.94
C LEU A 820 8.55 10.16 -31.73
N TYR A 821 8.63 9.37 -30.65
CA TYR A 821 7.78 9.60 -29.46
C TYR A 821 8.59 9.90 -28.21
N LEU A 822 8.59 11.17 -27.78
CA LEU A 822 9.38 11.63 -26.65
C LEU A 822 8.61 11.65 -25.36
N ARG A 823 9.26 11.19 -24.28
CA ARG A 823 8.73 11.39 -22.93
C ARG A 823 9.52 12.42 -22.17
N LEU A 824 8.88 13.53 -21.86
CA LEU A 824 9.59 14.63 -21.22
C LEU A 824 9.17 14.73 -19.78
N ARG A 825 10.12 14.45 -18.89
CA ARG A 825 9.83 14.39 -17.46
C ARG A 825 9.78 15.80 -16.88
N VAL A 826 8.72 16.50 -17.23
CA VAL A 826 8.45 17.82 -16.73
C VAL A 826 7.36 17.62 -15.73
N PRO A 827 7.65 17.82 -14.44
CA PRO A 827 6.62 17.65 -13.42
C PRO A 827 5.45 18.58 -13.68
N ARG A 828 4.28 18.16 -13.23
CA ARG A 828 3.03 18.81 -13.59
C ARG A 828 3.02 20.32 -13.34
N ARG A 829 3.54 20.75 -12.19
CA ARG A 829 3.57 22.16 -11.79
C ARG A 829 4.33 23.02 -12.81
N ASN A 830 5.33 22.41 -13.45
CA ASN A 830 6.19 23.10 -14.41
C ASN A 830 5.71 23.05 -15.86
N GLN A 831 4.68 22.25 -16.13
CA GLN A 831 4.34 21.85 -17.49
C GLN A 831 3.79 23.00 -18.35
N ASP A 832 2.88 23.78 -17.79
CA ASP A 832 2.36 24.94 -18.52
C ASP A 832 3.43 25.90 -19.03
N ASP A 833 4.41 26.24 -18.20
CA ASP A 833 5.56 27.06 -18.66
C ASP A 833 6.37 26.36 -19.74
N PHE A 834 6.62 25.07 -19.56
CA PHE A 834 7.38 24.30 -20.53
C PHE A 834 6.65 24.30 -21.89
N LEU A 835 5.32 24.13 -21.84
CA LEU A 835 4.44 24.21 -22.99
C LEU A 835 4.43 25.58 -23.68
N ARG A 836 4.45 26.65 -22.89
CA ARG A 836 4.45 28.00 -23.44
C ARG A 836 5.77 28.33 -24.16
N ASP A 837 6.88 27.94 -23.54
CA ASP A 837 8.20 28.37 -23.94
C ASP A 837 9.07 27.34 -24.67
N GLN A 838 9.03 26.08 -24.26
CA GLN A 838 9.99 25.09 -24.77
C GLN A 838 9.45 24.19 -25.89
N VAL A 839 8.19 23.74 -25.76
CA VAL A 839 7.58 22.89 -26.79
C VAL A 839 7.53 23.60 -28.19
N PRO A 840 7.23 24.92 -28.23
CA PRO A 840 7.32 25.64 -29.49
C PRO A 840 8.68 25.47 -30.15
N VAL A 841 9.75 25.47 -29.37
CA VAL A 841 11.07 25.26 -29.96
C VAL A 841 11.16 23.88 -30.61
N LEU A 842 10.57 22.88 -29.97
CA LEU A 842 10.61 21.52 -30.50
C LEU A 842 9.81 21.42 -31.79
N VAL A 843 8.70 22.16 -31.86
CA VAL A 843 7.82 22.05 -33.00
C VAL A 843 8.45 22.72 -34.22
N ARG A 844 9.15 23.83 -33.98
CA ARG A 844 9.88 24.50 -35.04
C ARG A 844 10.98 23.62 -35.59
N ALA A 845 11.65 22.87 -34.72
CA ALA A 845 12.71 22.00 -35.18
C ALA A 845 12.13 20.87 -36.02
N GLY A 846 11.05 20.29 -35.55
CA GLY A 846 10.43 19.19 -36.26
C GLY A 846 9.99 19.55 -37.66
N ILE A 847 9.48 20.76 -37.80
CA ILE A 847 9.04 21.27 -39.09
C ILE A 847 10.21 21.41 -40.06
N GLU A 848 11.27 22.11 -39.67
CA GLU A 848 12.40 22.28 -40.57
C GLU A 848 13.11 20.94 -40.89
N HIS A 849 12.69 19.86 -40.27
CA HIS A 849 13.25 18.55 -40.61
C HIS A 849 12.18 17.70 -41.27
N GLY A 850 11.08 18.36 -41.62
CA GLY A 850 10.06 17.75 -42.44
C GLY A 850 9.04 16.89 -41.72
N ALA A 851 8.91 17.03 -40.40
CA ALA A 851 7.91 16.26 -39.68
C ALA A 851 6.56 16.76 -40.17
N ASP A 852 5.64 15.85 -40.45
CA ASP A 852 4.38 16.23 -41.10
C ASP A 852 3.24 16.35 -40.10
N ARG A 853 3.43 15.70 -38.96
CA ARG A 853 2.46 15.75 -37.89
C ARG A 853 3.18 15.81 -36.56
N TRP A 854 2.63 16.55 -35.61
CA TRP A 854 3.16 16.57 -34.26
C TRP A 854 1.99 16.74 -33.31
N PHE A 855 2.13 16.27 -32.08
CA PHE A 855 1.14 16.58 -31.05
C PHE A 855 1.71 16.35 -29.65
N PHE A 856 1.01 16.78 -28.62
CA PHE A 856 1.47 16.47 -27.28
C PHE A 856 0.31 16.07 -26.42
N ILE A 857 0.58 15.20 -25.44
CA ILE A 857 -0.38 14.86 -24.43
C ILE A 857 0.30 14.91 -23.04
N ARG A 858 -0.50 15.16 -22.02
CA ARG A 858 -0.09 15.05 -20.64
C ARG A 858 -0.42 13.61 -20.24
N TYR A 859 0.55 12.93 -19.64
CA TYR A 859 0.42 11.52 -19.40
C TYR A 859 0.89 11.24 -17.99
N SER A 860 0.33 10.21 -17.36
CA SER A 860 0.88 9.77 -16.09
C SER A 860 1.16 8.27 -16.14
N ASP A 861 2.43 7.87 -15.93
CA ASP A 861 2.76 6.45 -15.81
C ASP A 861 3.29 6.09 -14.43
N THR A 862 3.96 4.95 -14.34
CA THR A 862 4.43 4.46 -13.05
C THR A 862 5.48 5.42 -12.47
N ALA A 863 6.03 6.30 -13.30
CA ALA A 863 7.08 7.21 -12.86
C ALA A 863 6.60 8.65 -12.70
N GLY A 864 5.30 8.84 -12.72
CA GLY A 864 4.75 10.13 -12.43
C GLY A 864 4.13 10.80 -13.63
N GLN A 865 3.94 12.11 -13.52
CA GLN A 865 3.36 12.93 -14.57
C GLN A 865 4.41 13.50 -15.49
N HIS A 866 4.18 13.37 -16.79
CA HIS A 866 5.13 13.88 -17.77
C HIS A 866 4.40 14.35 -19.02
N LEU A 867 5.14 14.89 -19.97
CA LEU A 867 4.56 15.25 -21.27
C LEU A 867 5.03 14.23 -22.27
N ARG A 868 4.19 13.92 -23.23
CA ARG A 868 4.64 13.10 -24.34
C ARG A 868 4.45 13.90 -25.61
N VAL A 869 5.50 14.03 -26.39
CA VAL A 869 5.36 14.77 -27.62
C VAL A 869 5.60 13.82 -28.77
N ARG A 870 4.71 13.84 -29.76
CA ARG A 870 4.92 12.95 -30.92
C ARG A 870 5.16 13.64 -32.25
N PHE A 871 6.17 13.20 -33.01
CA PHE A 871 6.39 13.73 -34.37
C PHE A 871 6.25 12.61 -35.36
N ARG A 872 5.71 12.92 -36.54
CA ARG A 872 5.66 11.95 -37.62
C ARG A 872 6.48 12.48 -38.79
N GLY A 873 7.24 11.58 -39.41
CA GLY A 873 8.06 11.95 -40.54
C GLY A 873 8.80 10.80 -41.15
N GLU A 874 9.59 11.13 -42.15
CA GLU A 874 10.47 10.18 -42.80
C GLU A 874 11.60 9.75 -41.87
N ARG A 875 11.82 8.44 -41.78
CA ARG A 875 12.84 7.84 -40.92
C ARG A 875 14.19 8.58 -40.85
N GLU A 876 14.83 8.83 -41.99
CA GLU A 876 16.18 9.42 -41.99
C GLU A 876 16.19 10.82 -41.39
N LYS A 877 15.29 11.67 -41.87
CA LYS A 877 15.20 13.04 -41.41
C LYS A 877 14.91 13.07 -39.91
N LEU A 878 14.01 12.18 -39.47
CA LEU A 878 13.60 12.12 -38.07
C LEU A 878 14.79 11.74 -37.19
N TRP A 879 15.40 10.59 -37.46
CA TRP A 879 16.41 10.05 -36.55
C TRP A 879 17.83 10.55 -36.73
N ALA A 880 18.19 11.05 -37.89
CA ALA A 880 19.56 11.51 -38.06
C ALA A 880 19.65 13.03 -38.08
N GLY A 881 18.52 13.67 -38.31
CA GLY A 881 18.47 15.12 -38.39
C GLY A 881 17.78 15.73 -37.19
N LEU A 882 16.50 15.41 -37.01
CA LEU A 882 15.69 15.98 -35.95
C LEU A 882 16.12 15.55 -34.58
N LEU A 883 16.32 14.26 -34.39
CA LEU A 883 16.63 13.75 -33.05
C LEU A 883 17.82 14.40 -32.36
N PRO A 884 18.94 14.58 -33.08
CA PRO A 884 20.06 15.19 -32.37
C PRO A 884 19.88 16.69 -32.13
N GLU A 885 19.11 17.37 -32.95
CA GLU A 885 18.86 18.78 -32.67
C GLU A 885 18.03 18.88 -31.39
N ILE A 886 16.96 18.10 -31.35
CA ILE A 886 16.08 17.94 -30.22
C ILE A 886 16.85 17.55 -28.94
N GLY A 887 17.72 16.56 -29.04
CA GLY A 887 18.44 16.09 -27.88
C GLY A 887 19.34 17.14 -27.26
N ALA A 888 20.06 17.87 -28.10
CA ALA A 888 20.92 18.91 -27.57
C ALA A 888 20.10 19.95 -26.80
N ARG A 889 18.94 20.34 -27.33
CA ARG A 889 18.08 21.26 -26.62
C ARG A 889 17.56 20.63 -25.31
N LEU A 890 17.21 19.34 -25.36
CA LEU A 890 16.71 18.63 -24.19
C LEU A 890 17.76 18.55 -23.09
N VAL A 891 19.02 18.43 -23.47
CA VAL A 891 20.07 18.43 -22.48
C VAL A 891 20.28 19.85 -21.91
N GLU A 892 20.29 20.89 -22.74
CA GLU A 892 20.34 22.25 -22.23
C GLU A 892 19.22 22.46 -21.22
N TRP A 893 17.99 22.10 -21.60
CA TRP A 893 16.84 22.37 -20.74
C TRP A 893 16.94 21.64 -19.40
N GLN A 894 17.54 20.46 -19.39
CA GLN A 894 17.81 19.75 -18.15
C GLN A 894 18.79 20.53 -17.23
N ARG A 895 19.92 20.97 -17.79
CA ARG A 895 20.86 21.77 -17.01
C ARG A 895 20.22 23.02 -16.40
N GLN A 896 19.32 23.66 -17.15
CA GLN A 896 18.57 24.80 -16.64
C GLN A 896 17.43 24.37 -15.70
N GLY A 897 17.33 23.09 -15.42
CA GLY A 897 16.30 22.62 -14.51
C GLY A 897 14.84 22.65 -14.99
N LEU A 898 14.60 22.48 -16.29
CA LEU A 898 13.25 22.57 -16.83
C LEU A 898 12.57 21.19 -16.94
N LEU A 899 13.38 20.14 -17.01
CA LEU A 899 12.85 18.78 -17.04
C LEU A 899 13.93 17.88 -16.47
N ALA A 900 13.52 16.76 -15.89
CA ALA A 900 14.47 15.88 -15.19
C ALA A 900 15.13 14.94 -16.16
N GLY A 901 14.46 14.70 -17.29
CA GLY A 901 15.01 13.75 -18.24
C GLY A 901 14.06 13.43 -19.37
N HIS A 902 14.56 12.70 -20.35
CA HIS A 902 13.72 12.31 -21.44
C HIS A 902 14.02 10.90 -21.85
N GLU A 903 13.00 10.19 -22.35
CA GLU A 903 13.18 8.90 -23.03
C GLU A 903 12.52 8.87 -24.39
N LEU A 904 12.88 7.87 -25.18
CA LEU A 904 12.18 7.60 -26.44
C LEU A 904 11.38 6.32 -26.33
N GLY A 905 10.06 6.40 -26.52
CA GLY A 905 9.23 5.22 -26.36
C GLY A 905 8.46 4.87 -27.61
N GLN A 906 7.84 3.70 -27.65
CA GLN A 906 7.08 3.25 -28.83
C GLN A 906 5.74 3.92 -28.91
N TYR A 907 5.30 4.27 -30.12
CA TYR A 907 3.96 4.84 -30.26
C TYR A 907 2.96 3.81 -30.80
N ASP A 908 1.97 3.44 -29.99
CA ASP A 908 0.90 2.59 -30.50
C ASP A 908 -0.37 3.40 -30.68
N PRO A 909 -0.63 3.90 -31.91
CA PRO A 909 -1.82 4.70 -32.20
C PRO A 909 -3.10 3.87 -32.07
N GLU A 910 -4.09 4.40 -31.35
CA GLU A 910 -5.31 3.64 -31.14
C GLU A 910 -6.48 4.18 -31.99
N TYR A 911 -6.38 4.04 -33.30
CA TYR A 911 -7.37 4.63 -34.20
C TYR A 911 -8.77 4.09 -33.98
N GLU A 912 -8.88 2.90 -33.42
CA GLU A 912 -10.18 2.32 -33.10
C GLU A 912 -11.04 3.22 -32.20
N ARG A 913 -10.43 3.90 -31.23
CA ARG A 913 -11.16 4.90 -30.45
C ARG A 913 -11.66 6.05 -31.35
N TYR A 914 -11.00 6.25 -32.48
CA TYR A 914 -11.33 7.40 -33.34
C TYR A 914 -11.84 6.99 -34.72
N GLY A 915 -12.69 5.97 -34.78
CA GLY A 915 -13.35 5.67 -36.02
C GLY A 915 -12.61 4.76 -36.98
N GLY A 916 -11.41 4.32 -36.62
CA GLY A 916 -10.69 3.35 -37.44
C GLY A 916 -9.67 3.93 -38.40
N ASP A 917 -8.93 3.04 -39.07
CA ASP A 917 -7.76 3.51 -39.81
C ASP A 917 -8.07 4.44 -40.98
N ALA A 918 -9.26 4.37 -41.56
CA ALA A 918 -9.57 5.25 -42.70
C ALA A 918 -9.63 6.68 -42.22
N LEU A 919 -9.97 6.85 -40.95
CA LEU A 919 -10.12 8.17 -40.38
C LEU A 919 -8.85 8.71 -39.75
N ALA A 920 -7.77 7.94 -39.83
CA ALA A 920 -6.53 8.27 -39.12
C ALA A 920 -5.99 9.67 -39.42
N GLU A 921 -5.99 10.06 -40.69
CA GLU A 921 -5.46 11.37 -41.04
C GLU A 921 -6.25 12.49 -40.41
N PHE A 922 -7.55 12.29 -40.25
CA PHE A 922 -8.38 13.31 -39.61
C PHE A 922 -8.08 13.36 -38.10
N THR A 923 -7.81 12.20 -37.52
CA THR A 923 -7.44 12.12 -36.13
C THR A 923 -6.10 12.81 -35.87
N GLU A 924 -5.07 12.47 -36.65
CA GLU A 924 -3.77 13.08 -36.44
C GLU A 924 -3.86 14.59 -36.55
N THR A 925 -4.66 15.03 -37.50
CA THR A 925 -4.80 16.46 -37.71
C THR A 925 -5.49 17.15 -36.55
N ALA A 926 -6.59 16.58 -36.10
CA ALA A 926 -7.25 17.10 -34.93
C ALA A 926 -6.25 17.24 -33.75
N PHE A 927 -5.52 16.17 -33.48
CA PHE A 927 -4.52 16.16 -32.42
C PHE A 927 -3.46 17.24 -32.63
N GLN A 928 -2.97 17.41 -33.85
CA GLN A 928 -1.98 18.45 -34.09
C GLN A 928 -2.53 19.85 -33.81
N HIS A 929 -3.67 20.19 -34.41
CA HIS A 929 -4.25 21.52 -34.28
C HIS A 929 -4.77 21.79 -32.87
N ASP A 930 -5.25 20.77 -32.18
CA ASP A 930 -5.68 20.97 -30.81
C ASP A 930 -4.49 21.22 -29.90
N SER A 931 -3.37 20.59 -30.23
CA SER A 931 -2.13 20.80 -29.50
C SER A 931 -1.67 22.24 -29.68
N ALA A 932 -1.75 22.72 -30.91
CA ALA A 932 -1.28 24.08 -31.19
C ALA A 932 -2.16 25.11 -30.46
N ALA A 933 -3.48 24.89 -30.54
CA ALA A 933 -4.48 25.69 -29.84
C ALA A 933 -4.20 25.78 -28.36
N ALA A 934 -3.94 24.64 -27.72
CA ALA A 934 -3.67 24.60 -26.28
C ALA A 934 -2.46 25.46 -25.92
N ILE A 935 -1.39 25.31 -26.68
CA ILE A 935 -0.22 26.16 -26.49
C ILE A 935 -0.57 27.64 -26.63
N SER A 936 -1.35 27.98 -27.65
CA SER A 936 -1.82 29.36 -27.87
C SER A 936 -2.57 29.92 -26.68
N LEU A 937 -3.51 29.11 -26.17
CA LEU A 937 -4.36 29.48 -25.06
C LEU A 937 -3.54 29.63 -23.76
N LEU A 938 -2.62 28.70 -23.53
CA LEU A 938 -1.78 28.78 -22.34
C LEU A 938 -0.93 30.04 -22.38
N ARG A 939 -0.48 30.42 -23.57
CA ARG A 939 0.34 31.61 -23.73
C ARG A 939 -0.46 32.89 -23.48
N LEU A 940 -1.74 32.91 -23.87
CA LEU A 940 -2.60 34.05 -23.52
C LEU A 940 -2.71 34.09 -22.01
N THR A 941 -2.95 32.93 -21.44
CA THR A 941 -3.22 32.79 -20.01
C THR A 941 -2.08 33.25 -19.07
N ARG A 942 -0.84 33.24 -19.56
CA ARG A 942 0.27 33.76 -18.78
C ARG A 942 0.13 35.26 -18.55
N ARG A 943 -0.44 35.97 -19.52
CA ARG A 943 -0.42 37.43 -19.46
C ARG A 943 -1.18 37.94 -18.26
N ALA A 944 -0.56 38.90 -17.59
CA ALA A 944 -1.20 39.56 -16.46
C ALA A 944 -2.40 40.36 -16.98
N GLY A 945 -3.59 40.05 -16.47
CA GLY A 945 -4.76 40.80 -16.87
C GLY A 945 -5.71 40.07 -17.79
N PHE A 946 -5.23 38.99 -18.40
CA PHE A 946 -6.09 38.15 -19.24
C PHE A 946 -7.31 37.78 -18.42
N ARG A 947 -8.49 38.08 -18.94
CA ARG A 947 -9.69 38.06 -18.14
C ARG A 947 -10.08 36.66 -17.76
N TYR A 948 -9.89 35.73 -18.69
CA TYR A 948 -10.45 34.40 -18.56
C TYR A 948 -9.49 33.43 -17.87
N THR A 949 -10.07 32.55 -17.05
CA THR A 949 -9.30 31.52 -16.39
C THR A 949 -9.07 30.36 -17.36
N LEU A 950 -8.22 29.43 -16.98
CA LEU A 950 -7.99 28.23 -17.76
C LEU A 950 -9.27 27.41 -17.88
N ASP A 951 -10.04 27.29 -16.79
CA ASP A 951 -11.28 26.53 -16.84
C ASP A 951 -12.25 27.12 -17.84
N GLU A 952 -12.26 28.46 -17.90
CA GLU A 952 -13.10 29.14 -18.85
C GLU A 952 -12.69 28.82 -20.28
N VAL A 953 -11.42 29.04 -20.62
CA VAL A 953 -10.99 28.82 -21.99
C VAL A 953 -11.14 27.34 -22.36
N THR A 954 -11.04 26.45 -21.36
CA THR A 954 -11.23 25.02 -21.60
C THR A 954 -12.70 24.70 -21.87
N ALA A 955 -13.60 25.30 -21.09
CA ALA A 955 -15.03 25.19 -21.35
C ALA A 955 -15.34 25.72 -22.75
N ILE A 956 -14.80 26.90 -23.06
CA ILE A 956 -14.92 27.46 -24.37
C ILE A 956 -14.39 26.49 -25.42
N SER A 957 -13.26 25.87 -25.13
CA SER A 957 -12.66 24.93 -26.08
C SER A 957 -13.51 23.66 -26.25
N ALA A 958 -14.08 23.14 -25.17
CA ALA A 958 -14.96 21.98 -25.30
C ALA A 958 -16.16 22.28 -26.19
N ALA A 959 -16.84 23.38 -25.88
CA ALA A 959 -18.08 23.72 -26.58
C ALA A 959 -17.81 24.01 -28.05
N ALA A 960 -16.67 24.63 -28.31
CA ALA A 960 -16.27 24.95 -29.66
C ALA A 960 -15.98 23.69 -30.48
N LEU A 961 -15.41 22.67 -29.84
CA LEU A 961 -15.19 21.40 -30.53
C LEU A 961 -16.49 20.69 -30.83
N ALA A 962 -17.37 20.61 -29.83
CA ALA A 962 -18.71 20.03 -30.01
C ALA A 962 -19.47 20.66 -31.15
N ASP A 963 -19.45 22.00 -31.24
CA ASP A 963 -20.09 22.72 -32.36
C ASP A 963 -19.45 22.20 -33.63
N ALA A 964 -18.13 22.16 -33.63
CA ALA A 964 -17.39 21.97 -34.87
C ALA A 964 -17.55 20.57 -35.47
N PHE A 965 -17.68 19.55 -34.62
CA PHE A 965 -17.83 18.18 -35.12
C PHE A 965 -19.05 18.09 -36.02
N GLY A 966 -20.07 18.86 -35.67
CA GLY A 966 -21.27 18.90 -36.49
C GLY A 966 -22.30 17.88 -36.06
N PRO A 967 -23.37 17.75 -36.85
CA PRO A 967 -24.52 16.87 -36.58
C PRO A 967 -24.05 15.44 -36.39
N PRO A 968 -24.72 14.69 -35.50
CA PRO A 968 -24.47 13.25 -35.36
C PRO A 968 -24.80 12.43 -36.60
N ALA A 969 -24.48 11.15 -36.56
CA ALA A 969 -24.99 10.19 -37.54
C ALA A 969 -26.41 9.89 -37.07
N PRO A 970 -27.30 9.50 -38.00
CA PRO A 970 -28.68 9.19 -37.61
C PRO A 970 -28.78 7.98 -36.67
N VAL A 971 -29.75 8.02 -35.76
CA VAL A 971 -29.91 6.97 -34.77
C VAL A 971 -31.12 6.07 -35.06
N VAL A 972 -31.03 4.81 -34.67
CA VAL A 972 -32.15 3.88 -34.78
C VAL A 972 -33.10 3.99 -33.57
N GLU A 973 -32.49 4.13 -32.39
CA GLU A 973 -33.20 4.15 -31.13
C GLU A 973 -32.46 5.15 -30.26
N PRO A 974 -33.19 5.91 -29.42
CA PRO A 974 -32.42 6.73 -28.48
C PRO A 974 -31.50 5.84 -27.62
N VAL A 975 -30.28 6.31 -27.40
CA VAL A 975 -29.28 5.52 -26.66
C VAL A 975 -29.37 5.70 -25.16
N PRO A 976 -29.44 4.57 -24.44
CA PRO A 976 -29.41 4.63 -22.98
C PRO A 976 -28.04 5.18 -22.53
N LEU A 977 -28.08 6.34 -21.89
CA LEU A 977 -26.87 7.00 -21.40
C LEU A 977 -26.60 6.76 -19.91
N VAL A 978 -25.32 6.82 -19.55
CA VAL A 978 -24.85 6.58 -18.19
C VAL A 978 -25.56 7.44 -17.14
N GLY A 979 -26.05 8.60 -17.57
CA GLY A 979 -26.65 9.54 -16.65
C GLY A 979 -28.16 9.40 -16.56
N GLY A 980 -28.73 8.56 -17.43
CA GLY A 980 -30.17 8.37 -17.46
C GLY A 980 -30.80 9.18 -18.58
N LEU A 981 -30.02 10.06 -19.19
CA LEU A 981 -30.51 10.86 -20.30
C LEU A 981 -30.83 9.94 -21.46
N GLN A 982 -31.90 10.23 -22.18
CA GLN A 982 -32.24 9.43 -23.34
C GLN A 982 -31.63 10.11 -24.55
N TRP A 983 -30.35 9.82 -24.76
CA TRP A 983 -29.62 10.44 -25.84
C TRP A 983 -30.29 10.15 -27.17
N ALA A 984 -30.62 11.20 -27.90
CA ALA A 984 -31.35 11.08 -29.16
C ALA A 984 -31.06 12.30 -30.03
N PRO A 985 -30.42 12.08 -31.20
CA PRO A 985 -30.10 13.12 -32.17
C PRO A 985 -31.24 14.10 -32.47
N ASP A 986 -32.47 13.63 -32.61
CA ASP A 986 -33.60 14.49 -33.00
C ASP A 986 -33.98 15.53 -31.93
N LEU A 987 -33.54 15.29 -30.70
CA LEU A 987 -33.73 16.21 -29.59
C LEU A 987 -32.86 17.49 -29.77
N PHE A 988 -31.81 17.38 -30.56
CA PHE A 988 -30.85 18.48 -30.74
C PHE A 988 -30.74 19.00 -32.17
N ASP A 989 -31.86 19.07 -32.90
CA ASP A 989 -31.83 19.59 -34.27
C ASP A 989 -31.18 20.98 -34.34
N GLY A 990 -30.17 21.11 -35.18
CA GLY A 990 -29.52 22.40 -35.35
C GLY A 990 -28.49 22.81 -34.32
N ASP A 991 -28.36 22.05 -33.23
CA ASP A 991 -27.46 22.42 -32.12
C ASP A 991 -26.51 21.29 -31.75
N PRO A 992 -25.48 21.06 -32.59
CA PRO A 992 -24.50 19.98 -32.37
C PRO A 992 -23.70 20.12 -31.06
N ALA A 993 -23.50 21.37 -30.61
CA ALA A 993 -22.84 21.63 -29.35
C ALA A 993 -23.58 20.96 -28.22
N ALA A 994 -24.86 21.28 -28.10
CA ALA A 994 -25.68 20.67 -27.05
C ALA A 994 -25.76 19.15 -27.25
N ALA A 995 -25.82 18.74 -28.51
CA ALA A 995 -25.83 17.31 -28.87
C ALA A 995 -24.71 16.61 -28.15
N TRP A 996 -23.48 16.90 -28.57
CA TRP A 996 -22.30 16.24 -28.00
C TRP A 996 -22.07 16.53 -26.51
N MET A 997 -22.23 17.76 -26.07
CA MET A 997 -22.03 18.06 -24.66
C MET A 997 -23.00 17.28 -23.77
N SER A 998 -24.08 16.76 -24.33
CA SER A 998 -25.05 16.04 -23.51
C SER A 998 -24.59 14.61 -23.20
N SER A 999 -23.69 14.09 -24.03
CA SER A 999 -23.21 12.72 -23.87
C SER A 999 -22.11 12.68 -22.81
N THR A 1000 -21.86 13.84 -22.23
CA THR A 1000 -20.71 14.08 -21.39
C THR A 1000 -21.01 14.04 -19.89
N GLY A 1001 -22.29 14.00 -19.52
CA GLY A 1001 -22.66 13.90 -18.12
C GLY A 1001 -24.15 13.88 -17.81
N GLY A 1002 -24.47 13.42 -16.60
CA GLY A 1002 -25.83 13.41 -16.08
C GLY A 1002 -26.17 14.83 -15.72
N ARG A 1003 -27.44 15.20 -15.85
CA ARG A 1003 -27.85 16.57 -15.56
C ARG A 1003 -27.56 16.98 -14.13
N ARG A 1004 -27.59 16.02 -13.21
CA ARG A 1004 -27.35 16.27 -11.79
C ARG A 1004 -25.88 16.47 -11.46
N GLU A 1005 -25.01 15.97 -12.34
CA GLU A 1005 -23.56 16.03 -12.12
C GLU A 1005 -23.00 17.41 -12.46
N LEU A 1006 -23.88 18.37 -12.75
CA LEU A 1006 -23.47 19.75 -12.99
C LEU A 1006 -22.71 20.28 -11.79
N PRO A 1007 -21.63 21.00 -12.04
CA PRO A 1007 -20.80 21.43 -10.91
C PRO A 1007 -21.46 22.57 -10.15
N PRO A 1008 -21.21 22.63 -8.84
CA PRO A 1008 -21.62 23.73 -7.98
C PRO A 1008 -21.50 25.09 -8.66
N ASP A 1009 -20.28 25.44 -9.06
CA ASP A 1009 -19.97 26.74 -9.68
C ASP A 1009 -20.90 27.12 -10.83
N TYR A 1010 -21.50 26.11 -11.45
CA TYR A 1010 -22.48 26.37 -12.49
C TYR A 1010 -23.88 26.64 -11.94
N ARG A 1011 -24.35 25.79 -11.03
CA ARG A 1011 -25.71 25.93 -10.52
C ARG A 1011 -25.92 27.21 -9.73
N ARG A 1012 -24.90 27.63 -8.99
CA ARG A 1012 -24.98 28.87 -8.21
C ARG A 1012 -24.88 30.12 -9.08
N ASP A 1013 -24.72 29.93 -10.38
CA ASP A 1013 -24.50 31.07 -11.28
C ASP A 1013 -24.78 30.84 -12.79
N PRO A 1014 -25.87 30.14 -13.14
CA PRO A 1014 -26.04 29.71 -14.53
C PRO A 1014 -26.24 30.86 -15.52
N ALA A 1015 -26.55 32.05 -15.01
CA ALA A 1015 -26.78 33.21 -15.87
C ALA A 1015 -25.49 33.60 -16.56
N ARG A 1016 -24.37 33.44 -15.85
CA ARG A 1016 -23.06 33.78 -16.40
C ARG A 1016 -22.70 32.86 -17.55
N TRP A 1017 -22.56 31.58 -17.20
CA TRP A 1017 -22.06 30.57 -18.12
C TRP A 1017 -22.86 30.46 -19.39
N GLN A 1018 -24.18 30.66 -19.30
CA GLN A 1018 -25.00 30.68 -20.48
C GLN A 1018 -24.60 31.83 -21.40
N LYS A 1019 -24.25 32.95 -20.80
CA LYS A 1019 -23.90 34.15 -21.57
C LYS A 1019 -22.52 34.04 -22.21
N LEU A 1020 -21.61 33.39 -21.49
CA LEU A 1020 -20.23 33.24 -21.94
C LEU A 1020 -20.10 32.11 -22.98
N ILE A 1021 -20.58 30.92 -22.63
CA ILE A 1021 -20.40 29.76 -23.47
C ILE A 1021 -21.61 29.54 -24.36
N ASP A 1022 -21.63 30.23 -25.49
CA ASP A 1022 -22.78 30.25 -26.40
C ASP A 1022 -22.39 30.08 -27.87
N PRO A 1023 -21.97 28.87 -28.24
CA PRO A 1023 -21.53 28.62 -29.61
C PRO A 1023 -22.70 28.74 -30.57
N THR A 1024 -23.85 28.15 -30.20
CA THR A 1024 -25.02 28.15 -31.08
C THR A 1024 -25.48 29.58 -31.39
N GLY A 1025 -25.34 30.47 -30.41
CA GLY A 1025 -25.70 31.86 -30.60
C GLY A 1025 -24.65 32.72 -31.30
N GLY A 1026 -23.56 32.11 -31.75
CA GLY A 1026 -22.51 32.81 -32.47
C GLY A 1026 -21.43 33.43 -31.58
N TRP A 1027 -21.45 33.07 -30.29
CA TRP A 1027 -20.46 33.51 -29.30
C TRP A 1027 -20.46 35.01 -29.08
N PRO A 1028 -21.63 35.60 -28.79
CA PRO A 1028 -21.77 37.08 -28.88
C PRO A 1028 -20.95 37.80 -27.81
N LEU A 1029 -21.10 37.37 -26.56
CA LEU A 1029 -20.39 37.99 -25.46
C LEU A 1029 -18.88 37.89 -25.65
N LEU A 1030 -18.40 36.72 -26.07
CA LEU A 1030 -16.96 36.52 -26.25
C LEU A 1030 -16.37 37.48 -27.27
N ARG A 1031 -17.11 37.73 -28.35
CA ARG A 1031 -16.63 38.60 -29.42
C ARG A 1031 -16.63 40.07 -29.05
N ALA A 1032 -17.24 40.40 -27.91
CA ALA A 1032 -17.15 41.74 -27.35
C ALA A 1032 -15.73 41.95 -26.91
N ASP A 1033 -15.31 41.12 -25.95
CA ASP A 1033 -13.99 41.18 -25.31
C ASP A 1033 -12.87 41.08 -26.34
N GLU A 1034 -11.78 41.82 -26.14
CA GLU A 1034 -10.59 41.64 -26.99
C GLU A 1034 -9.95 40.29 -26.65
N ASP A 1035 -9.88 39.99 -25.37
CA ASP A 1035 -9.39 38.70 -24.91
C ASP A 1035 -10.24 37.56 -25.46
N GLY A 1036 -11.56 37.74 -25.47
CA GLY A 1036 -12.47 36.71 -25.94
C GLY A 1036 -12.27 36.38 -27.40
N CYS A 1037 -11.93 37.40 -28.18
CA CYS A 1037 -11.64 37.24 -29.59
C CYS A 1037 -10.39 36.41 -29.78
N GLN A 1038 -9.36 36.71 -29.00
CA GLN A 1038 -8.09 36.01 -29.11
C GLN A 1038 -8.25 34.53 -28.73
N VAL A 1039 -9.23 34.26 -27.89
CA VAL A 1039 -9.54 32.89 -27.54
C VAL A 1039 -10.09 32.18 -28.74
N LEU A 1040 -11.05 32.80 -29.42
CA LEU A 1040 -11.68 32.15 -30.56
C LEU A 1040 -10.76 32.00 -31.77
N ALA A 1041 -9.88 32.98 -32.01
CA ALA A 1041 -8.94 32.89 -33.13
C ALA A 1041 -8.02 31.68 -32.94
N ALA A 1042 -7.55 31.50 -31.70
CA ALA A 1042 -6.62 30.42 -31.41
C ALA A 1042 -7.24 29.04 -31.63
N LEU A 1043 -8.56 28.98 -31.73
CA LEU A 1043 -9.31 27.74 -31.95
C LEU A 1043 -9.80 27.49 -33.38
N GLU A 1044 -9.48 28.38 -34.31
CA GLU A 1044 -10.08 28.27 -35.65
C GLU A 1044 -9.61 27.05 -36.39
N SER A 1045 -8.31 26.98 -36.57
CA SER A 1045 -7.68 25.90 -37.28
C SER A 1045 -8.08 24.54 -36.66
N ARG A 1046 -8.22 24.49 -35.35
CA ARG A 1046 -8.62 23.21 -34.79
C ARG A 1046 -10.12 22.97 -34.98
N ASP A 1047 -10.92 24.02 -34.96
CA ASP A 1047 -12.33 23.86 -35.35
C ASP A 1047 -12.44 23.35 -36.80
N GLU A 1048 -11.56 23.83 -37.68
CA GLU A 1048 -11.60 23.39 -39.06
C GLU A 1048 -11.36 21.91 -39.11
N ALA A 1049 -10.28 21.47 -38.44
CA ALA A 1049 -9.91 20.07 -38.46
C ALA A 1049 -11.02 19.18 -37.94
N VAL A 1050 -11.72 19.64 -36.93
CA VAL A 1050 -12.74 18.82 -36.36
C VAL A 1050 -13.93 18.79 -37.29
N ARG A 1051 -14.19 19.91 -37.97
CA ARG A 1051 -15.29 19.95 -38.92
C ARG A 1051 -15.07 18.86 -39.98
N ARG A 1052 -13.89 18.85 -40.61
CA ARG A 1052 -13.61 17.86 -41.65
C ARG A 1052 -13.80 16.43 -41.12
N PHE A 1053 -13.20 16.16 -39.96
CA PHE A 1053 -13.26 14.84 -39.32
C PHE A 1053 -14.72 14.44 -39.14
N GLY A 1054 -15.54 15.34 -38.59
CA GLY A 1054 -16.95 15.04 -38.38
C GLY A 1054 -17.65 14.75 -39.69
N THR A 1055 -17.31 15.51 -40.73
CA THR A 1055 -17.82 15.26 -42.08
C THR A 1055 -17.46 13.89 -42.63
N ALA A 1056 -16.17 13.58 -42.74
CA ALA A 1056 -15.76 12.28 -43.28
C ALA A 1056 -16.31 11.17 -42.40
N TYR A 1057 -16.56 11.50 -41.14
CA TYR A 1057 -17.12 10.52 -40.24
C TYR A 1057 -18.57 10.18 -40.55
N ARG A 1058 -19.37 11.19 -40.85
CA ARG A 1058 -20.76 10.96 -41.22
C ARG A 1058 -20.82 10.28 -42.59
N GLU A 1059 -19.87 10.61 -43.47
CA GLU A 1059 -19.79 9.98 -44.79
C GLU A 1059 -19.60 8.45 -44.76
N ALA A 1060 -18.97 7.97 -43.69
CA ALA A 1060 -18.55 6.57 -43.58
C ALA A 1060 -19.48 5.82 -42.64
N PHE A 1061 -20.41 6.57 -42.04
CA PHE A 1061 -21.45 6.00 -41.19
C PHE A 1061 -22.26 5.02 -42.00
N ARG A 1062 -22.84 4.04 -41.31
CA ARG A 1062 -23.89 3.20 -41.87
C ARG A 1062 -24.88 3.04 -40.72
N PRO A 1063 -26.19 3.03 -41.02
CA PRO A 1063 -27.20 2.86 -39.96
C PRO A 1063 -27.02 1.55 -39.17
N THR A 1064 -26.24 0.65 -39.75
CA THR A 1064 -25.89 -0.63 -39.14
C THR A 1064 -24.93 -0.48 -37.97
N ASP A 1065 -24.05 0.52 -38.05
CA ASP A 1065 -22.96 0.71 -37.09
C ASP A 1065 -23.49 0.81 -35.65
N SER A 1066 -22.66 0.45 -34.70
CA SER A 1066 -23.05 0.59 -33.30
C SER A 1066 -23.25 2.06 -33.01
N PRO A 1067 -24.32 2.39 -32.27
CA PRO A 1067 -24.54 3.79 -31.93
C PRO A 1067 -23.37 4.30 -31.08
N SER A 1068 -22.71 3.39 -30.37
CA SER A 1068 -21.66 3.73 -29.41
C SER A 1068 -20.38 4.31 -30.02
N THR A 1069 -20.08 3.98 -31.27
CA THR A 1069 -18.85 4.46 -31.90
C THR A 1069 -18.75 6.00 -31.87
N GLN A 1070 -19.77 6.69 -32.37
CA GLN A 1070 -19.70 8.16 -32.43
C GLN A 1070 -19.70 8.81 -31.04
N LEU A 1071 -20.47 8.26 -30.08
CA LEU A 1071 -20.45 8.79 -28.72
C LEU A 1071 -19.10 8.66 -28.01
N ARG A 1072 -18.39 7.58 -28.28
CA ARG A 1072 -17.09 7.38 -27.71
C ARG A 1072 -16.03 8.25 -28.41
N LEU A 1073 -16.17 8.39 -29.73
CA LEU A 1073 -15.21 9.17 -30.51
C LEU A 1073 -15.15 10.61 -30.05
N VAL A 1074 -16.28 11.30 -30.15
CA VAL A 1074 -16.34 12.71 -29.80
C VAL A 1074 -15.98 12.88 -28.33
N GLY A 1075 -16.45 11.95 -27.50
CA GLY A 1075 -16.12 11.96 -26.09
C GLY A 1075 -14.61 11.87 -25.89
N SER A 1076 -13.95 11.07 -26.71
CA SER A 1076 -12.49 10.97 -26.65
C SER A 1076 -11.93 12.32 -27.04
N LEU A 1077 -12.46 12.90 -28.10
CA LEU A 1077 -11.99 14.20 -28.56
C LEU A 1077 -12.20 15.27 -27.50
N LEU A 1078 -13.33 15.24 -26.80
CA LEU A 1078 -13.54 16.18 -25.68
C LEU A 1078 -12.51 15.96 -24.57
N HIS A 1079 -12.31 14.70 -24.18
CA HIS A 1079 -11.32 14.32 -23.16
C HIS A 1079 -9.89 14.81 -23.49
N MET A 1080 -9.40 14.56 -24.70
CA MET A 1080 -8.07 15.01 -25.07
C MET A 1080 -7.88 16.54 -25.08
N THR A 1081 -8.95 17.27 -25.36
CA THR A 1081 -8.85 18.72 -25.33
C THR A 1081 -8.64 19.13 -23.88
N CYS A 1082 -9.29 18.43 -22.96
CA CYS A 1082 -9.09 18.70 -21.55
C CYS A 1082 -7.71 18.25 -21.09
N ASN A 1083 -7.26 17.09 -21.57
CA ASN A 1083 -5.94 16.62 -21.22
C ASN A 1083 -4.92 17.67 -21.64
N ARG A 1084 -4.98 18.16 -22.87
CA ARG A 1084 -3.94 19.06 -23.28
C ARG A 1084 -3.94 20.36 -22.50
N LEU A 1085 -5.11 20.79 -22.08
CA LEU A 1085 -5.28 22.09 -21.46
C LEU A 1085 -5.21 21.99 -19.92
N ILE A 1086 -5.93 21.04 -19.32
CA ILE A 1086 -5.93 20.95 -17.86
C ILE A 1086 -5.73 19.51 -17.45
N GLY A 1087 -6.28 19.11 -16.33
CA GLY A 1087 -6.26 17.68 -16.06
C GLY A 1087 -4.90 17.07 -15.77
N GLY A 1088 -4.96 15.83 -15.34
CA GLY A 1088 -4.11 15.38 -14.27
C GLY A 1088 -5.07 15.49 -13.10
N SER A 1089 -6.35 15.58 -13.41
CA SER A 1089 -7.43 15.59 -12.42
C SER A 1089 -8.79 15.24 -13.03
N ALA A 1090 -9.30 14.04 -12.72
CA ALA A 1090 -10.60 13.60 -13.26
C ALA A 1090 -11.79 14.47 -12.81
N GLU A 1091 -11.76 14.94 -11.56
CA GLU A 1091 -12.84 15.79 -11.07
C GLU A 1091 -12.80 17.12 -11.81
N ARG A 1092 -11.60 17.67 -12.03
CA ARG A 1092 -11.48 18.95 -12.70
C ARG A 1092 -12.06 18.89 -14.11
N GLU A 1093 -11.81 17.79 -14.80
CA GLU A 1093 -12.38 17.61 -16.12
C GLU A 1093 -13.90 17.55 -16.10
N ARG A 1094 -14.46 16.87 -15.11
CA ARG A 1094 -15.91 16.77 -14.98
C ARG A 1094 -16.57 18.11 -14.66
N SER A 1095 -15.93 18.93 -13.83
CA SER A 1095 -16.45 20.26 -13.56
C SER A 1095 -16.45 21.08 -14.84
N VAL A 1096 -15.26 21.23 -15.44
CA VAL A 1096 -15.11 22.08 -16.60
C VAL A 1096 -16.04 21.62 -17.73
N LEU A 1097 -16.21 20.31 -17.88
CA LEU A 1097 -17.14 19.85 -18.92
C LEU A 1097 -18.58 20.14 -18.53
N GLY A 1098 -18.87 20.06 -17.23
CA GLY A 1098 -20.18 20.39 -16.70
C GLY A 1098 -20.58 21.80 -17.06
N LEU A 1099 -19.74 22.77 -16.69
CA LEU A 1099 -19.96 24.17 -17.02
C LEU A 1099 -20.43 24.34 -18.46
N ALA A 1100 -19.73 23.72 -19.38
CA ALA A 1100 -20.06 23.87 -20.78
C ALA A 1100 -21.35 23.13 -21.09
N ARG A 1101 -21.52 21.96 -20.47
CA ARG A 1101 -22.71 21.13 -20.67
C ARG A 1101 -23.98 21.85 -20.25
N GLY A 1102 -23.98 22.34 -19.00
CA GLY A 1102 -25.07 23.17 -18.50
C GLY A 1102 -25.37 24.34 -19.42
N ALA A 1103 -24.36 25.18 -19.69
CA ALA A 1103 -24.52 26.39 -20.50
C ALA A 1103 -25.18 26.17 -21.87
N VAL A 1104 -24.70 25.20 -22.63
CA VAL A 1104 -25.25 24.97 -23.95
C VAL A 1104 -26.61 24.27 -23.89
N GLN A 1105 -26.85 23.49 -22.85
CA GLN A 1105 -28.16 22.88 -22.65
C GLN A 1105 -29.22 23.94 -22.32
N ASP A 1106 -28.89 24.81 -21.36
CA ASP A 1106 -29.80 25.89 -20.98
C ASP A 1106 -30.05 26.88 -22.11
N ASN A 1107 -29.03 27.20 -22.91
CA ASN A 1107 -29.22 28.06 -24.07
C ASN A 1107 -30.18 27.45 -25.07
N LEU A 1108 -30.24 26.12 -25.09
CA LEU A 1108 -31.10 25.43 -26.04
C LEU A 1108 -32.54 25.41 -25.53
N ASN A 1109 -32.71 25.13 -24.23
CA ASN A 1109 -34.03 25.16 -23.62
C ASN A 1109 -34.62 26.56 -23.61
N ARG A 1110 -33.78 27.55 -23.30
CA ARG A 1110 -34.19 28.96 -23.23
C ARG A 1110 -34.75 29.42 -24.56
N ARG A 1111 -34.48 28.66 -25.61
CA ARG A 1111 -34.93 28.98 -26.95
C ARG A 1111 -36.22 28.23 -27.36
N ARG A 1112 -37.33 28.96 -27.19
CA ARG A 1112 -38.74 28.65 -27.51
C ARG A 1112 -39.68 28.88 -26.29
N HIS A 1113 -39.07 29.24 -25.16
CA HIS A 1113 -39.79 29.44 -23.90
C HIS A 1113 -40.27 30.88 -23.78
N ASP B 3 16.82 9.61 38.31
CA ASP B 3 16.72 8.19 37.93
C ASP B 3 16.01 7.96 36.56
N SER B 4 15.17 8.89 36.15
CA SER B 4 14.61 8.88 34.79
C SER B 4 15.63 9.38 33.74
N PRO B 5 15.55 8.88 32.51
CA PRO B 5 16.44 9.49 31.50
C PRO B 5 15.99 10.92 31.17
N PHE B 6 14.82 11.34 31.63
CA PHE B 6 14.38 12.73 31.45
C PHE B 6 14.38 13.49 32.75
N ARG B 7 14.76 14.75 32.68
CA ARG B 7 14.67 15.68 33.78
C ARG B 7 13.79 16.86 33.39
N ALA B 8 12.80 17.17 34.22
CA ALA B 8 11.93 18.29 34.00
C ALA B 8 12.60 19.62 34.33
N TRP B 9 12.10 20.69 33.71
CA TRP B 9 12.53 22.05 34.02
C TRP B 9 12.07 22.41 35.43
N ASP B 10 12.71 23.41 36.02
CA ASP B 10 12.31 23.90 37.34
C ASP B 10 11.01 24.62 37.20
N VAL B 11 10.89 25.42 36.15
CA VAL B 11 9.68 26.19 35.93
C VAL B 11 8.76 25.49 34.95
N PHE B 12 7.50 25.89 34.97
CA PHE B 12 6.51 25.39 34.04
C PHE B 12 5.46 26.44 33.85
N MET B 13 4.70 26.30 32.76
CA MET B 13 3.62 27.24 32.47
C MET B 13 2.31 26.59 32.87
N VAL B 14 1.32 27.42 33.17
CA VAL B 14 0.01 26.94 33.56
C VAL B 14 -1.02 27.61 32.67
N ARG B 15 -1.91 26.80 32.12
CA ARG B 15 -3.04 27.32 31.36
C ARG B 15 -4.26 27.14 32.23
N THR B 16 -5.12 28.16 32.31
CA THR B 16 -6.27 28.10 33.20
C THR B 16 -7.37 29.09 32.78
N PRO B 17 -8.66 28.74 33.00
CA PRO B 17 -9.73 29.69 32.71
C PRO B 17 -9.90 30.73 33.84
N VAL B 18 -10.61 31.81 33.54
CA VAL B 18 -10.84 32.87 34.51
C VAL B 18 -11.59 32.41 35.75
N HIS B 78 -33.49 29.82 25.81
CA HIS B 78 -34.37 30.60 26.69
C HIS B 78 -33.87 32.03 26.87
N LEU B 79 -34.80 32.97 26.85
CA LEU B 79 -34.50 34.39 27.00
C LEU B 79 -33.98 34.81 28.38
N SER B 80 -34.29 34.02 29.41
CA SER B 80 -33.88 34.34 30.78
C SER B 80 -32.37 34.31 30.95
N LEU B 81 -31.75 33.29 30.35
CA LEU B 81 -30.30 33.09 30.43
C LEU B 81 -29.54 34.21 29.73
N LEU B 82 -30.17 34.86 28.76
CA LEU B 82 -29.56 36.01 28.09
C LEU B 82 -29.44 37.20 29.04
N ARG B 83 -30.55 37.70 29.56
CA ARG B 83 -30.51 38.79 30.53
C ARG B 83 -29.69 38.46 31.77
N ALA B 84 -29.73 37.20 32.19
CA ALA B 84 -28.95 36.75 33.33
C ALA B 84 -27.47 37.06 33.09
N ALA B 85 -26.98 36.76 31.89
CA ALA B 85 -25.56 36.94 31.57
C ALA B 85 -25.20 38.35 31.07
N CYS B 86 -26.19 39.23 30.92
CA CYS B 86 -25.89 40.61 30.58
C CYS B 86 -25.19 41.30 31.75
N GLU B 87 -25.27 40.65 32.91
CA GLU B 87 -24.73 41.18 34.17
C GLU B 87 -23.32 40.70 34.51
N ASP B 88 -22.68 40.01 33.56
CA ASP B 88 -21.36 39.44 33.80
C ASP B 88 -20.25 40.06 32.94
N GLY B 89 -19.49 40.98 33.51
CA GLY B 89 -18.27 41.47 32.86
C GLY B 89 -17.02 40.90 33.50
N LEU B 91 -17.34 38.27 31.26
CA LEU B 91 -17.95 37.39 30.26
C LEU B 91 -18.56 38.19 29.11
N MET B 92 -19.13 39.34 29.43
CA MET B 92 -19.73 40.14 28.38
C MET B 92 -18.66 40.76 27.51
N GLU B 93 -17.50 41.03 28.11
CA GLU B 93 -16.38 41.58 27.36
C GLU B 93 -15.80 40.47 26.48
N ALA B 94 -15.70 39.27 27.07
CA ALA B 94 -15.16 38.11 26.37
C ALA B 94 -16.01 37.75 25.16
N VAL B 95 -17.33 37.83 25.31
CA VAL B 95 -18.24 37.53 24.21
C VAL B 95 -18.18 38.67 23.20
N GLU B 96 -17.97 39.88 23.71
CA GLU B 96 -17.79 41.01 22.84
C GLU B 96 -16.50 40.88 22.02
N LEU B 97 -15.56 40.10 22.51
CA LEU B 97 -14.29 39.93 21.81
C LEU B 97 -14.33 38.71 20.90
N ALA B 98 -14.92 37.64 21.38
CA ALA B 98 -14.93 36.40 20.63
C ALA B 98 -16.00 36.40 19.55
N SER B 99 -17.14 37.02 19.83
CA SER B 99 -18.23 37.00 18.87
C SER B 99 -19.03 38.29 18.90
N PRO B 100 -18.56 39.30 18.14
CA PRO B 100 -19.27 40.58 18.04
C PRO B 100 -20.72 40.43 17.55
N SER B 101 -20.98 39.50 16.63
CA SER B 101 -22.35 39.26 16.17
C SER B 101 -23.26 38.84 17.31
N LEU B 102 -22.77 37.94 18.17
CA LEU B 102 -23.54 37.54 19.35
C LEU B 102 -23.56 38.68 20.36
N ALA B 103 -22.49 39.46 20.40
CA ALA B 103 -22.38 40.56 21.37
C ALA B 103 -23.44 41.63 21.13
N GLY B 104 -23.80 41.81 19.87
CA GLY B 104 -24.81 42.78 19.49
C GLY B 104 -26.18 42.37 20.02
N LEU B 105 -26.50 41.09 19.89
CA LEU B 105 -27.78 40.59 20.37
C LEU B 105 -27.91 40.79 21.87
N LEU B 106 -26.82 40.57 22.59
CA LEU B 106 -26.81 40.74 24.05
C LEU B 106 -26.92 42.21 24.46
N ALA B 107 -26.46 43.11 23.58
CA ALA B 107 -26.57 44.54 23.78
C ALA B 107 -27.99 45.05 23.49
N ARG B 108 -28.69 44.37 22.59
CA ARG B 108 -30.10 44.69 22.32
C ARG B 108 -31.02 43.64 22.92
N VAL B 109 -30.60 43.13 24.08
CA VAL B 109 -31.48 42.39 24.98
C VAL B 109 -31.49 43.16 26.30
N ALA B 110 -30.39 43.87 26.54
CA ALA B 110 -30.25 44.69 27.74
C ALA B 110 -31.09 45.96 27.60
N ARG B 111 -31.27 46.42 26.37
CA ARG B 111 -32.10 47.59 26.15
C ARG B 111 -33.56 47.21 25.95
N GLY B 112 -33.83 45.94 25.65
CA GLY B 112 -35.18 45.51 25.39
C GLY B 112 -35.30 45.05 23.96
N ASP B 113 -36.03 43.96 23.74
CA ASP B 113 -36.20 43.39 22.42
C ASP B 113 -36.76 44.45 21.47
N THR B 114 -35.97 44.82 20.47
CA THR B 114 -36.38 45.85 19.51
C THR B 114 -37.12 45.27 18.29
N GLY B 115 -37.09 43.95 18.12
CA GLY B 115 -37.69 43.33 16.95
C GLY B 115 -37.88 41.82 16.95
N GLY B 116 -38.71 41.31 17.85
CA GLY B 116 -39.13 39.92 17.81
C GLY B 116 -38.06 38.84 17.94
N LEU B 117 -36.97 39.00 17.18
CA LEU B 117 -35.81 38.11 17.23
C LEU B 117 -36.03 36.69 16.68
N LYS B 118 -37.25 36.17 16.82
CA LYS B 118 -37.62 34.84 16.33
C LYS B 118 -37.02 33.70 17.17
N ASP B 119 -37.86 32.73 17.52
CA ASP B 119 -37.53 31.65 18.44
C ASP B 119 -36.38 30.72 18.04
N LYS B 120 -35.96 30.77 16.77
CA LYS B 120 -34.83 29.95 16.35
C LYS B 120 -33.55 30.61 16.83
N ARG B 121 -33.48 31.93 16.70
CA ARG B 121 -32.32 32.70 17.11
C ARG B 121 -32.25 32.75 18.64
N LEU B 122 -33.43 32.73 19.29
CA LEU B 122 -33.54 32.74 20.75
C LEU B 122 -32.81 31.60 21.42
N ARG B 123 -33.02 30.39 20.91
CA ARG B 123 -32.43 29.21 21.51
C ARG B 123 -31.00 29.01 21.02
N ARG B 124 -30.67 29.67 19.91
CA ARG B 124 -29.33 29.56 19.34
C ARG B 124 -28.29 30.39 20.08
N ALA B 125 -28.65 31.62 20.42
CA ALA B 125 -27.71 32.52 21.08
C ALA B 125 -27.43 32.02 22.49
N ALA B 126 -28.46 31.47 23.13
CA ALA B 126 -28.35 30.92 24.47
C ALA B 126 -27.39 29.73 24.50
N LEU B 127 -27.52 28.84 23.51
CA LEU B 127 -26.62 27.69 23.46
C LEU B 127 -25.18 28.14 23.20
N ALA B 128 -25.00 29.07 22.28
CA ALA B 128 -23.69 29.63 21.99
C ALA B 128 -23.09 30.29 23.23
N LEU B 129 -23.92 31.07 23.93
CA LEU B 129 -23.48 31.75 25.14
C LEU B 129 -23.16 30.73 26.25
N LEU B 130 -23.93 29.65 26.29
CA LEU B 130 -23.68 28.61 27.29
C LEU B 130 -22.30 27.98 27.06
N ARG B 131 -21.94 27.81 25.80
CA ARG B 131 -20.64 27.27 25.44
C ARG B 131 -19.52 28.18 25.97
N TYR B 132 -19.66 29.48 25.72
CA TYR B 132 -18.66 30.49 26.11
C TYR B 132 -18.54 30.63 27.63
N ASP B 133 -19.64 30.38 28.34
CA ASP B 133 -19.63 30.44 29.79
C ASP B 133 -18.85 29.27 30.32
N ILE B 134 -19.31 28.06 29.94
CA ILE B 134 -18.64 26.82 30.32
C ILE B 134 -17.15 26.94 30.07
N ARG B 135 -16.81 27.52 28.93
CA ARG B 135 -15.42 27.73 28.58
C ARG B 135 -14.71 28.61 29.61
N MET B 136 -15.33 29.75 29.93
CA MET B 136 -14.71 30.71 30.84
C MET B 136 -14.46 30.15 32.24
N ARG B 137 -15.21 29.11 32.58
CA ARG B 137 -15.13 28.60 33.93
C ARG B 137 -14.51 27.19 33.96
N THR B 138 -14.35 26.57 32.79
CA THR B 138 -13.84 25.18 32.75
C THR B 138 -12.73 24.85 31.74
N ARG B 139 -12.65 25.58 30.62
CA ARG B 139 -11.62 25.26 29.61
C ARG B 139 -10.30 26.01 29.74
N PRO B 140 -9.24 25.29 30.15
CA PRO B 140 -7.90 25.86 30.38
C PRO B 140 -7.19 26.33 29.11
N THR B 141 -7.66 25.92 27.92
CA THR B 141 -6.99 26.28 26.66
C THR B 141 -7.05 27.79 26.41
N PRO B 142 -5.88 28.45 26.41
CA PRO B 142 -5.79 29.92 26.32
C PRO B 142 -6.44 30.48 25.09
N PHE B 143 -7.56 31.17 25.29
CA PHE B 143 -8.29 31.75 24.18
C PHE B 143 -8.12 33.26 24.33
N GLY B 144 -9.22 34.01 24.33
CA GLY B 144 -9.13 35.47 24.31
C GLY B 144 -9.12 36.00 25.72
N LEU B 145 -10.30 36.37 26.23
CA LEU B 145 -10.43 36.73 27.63
C LEU B 145 -11.08 35.62 28.45
N PHE B 146 -11.17 34.43 27.86
CA PHE B 146 -11.77 33.26 28.50
C PHE B 146 -10.75 32.49 29.32
N ALA B 147 -9.50 32.48 28.87
CA ALA B 147 -8.46 31.71 29.58
C ALA B 147 -7.03 32.19 29.30
N GLY B 148 -6.09 31.77 30.14
CA GLY B 148 -4.75 32.29 29.98
C GLY B 148 -3.66 31.51 30.67
N VAL B 149 -2.51 32.16 30.76
CA VAL B 149 -1.29 31.52 31.15
C VAL B 149 -0.67 32.18 32.40
N SER B 150 0.16 31.45 33.13
CA SER B 150 0.80 32.01 34.31
C SER B 150 1.98 31.15 34.75
N GLY B 151 2.92 31.75 35.48
CA GLY B 151 4.06 31.03 36.00
C GLY B 151 3.77 29.97 37.06
N GLY B 152 4.68 29.01 37.16
CA GLY B 152 4.60 27.94 38.13
C GLY B 152 6.00 27.41 38.35
N ARG B 153 6.26 26.70 39.44
CA ARG B 153 7.60 26.19 39.71
C ARG B 153 7.53 24.92 40.53
N PHE B 154 8.55 24.06 40.39
CA PHE B 154 8.77 22.95 41.29
C PHE B 154 9.58 23.37 42.51
N ASP B 155 9.15 22.86 43.65
CA ASP B 155 9.64 23.31 44.94
C ASP B 155 9.55 22.11 45.87
N THR B 156 9.64 22.36 47.17
CA THR B 156 9.40 21.30 48.16
C THR B 156 8.06 21.47 48.87
N SER B 157 7.36 22.55 48.52
CA SER B 157 6.10 22.90 49.17
C SER B 157 4.98 23.22 48.17
N ALA B 158 3.86 22.51 48.25
CA ALA B 158 2.70 22.79 47.40
C ALA B 158 2.12 24.19 47.65
N LYS B 159 1.62 24.83 46.60
CA LYS B 159 0.93 26.11 46.72
C LYS B 159 -0.05 26.30 45.56
N TRP B 160 -1.20 26.91 45.80
CA TRP B 160 -2.14 27.20 44.72
C TRP B 160 -2.89 28.51 44.96
N LEU B 161 -2.16 29.62 44.83
CA LEU B 161 -2.71 30.92 45.16
C LEU B 161 -3.46 31.57 43.99
N ALA B 162 -4.77 31.36 43.91
CA ALA B 162 -5.61 32.02 42.92
C ALA B 162 -5.87 33.50 43.24
N GLY B 163 -5.62 34.39 42.29
CA GLY B 163 -5.89 35.79 42.45
C GLY B 163 -7.02 36.27 41.55
N THR B 164 -7.04 37.58 41.26
CA THR B 164 -8.10 38.15 40.41
C THR B 164 -7.51 39.21 39.50
N GLY B 165 -6.23 39.50 39.68
CA GLY B 165 -5.54 40.53 38.92
C GLY B 165 -5.11 40.09 37.54
N HIS B 166 -6.06 39.64 36.74
CA HIS B 166 -5.77 39.18 35.40
C HIS B 166 -5.44 40.35 34.51
N ARG B 167 -4.34 40.25 33.77
CA ARG B 167 -3.95 41.33 32.87
C ARG B 167 -3.83 40.86 31.41
N THR B 168 -4.14 41.79 30.50
CA THR B 168 -4.22 41.51 29.08
C THR B 168 -3.01 42.01 28.27
N ARG B 169 -2.58 41.21 27.28
CA ARG B 169 -1.73 41.69 26.18
C ARG B 169 -2.47 41.61 24.87
N THR B 170 -2.48 42.72 24.14
CA THR B 170 -3.22 42.87 22.91
C THR B 170 -2.31 43.27 21.76
N ARG B 171 -2.44 42.56 20.65
CA ARG B 171 -1.61 42.83 19.50
C ARG B 171 -2.45 42.81 18.23
N ALA B 172 -1.92 43.45 17.20
CA ALA B 172 -2.59 43.48 15.91
C ALA B 172 -2.57 42.09 15.28
N ASP B 173 -3.71 41.67 14.73
CA ASP B 173 -3.81 40.41 13.97
C ASP B 173 -2.98 40.55 12.71
N MET B 174 -2.20 39.52 12.38
CA MET B 174 -1.23 39.59 11.28
C MET B 174 -1.88 39.86 9.92
N GLU B 175 -2.99 39.18 9.67
CA GLU B 175 -3.74 39.33 8.42
C GLU B 175 -4.17 40.78 8.23
N TRP B 176 -4.65 41.38 9.33
CA TRP B 176 -4.99 42.79 9.36
C TRP B 176 -3.76 43.69 9.12
N LEU B 177 -2.73 43.52 9.94
CA LEU B 177 -1.52 44.35 9.85
C LEU B 177 -0.87 44.25 8.47
N LEU B 178 -0.90 43.06 7.89
CA LEU B 178 -0.30 42.84 6.59
C LEU B 178 -0.99 43.61 5.46
N SER B 179 -2.30 43.79 5.56
CA SER B 179 -3.02 44.65 4.62
C SER B 179 -2.36 46.02 4.58
N ALA B 180 -1.99 46.52 5.76
CA ALA B 180 -1.35 47.82 5.86
C ALA B 180 0.09 47.79 5.40
N VAL B 181 0.86 46.76 5.75
CA VAL B 181 2.25 46.73 5.30
C VAL B 181 2.32 46.70 3.77
N HIS B 182 1.36 46.02 3.12
CA HIS B 182 1.24 45.99 1.65
C HIS B 182 1.14 47.41 1.08
N ARG B 183 0.38 48.24 1.77
CA ARG B 183 0.18 49.62 1.36
C ARG B 183 1.40 50.51 1.58
N LEU B 184 2.14 50.26 2.66
CA LEU B 184 3.40 50.93 2.86
C LEU B 184 4.45 50.49 1.83
N GLU B 185 4.30 49.28 1.29
CA GLU B 185 5.29 48.72 0.36
C GLU B 185 5.20 49.27 -1.08
N ARG B 186 4.05 49.81 -1.45
CA ARG B 186 3.86 50.35 -2.80
C ARG B 186 4.43 51.76 -2.90
N ASP B 187 4.59 52.38 -1.73
CA ASP B 187 5.18 53.70 -1.64
C ASP B 187 6.67 53.64 -1.99
N ARG B 188 6.99 54.03 -3.21
CA ARG B 188 8.36 53.96 -3.70
C ARG B 188 9.38 54.83 -2.95
N VAL B 189 8.93 55.89 -2.30
CA VAL B 189 9.84 56.79 -1.56
C VAL B 189 10.17 56.30 -0.12
N LEU B 190 9.19 55.69 0.54
CA LEU B 190 9.41 55.05 1.84
C LEU B 190 10.24 53.79 1.63
N LEU B 191 9.85 53.01 0.61
CA LEU B 191 10.50 51.76 0.26
C LEU B 191 12.03 51.85 0.19
N ALA B 192 12.54 52.97 -0.30
CA ALA B 192 13.99 53.15 -0.41
C ALA B 192 14.57 53.38 0.97
N GLY B 193 13.69 53.58 1.96
CA GLY B 193 14.11 53.79 3.33
C GLY B 193 14.40 52.50 4.08
N VAL B 194 13.66 51.45 3.75
CA VAL B 194 13.82 50.16 4.41
C VAL B 194 14.83 49.26 3.68
N THR B 195 15.16 48.14 4.32
CA THR B 195 16.00 47.11 3.72
C THR B 195 15.15 46.04 3.00
N VAL B 196 15.74 45.43 1.96
CA VAL B 196 15.08 44.37 1.18
C VAL B 196 15.95 43.12 0.97
N GLN B 197 15.31 41.99 0.69
CA GLN B 197 16.07 40.76 0.36
C GLN B 197 15.34 39.82 -0.59
N ALA B 198 16.11 38.98 -1.27
CA ALA B 198 15.52 38.01 -2.16
C ALA B 198 14.78 36.96 -1.33
N HIS B 199 13.57 36.62 -1.73
CA HIS B 199 12.82 35.57 -1.08
C HIS B 199 13.71 34.33 -1.04
N GLN B 200 13.79 33.68 0.11
CA GLN B 200 14.79 32.64 0.30
C GLN B 200 14.50 31.32 -0.42
N THR B 201 13.29 31.15 -0.96
CA THR B 201 12.96 29.86 -1.55
C THR B 201 12.72 29.95 -3.04
N LEU B 202 13.11 31.07 -3.64
CA LEU B 202 13.06 31.26 -5.09
C LEU B 202 13.88 30.19 -5.76
N THR B 203 13.40 29.72 -6.89
CA THR B 203 14.14 28.71 -7.66
C THR B 203 14.29 29.12 -9.15
N VAL B 204 15.49 28.94 -9.72
CA VAL B 204 15.75 29.30 -11.11
C VAL B 204 15.33 28.19 -12.07
N ARG B 205 14.42 28.51 -12.98
CA ARG B 205 14.01 27.55 -14.01
C ARG B 205 14.13 28.12 -15.42
N GLY B 206 15.18 27.73 -16.12
CA GLY B 206 15.42 28.22 -17.48
C GLY B 206 15.71 29.71 -17.44
N ASP B 207 14.84 30.50 -18.06
CA ASP B 207 14.97 31.95 -18.06
C ASP B 207 13.95 32.58 -17.14
N ARG B 208 13.33 31.77 -16.29
CA ARG B 208 12.32 32.30 -15.36
C ARG B 208 12.76 32.15 -13.90
N ILE B 209 12.30 33.08 -13.08
CA ILE B 209 12.42 32.93 -11.65
C ILE B 209 11.08 32.40 -11.08
N VAL B 210 11.13 31.36 -10.26
CA VAL B 210 9.89 30.81 -9.74
C VAL B 210 9.76 30.83 -8.22
N LEU B 211 8.63 31.38 -7.77
CA LEU B 211 8.24 31.35 -6.37
C LEU B 211 7.02 30.45 -6.17
N ASP B 212 7.25 29.28 -5.57
CA ASP B 212 6.17 28.37 -5.20
C ASP B 212 5.60 28.83 -3.88
N CYS B 213 4.27 28.81 -3.78
CA CYS B 213 3.57 29.17 -2.55
C CYS B 213 4.01 30.51 -1.99
N PRO B 214 3.53 31.59 -2.61
CA PRO B 214 3.71 32.90 -2.01
C PRO B 214 2.74 33.00 -0.84
N SER B 215 2.91 34.01 0.00
CA SER B 215 1.93 34.24 1.03
C SER B 215 0.76 35.03 0.46
N ALA B 216 -0.43 34.44 0.54
CA ALA B 216 -1.63 35.12 0.10
C ALA B 216 -2.28 35.81 1.30
N LEU B 217 -1.50 36.08 2.35
CA LEU B 217 -2.07 36.45 3.65
C LEU B 217 -2.90 37.73 3.72
N GLY B 218 -2.36 38.85 3.26
CA GLY B 218 -3.08 40.11 3.38
C GLY B 218 -3.87 40.60 2.17
N LYS B 219 -4.47 39.69 1.40
CA LYS B 219 -5.12 40.10 0.15
C LYS B 219 -6.57 39.62 0.03
N SER B 227 -1.47 31.64 -6.20
CA SER B 227 -1.15 30.22 -6.35
C SER B 227 0.34 29.92 -6.57
N THR B 228 0.93 30.57 -7.55
CA THR B 228 2.36 30.42 -7.88
C THR B 228 2.82 31.63 -8.69
N VAL B 229 4.05 32.07 -8.48
CA VAL B 229 4.55 33.22 -9.24
C VAL B 229 5.67 32.84 -10.19
N SER B 230 5.47 33.14 -11.47
CA SER B 230 6.49 32.85 -12.49
C SER B 230 6.85 34.12 -13.23
N ALA B 231 7.98 34.72 -12.91
CA ALA B 231 8.43 35.94 -13.57
C ALA B 231 9.59 35.68 -14.52
N ARG B 232 9.69 36.43 -15.61
CA ARG B 232 10.86 36.31 -16.48
C ARG B 232 12.13 36.92 -15.84
N ARG B 233 13.23 36.18 -15.96
CA ARG B 233 14.48 36.51 -15.31
C ARG B 233 15.48 37.22 -16.24
N SER B 234 15.24 38.51 -16.44
CA SER B 234 16.10 39.36 -17.26
C SER B 234 17.38 39.67 -16.47
N PRO B 235 18.37 40.30 -17.13
CA PRO B 235 19.58 40.66 -16.38
C PRO B 235 19.30 41.61 -15.24
N VAL B 236 18.35 42.52 -15.41
CA VAL B 236 18.07 43.46 -14.33
C VAL B 236 17.44 42.75 -13.13
N VAL B 237 16.39 41.97 -13.41
CA VAL B 237 15.77 41.16 -12.38
C VAL B 237 16.82 40.30 -11.66
N ALA B 238 17.69 39.66 -12.43
CA ALA B 238 18.72 38.80 -11.86
C ALA B 238 19.80 39.57 -11.12
N GLU B 239 20.15 40.75 -11.59
CA GLU B 239 21.15 41.53 -10.88
C GLU B 239 20.60 41.93 -9.52
N ILE B 240 19.31 42.26 -9.50
CA ILE B 240 18.65 42.70 -8.27
C ILE B 240 18.64 41.57 -7.27
N LEU B 241 18.17 40.40 -7.69
CA LEU B 241 18.05 39.24 -6.82
C LEU B 241 19.40 38.83 -6.21
N GLY B 242 20.46 38.91 -7.00
CA GLY B 242 21.78 38.53 -6.52
C GLY B 242 22.34 39.50 -5.52
N ALA B 243 22.13 40.79 -5.76
CA ALA B 243 22.65 41.85 -4.89
C ALA B 243 21.89 41.89 -3.57
N ALA B 244 20.66 41.39 -3.59
CA ALA B 244 19.82 41.33 -2.41
C ALA B 244 19.85 39.95 -1.73
N ARG B 245 20.98 39.25 -1.78
CA ARG B 245 21.11 37.93 -1.12
C ARG B 245 21.03 38.08 0.40
N ARG B 246 21.84 38.98 0.94
CA ARG B 246 21.68 39.39 2.32
C ARG B 246 20.88 40.68 2.23
N PRO B 247 20.15 41.03 3.28
CA PRO B 247 19.31 42.23 3.23
C PRO B 247 20.10 43.53 3.01
N VAL B 248 19.70 44.32 2.00
CA VAL B 248 20.40 45.57 1.66
C VAL B 248 19.43 46.71 1.54
N LEU B 249 19.90 47.91 1.87
CA LEU B 249 19.09 49.13 1.80
C LEU B 249 18.61 49.40 0.35
N ALA B 250 17.30 49.52 0.17
CA ALA B 250 16.69 49.53 -1.16
C ALA B 250 17.13 50.70 -2.03
N GLY B 251 17.33 51.85 -1.40
CA GLY B 251 17.73 53.04 -2.11
C GLY B 251 19.09 52.86 -2.78
N ARG B 252 20.09 52.49 -1.98
CA ARG B 252 21.44 52.20 -2.47
C ARG B 252 21.44 51.09 -3.52
N LEU B 253 20.53 50.14 -3.34
CA LEU B 253 20.42 49.02 -4.26
C LEU B 253 19.96 49.52 -5.62
N ALA B 254 18.88 50.29 -5.63
CA ALA B 254 18.29 50.73 -6.89
C ALA B 254 19.23 51.61 -7.71
N GLN B 255 20.14 52.33 -7.03
CA GLN B 255 21.08 53.18 -7.74
C GLN B 255 22.20 52.38 -8.39
N SER B 256 22.71 51.37 -7.67
CA SER B 256 23.78 50.53 -8.20
C SER B 256 23.31 49.77 -9.43
N VAL B 257 22.12 49.19 -9.34
CA VAL B 257 21.52 48.48 -10.46
C VAL B 257 21.21 49.45 -11.61
N ALA B 258 20.75 50.64 -11.27
CA ALA B 258 20.50 51.68 -12.27
C ALA B 258 21.80 52.10 -12.96
N GLN B 259 22.88 52.23 -12.20
CA GLN B 259 24.16 52.62 -12.79
C GLN B 259 24.62 51.54 -13.76
N ARG B 260 24.92 50.36 -13.24
CA ARG B 260 25.34 49.18 -14.02
C ARG B 260 24.58 49.00 -15.34
N PHE B 261 23.26 49.17 -15.32
CA PHE B 261 22.45 48.96 -16.52
C PHE B 261 22.11 50.27 -17.23
N GLU B 262 22.65 51.36 -16.69
CA GLU B 262 22.40 52.70 -17.23
C GLU B 262 20.93 52.96 -17.48
N LEU B 263 20.16 53.01 -16.40
CA LEU B 263 18.75 53.29 -16.45
C LEU B 263 18.42 54.41 -15.47
N PRO B 264 17.29 55.12 -15.70
CA PRO B 264 16.76 56.05 -14.70
C PRO B 264 16.73 55.36 -13.35
N ALA B 265 17.37 55.98 -12.35
CA ALA B 265 17.39 55.45 -11.00
C ALA B 265 15.99 55.48 -10.38
N ASP B 266 14.97 55.60 -11.23
CA ASP B 266 13.58 55.67 -10.82
C ASP B 266 12.71 54.57 -11.47
N ARG B 267 12.99 54.24 -12.73
CA ARG B 267 12.31 53.11 -13.37
C ARG B 267 12.69 51.82 -12.62
N VAL B 268 13.90 51.81 -12.08
CA VAL B 268 14.40 50.69 -11.27
C VAL B 268 13.71 50.61 -9.90
N THR B 269 13.53 51.75 -9.24
CA THR B 269 12.84 51.76 -7.95
C THR B 269 11.46 51.16 -8.15
N GLY B 270 10.89 51.38 -9.33
CA GLY B 270 9.62 50.79 -9.66
C GLY B 270 9.72 49.31 -9.90
N LEU B 271 10.93 48.83 -10.20
CA LEU B 271 11.16 47.40 -10.34
C LEU B 271 11.21 46.73 -8.95
N LEU B 272 11.95 47.35 -8.03
CA LEU B 272 11.98 46.89 -6.64
C LEU B 272 10.57 46.75 -6.08
N ALA B 273 9.67 47.62 -6.52
CA ALA B 273 8.30 47.59 -6.03
C ALA B 273 7.49 46.42 -6.58
N ASP B 274 7.54 46.24 -7.90
CA ASP B 274 6.86 45.13 -8.55
C ASP B 274 7.33 43.79 -7.99
N MET B 275 8.63 43.74 -7.72
CA MET B 275 9.24 42.53 -7.21
C MET B 275 8.79 42.29 -5.77
N ALA B 276 8.79 43.35 -4.97
CA ALA B 276 8.30 43.23 -3.60
C ALA B 276 6.81 42.90 -3.61
N ALA B 277 6.09 43.34 -4.64
CA ALA B 277 4.67 43.06 -4.70
C ALA B 277 4.37 41.63 -5.12
N GLN B 278 5.24 41.03 -5.93
CA GLN B 278 5.01 39.64 -6.32
C GLN B 278 5.70 38.75 -5.31
N GLU B 279 6.30 39.38 -4.31
CA GLU B 279 7.03 38.71 -3.24
C GLU B 279 8.32 37.98 -3.65
N LEU B 280 8.93 38.41 -4.76
CA LEU B 280 10.27 37.97 -5.09
C LEU B 280 11.27 38.68 -4.17
N LEU B 281 10.87 39.82 -3.62
CA LEU B 281 11.65 40.49 -2.60
C LEU B 281 10.83 40.59 -1.33
N ILE B 282 11.52 40.68 -0.20
CA ILE B 282 10.91 40.79 1.11
C ILE B 282 11.45 42.04 1.80
N THR B 283 10.55 42.98 2.08
CA THR B 283 10.91 44.25 2.68
C THR B 283 10.97 44.10 4.19
N ALA B 284 11.78 44.95 4.83
CA ALA B 284 11.94 44.94 6.28
C ALA B 284 10.64 45.33 7.00
N LEU B 285 9.73 45.92 6.26
CA LEU B 285 8.41 46.25 6.77
C LEU B 285 7.67 45.05 7.35
N ARG B 286 7.80 43.89 6.73
CA ARG B 286 7.10 42.72 7.25
C ARG B 286 7.66 42.20 8.58
N PRO B 287 6.77 41.88 9.53
CA PRO B 287 7.22 41.47 10.86
C PRO B 287 7.97 40.15 10.83
N PRO B 288 9.22 40.15 11.32
CA PRO B 288 10.10 38.97 11.29
C PRO B 288 9.58 37.75 12.05
N LEU B 289 8.57 37.95 12.89
CA LEU B 289 8.13 36.89 13.80
C LEU B 289 9.31 36.41 14.61
N ASP B 290 9.97 37.35 15.28
CA ASP B 290 11.11 36.99 16.11
C ASP B 290 10.76 37.09 17.61
N GLY B 291 9.51 37.40 17.92
CA GLY B 291 9.13 37.49 19.31
C GLY B 291 8.66 38.88 19.72
N ASP B 292 9.08 39.88 18.94
CA ASP B 292 8.67 41.27 19.13
C ASP B 292 7.18 41.42 18.83
N ASP B 293 6.62 42.55 19.25
CA ASP B 293 5.31 42.95 18.79
C ASP B 293 5.39 43.30 17.30
N PRO B 294 4.49 42.69 16.49
CA PRO B 294 4.43 42.95 15.04
C PRO B 294 4.16 44.42 14.71
N LEU B 295 3.15 45.01 15.33
CA LEU B 295 2.81 46.41 15.07
C LEU B 295 3.97 47.33 15.38
N GLN B 296 4.59 47.12 16.53
CA GLN B 296 5.72 47.94 16.95
C GLN B 296 6.86 47.82 15.95
N HIS B 297 7.04 46.61 15.41
CA HIS B 297 8.08 46.39 14.40
C HIS B 297 7.88 47.29 13.16
N VAL B 298 6.66 47.36 12.63
CA VAL B 298 6.37 48.25 11.53
C VAL B 298 6.75 49.70 11.86
N LEU B 299 6.31 50.18 13.02
CA LEU B 299 6.68 51.52 13.47
C LEU B 299 8.18 51.76 13.53
N ASP B 300 8.91 50.86 14.18
CA ASP B 300 10.35 51.02 14.37
C ASP B 300 11.05 51.14 13.01
N VAL B 301 10.59 50.33 12.07
CA VAL B 301 11.14 50.36 10.72
C VAL B 301 10.79 51.67 10.03
N VAL B 302 9.52 52.08 10.11
CA VAL B 302 9.13 53.35 9.52
C VAL B 302 9.85 54.54 10.15
N ALA B 303 10.04 54.48 11.47
CA ALA B 303 10.81 55.48 12.19
C ALA B 303 12.28 55.44 11.83
N ALA B 304 12.80 54.26 11.54
CA ALA B 304 14.19 54.15 11.09
C ALA B 304 14.33 54.84 9.72
N ALA B 305 13.23 54.87 8.96
CA ALA B 305 13.20 55.46 7.64
C ALA B 305 13.13 56.98 7.73
N GLU B 306 12.35 57.47 8.68
CA GLU B 306 12.24 58.90 8.93
C GLU B 306 13.60 59.53 9.22
N ALA B 307 14.33 58.93 10.16
CA ALA B 307 15.64 59.45 10.54
C ALA B 307 16.72 59.05 9.53
N ARG B 308 16.34 58.95 8.26
CA ARG B 308 17.27 58.64 7.18
C ARG B 308 17.18 59.79 6.21
N ALA B 309 15.98 60.37 6.12
CA ALA B 309 15.74 61.51 5.24
C ALA B 309 16.08 62.81 5.98
N GLY B 310 16.17 63.91 5.24
CA GLY B 310 16.47 65.21 5.82
C GLY B 310 15.49 65.61 6.91
N SER B 311 14.21 65.65 6.55
CA SER B 311 13.15 65.93 7.50
C SER B 311 12.07 64.86 7.45
N PRO B 312 11.66 64.34 8.62
CA PRO B 312 10.61 63.32 8.71
C PRO B 312 9.25 63.68 8.04
N ALA B 313 9.29 64.32 6.87
CA ALA B 313 8.09 64.73 6.14
C ALA B 313 8.06 64.21 4.70
N GLU B 314 9.20 64.31 4.02
CA GLU B 314 9.35 63.83 2.64
C GLU B 314 9.72 62.33 2.59
N ALA B 315 10.13 61.78 3.74
CA ALA B 315 10.54 60.37 3.84
C ALA B 315 9.46 59.33 3.49
N MET B 316 8.32 59.81 3.01
CA MET B 316 7.16 58.97 2.72
C MET B 316 6.08 59.85 2.11
N SER B 317 5.17 59.24 1.35
CA SER B 317 4.23 60.02 0.54
C SER B 317 3.18 60.76 1.36
N SER B 318 2.12 61.18 0.66
CA SER B 318 1.04 61.95 1.28
C SER B 318 0.31 61.02 2.24
N GLU B 319 -0.54 60.19 1.68
CA GLU B 319 -1.36 59.29 2.47
C GLU B 319 -0.56 58.20 3.21
N SER B 320 0.75 58.14 2.94
CA SER B 320 1.62 57.24 3.67
C SER B 320 1.76 57.66 5.14
N ALA B 321 1.99 58.94 5.39
CA ALA B 321 2.10 59.40 6.77
C ALA B 321 0.76 59.36 7.50
N ALA B 322 -0.34 59.27 6.72
CA ALA B 322 -1.67 59.11 7.30
C ALA B 322 -1.84 57.72 7.90
N LEU B 323 -1.52 56.71 7.11
CA LEU B 323 -1.59 55.34 7.59
C LEU B 323 -0.66 55.09 8.76
N VAL B 324 0.53 55.67 8.70
CA VAL B 324 1.51 55.54 9.79
C VAL B 324 1.01 56.09 11.15
N ALA B 325 0.46 57.29 11.15
CA ALA B 325 -0.09 57.84 12.39
C ALA B 325 -1.27 56.99 12.85
N ALA B 326 -2.15 56.65 11.91
CA ALA B 326 -3.30 55.78 12.15
C ALA B 326 -2.90 54.45 12.80
N LEU B 327 -1.64 54.08 12.63
CA LEU B 327 -1.11 52.86 13.22
C LEU B 327 -0.59 53.08 14.65
N ARG B 328 0.04 54.22 14.92
CA ARG B 328 0.42 54.54 16.30
C ARG B 328 -0.86 54.73 17.11
N GLU B 329 -1.92 55.05 16.39
CA GLU B 329 -3.22 55.27 16.97
C GLU B 329 -3.75 53.92 17.44
N VAL B 330 -3.57 52.87 16.64
CA VAL B 330 -3.98 51.55 17.10
C VAL B 330 -3.09 51.05 18.24
N ASP B 331 -1.77 51.31 18.15
CA ASP B 331 -0.82 50.96 19.21
C ASP B 331 -1.19 51.55 20.57
N ALA B 332 -1.43 52.86 20.62
CA ALA B 332 -1.75 53.54 21.87
C ALA B 332 -3.02 53.00 22.54
N ARG B 333 -4.05 52.71 21.74
CA ARG B 333 -5.30 52.19 22.28
C ARG B 333 -5.13 50.75 22.76
N CYS B 334 -4.06 50.10 22.30
CA CYS B 334 -3.75 48.74 22.72
C CYS B 334 -3.16 48.75 24.12
N HIS B 335 -2.24 49.69 24.36
CA HIS B 335 -1.66 49.82 25.69
C HIS B 335 -2.72 50.31 26.67
N ALA B 336 -3.61 51.15 26.16
CA ALA B 336 -4.74 51.66 26.92
C ALA B 336 -5.60 50.52 27.45
N TYR B 337 -6.00 49.64 26.54
CA TYR B 337 -6.85 48.52 26.91
C TYR B 337 -6.12 47.44 27.75
N ASP B 338 -4.80 47.41 27.67
CA ASP B 338 -4.03 46.42 28.41
C ASP B 338 -3.82 46.85 29.87
N ARG B 339 -4.17 48.11 30.14
CA ARG B 339 -4.10 48.66 31.49
C ARG B 339 -5.35 48.26 32.27
N THR B 340 -6.45 48.07 31.56
CA THR B 340 -7.72 47.71 32.17
C THR B 340 -7.79 46.26 32.65
N ALA B 341 -8.67 46.00 33.61
CA ALA B 341 -8.91 44.67 34.17
C ALA B 341 -10.12 44.03 33.51
N VAL B 342 -10.42 42.78 33.85
CA VAL B 342 -11.39 42.00 33.08
C VAL B 342 -12.84 42.41 33.31
N GLY B 343 -13.53 42.76 32.22
CA GLY B 343 -14.90 43.21 32.33
C GLY B 343 -15.05 44.73 32.40
N GLN B 344 -13.93 45.42 32.64
CA GLN B 344 -13.97 46.87 32.83
C GLN B 344 -13.55 47.65 31.57
N GLY B 345 -12.84 46.99 30.66
CA GLY B 345 -12.35 47.68 29.48
C GLY B 345 -13.21 47.48 28.26
N ARG B 346 -14.51 47.24 28.45
CA ARG B 346 -15.43 47.03 27.34
C ARG B 346 -15.45 48.25 26.45
N ARG B 347 -15.09 49.40 27.01
CA ARG B 347 -15.07 50.67 26.28
C ARG B 347 -13.76 50.97 25.56
N GLU B 348 -12.63 50.74 26.25
CA GLU B 348 -11.31 50.88 25.62
C GLU B 348 -11.18 49.90 24.46
N LEU B 349 -11.80 48.73 24.61
CA LEU B 349 -11.80 47.69 23.60
C LEU B 349 -12.65 48.08 22.40
N ALA B 350 -13.86 48.56 22.66
CA ALA B 350 -14.74 49.05 21.62
C ALA B 350 -14.09 50.26 20.91
N GLU B 351 -13.32 51.05 21.67
CA GLU B 351 -12.53 52.17 21.12
C GLU B 351 -11.35 51.72 20.27
N LEU B 352 -10.73 50.61 20.65
CA LEU B 352 -9.65 50.04 19.84
C LEU B 352 -10.18 49.42 18.54
N ILE B 353 -11.33 48.75 18.60
CA ILE B 353 -11.86 48.06 17.42
C ILE B 353 -12.10 48.96 16.22
N GLN B 354 -12.93 49.98 16.38
CA GLN B 354 -13.29 50.86 15.26
C GLN B 354 -12.06 51.65 14.79
N SER B 355 -11.12 51.85 15.71
CA SER B 355 -9.86 52.50 15.38
C SER B 355 -9.12 51.72 14.30
N THR B 356 -8.93 50.43 14.54
CA THR B 356 -8.35 49.54 13.55
C THR B 356 -9.20 49.58 12.28
N ARG B 357 -10.51 49.80 12.43
CA ARG B 357 -11.38 49.88 11.27
C ARG B 357 -11.05 51.13 10.44
N ARG B 358 -10.51 52.16 11.09
CA ARG B 358 -10.12 53.34 10.35
C ARG B 358 -8.97 52.98 9.43
N VAL B 359 -7.96 52.30 9.97
CA VAL B 359 -6.84 51.78 9.18
C VAL B 359 -7.28 50.84 8.06
N HIS B 360 -8.19 49.92 8.39
CA HIS B 360 -8.80 48.99 7.44
C HIS B 360 -9.81 48.09 8.17
N PRO B 361 -11.03 47.99 7.64
CA PRO B 361 -12.03 47.16 8.33
C PRO B 361 -11.77 45.66 8.22
N HIS B 362 -11.47 45.02 9.33
CA HIS B 362 -11.29 43.57 9.39
C HIS B 362 -12.16 42.90 10.48
N ASP B 363 -12.66 41.69 10.19
CA ASP B 363 -13.51 40.92 11.12
C ASP B 363 -12.90 40.55 12.47
N THR B 364 -11.62 40.20 12.47
CA THR B 364 -10.92 39.81 13.70
C THR B 364 -9.51 40.39 13.67
N PRO B 365 -9.38 41.70 13.98
CA PRO B 365 -8.18 42.50 13.82
C PRO B 365 -7.29 42.55 15.06
N LEU B 366 -7.68 41.88 16.13
CA LEU B 366 -6.89 41.88 17.36
C LEU B 366 -6.62 40.45 17.78
N HIS B 367 -5.48 40.24 18.45
CA HIS B 367 -5.19 38.97 19.09
C HIS B 367 -4.85 39.22 20.54
N VAL B 368 -5.62 38.60 21.44
CA VAL B 368 -5.50 38.92 22.84
C VAL B 368 -5.03 37.70 23.62
N ASP B 369 -3.98 37.89 24.41
CA ASP B 369 -3.52 36.89 25.37
C ASP B 369 -3.75 37.41 26.80
N LEU B 370 -4.12 36.51 27.69
CA LEU B 370 -4.49 36.88 29.05
C LEU B 370 -3.51 36.32 30.06
N ARG B 371 -2.96 37.15 30.92
CA ARG B 371 -2.14 36.60 32.00
C ARG B 371 -3.04 36.30 33.20
N ILE B 372 -3.14 35.03 33.56
CA ILE B 372 -3.96 34.65 34.69
C ILE B 372 -3.21 34.90 35.99
N ASP B 373 -3.88 35.57 36.93
CA ASP B 373 -3.33 35.77 38.25
C ASP B 373 -3.52 34.49 39.07
N LEU B 374 -2.43 33.76 39.24
CA LEU B 374 -2.48 32.45 39.85
C LEU B 374 -1.04 32.12 40.11
N GLU B 375 -0.71 31.68 41.32
CA GLU B 375 0.64 31.18 41.57
C GLU B 375 0.55 29.67 41.81
N VAL B 376 1.34 28.89 41.08
CA VAL B 376 1.33 27.47 41.32
C VAL B 376 2.72 26.97 41.62
N ARG B 377 2.84 26.26 42.74
CA ARG B 377 4.10 25.64 43.08
C ARG B 377 3.76 24.20 43.43
N LEU B 378 4.56 23.25 42.97
CA LEU B 378 4.25 21.86 43.17
C LEU B 378 5.49 21.15 43.69
N PRO B 379 5.29 20.16 44.55
CA PRO B 379 6.41 19.48 45.21
C PRO B 379 7.28 18.68 44.25
N GLU B 380 8.45 18.28 44.70
CA GLU B 380 9.38 17.50 43.89
C GLU B 380 8.84 16.14 43.54
N VAL B 381 7.87 15.67 44.32
CA VAL B 381 7.34 14.33 44.10
C VAL B 381 6.54 14.29 42.78
N VAL B 382 5.93 15.41 42.41
CA VAL B 382 5.19 15.51 41.15
C VAL B 382 6.13 15.52 39.94
N ARG B 383 7.13 16.38 39.99
CA ARG B 383 8.18 16.39 39.00
C ARG B 383 8.75 14.99 38.81
N THR B 384 8.84 14.22 39.88
CA THR B 384 9.40 12.88 39.77
C THR B 384 8.42 11.92 39.10
N GLU B 385 7.13 12.16 39.36
CA GLU B 385 6.06 11.36 38.79
C GLU B 385 6.10 11.59 37.28
N ILE B 386 6.06 12.86 36.89
CA ILE B 386 6.08 13.25 35.50
C ILE B 386 7.32 12.79 34.73
N GLU B 387 8.48 12.85 35.36
CA GLU B 387 9.70 12.35 34.72
C GLU B 387 9.60 10.85 34.47
N ARG B 388 8.93 10.15 35.37
CA ARG B 388 8.77 8.71 35.21
C ARG B 388 7.70 8.40 34.16
N ALA B 389 6.75 9.31 33.99
CA ALA B 389 5.69 9.12 33.02
C ALA B 389 6.33 9.26 31.64
N ALA B 390 6.96 10.40 31.41
CA ALA B 390 7.74 10.63 30.21
C ALA B 390 8.58 9.42 29.81
N GLU B 391 9.26 8.79 30.77
CA GLU B 391 10.05 7.60 30.45
C GLU B 391 9.19 6.44 29.88
N ALA B 392 8.01 6.23 30.46
CA ALA B 392 7.15 5.14 30.03
C ALA B 392 6.69 5.35 28.60
N LEU B 393 6.14 6.52 28.31
CA LEU B 393 5.71 6.87 26.95
C LEU B 393 6.86 6.73 25.93
N TRP B 394 8.06 7.13 26.34
CA TRP B 394 9.20 6.99 25.47
C TRP B 394 9.53 5.51 25.25
N ARG B 395 9.48 4.69 26.30
CA ARG B 395 9.80 3.28 26.12
C ARG B 395 8.73 2.58 25.24
N LEU B 396 7.51 3.11 25.30
CA LEU B 396 6.37 2.52 24.59
C LEU B 396 6.20 3.10 23.20
N SER B 397 7.11 4.00 22.84
CA SER B 397 7.01 4.70 21.56
C SER B 397 7.39 3.74 20.45
N PRO B 398 6.95 4.03 19.22
CA PRO B 398 7.30 3.21 18.05
C PRO B 398 8.81 3.11 17.84
N PRO B 399 9.29 1.95 17.32
CA PRO B 399 10.71 1.68 17.16
C PRO B 399 11.25 2.39 15.94
N ARG B 400 11.30 3.70 16.04
CA ARG B 400 11.59 4.51 14.88
C ARG B 400 12.47 5.65 15.36
N ARG B 401 13.39 6.10 14.52
CA ARG B 401 14.09 7.34 14.78
C ARG B 401 13.64 8.40 13.77
N GLY B 402 13.30 9.60 14.25
CA GLY B 402 12.84 10.69 13.40
C GLY B 402 11.37 10.56 13.07
N MET B 403 10.79 11.59 12.45
CA MET B 403 9.42 11.52 11.94
C MET B 403 9.17 10.41 10.89
N ARG B 404 7.95 9.88 10.87
CA ARG B 404 7.57 8.89 9.89
C ARG B 404 7.54 9.46 8.45
N ALA B 405 7.13 10.73 8.32
CA ALA B 405 7.14 11.39 7.00
C ALA B 405 8.49 11.46 6.26
N LEU B 406 9.63 11.09 6.87
CA LEU B 406 10.91 11.19 6.16
C LEU B 406 11.58 9.85 6.06
N ARG B 407 10.87 8.78 6.37
CA ARG B 407 11.45 7.44 6.32
C ARG B 407 11.60 6.92 4.86
N ARG B 408 10.54 7.00 4.06
CA ARG B 408 10.70 6.66 2.65
C ARG B 408 11.59 7.71 1.98
N TYR B 409 11.46 8.97 2.39
CA TYR B 409 12.31 10.04 1.87
C TYR B 409 13.77 9.71 2.15
N HIS B 410 14.08 9.32 3.38
CA HIS B 410 15.43 8.90 3.69
C HIS B 410 15.92 7.74 2.79
N GLU B 411 15.06 6.77 2.53
CA GLU B 411 15.43 5.67 1.62
C GLU B 411 15.65 6.17 0.17
N ALA B 412 14.73 7.00 -0.31
CA ALA B 412 14.80 7.50 -1.66
C ALA B 412 16.17 8.15 -1.84
N PHE B 413 16.54 8.94 -0.83
CA PHE B 413 17.81 9.67 -0.81
C PHE B 413 19.03 8.77 -0.92
N LEU B 414 19.17 7.79 -0.01
CA LEU B 414 20.28 6.83 -0.07
C LEU B 414 20.39 6.14 -1.41
N GLU B 415 19.23 5.78 -1.96
CA GLU B 415 19.15 5.08 -3.22
C GLU B 415 19.68 5.98 -4.36
N ARG B 416 19.33 7.26 -4.36
CA ARG B 416 19.78 8.16 -5.44
C ARG B 416 21.14 8.82 -5.24
N TYR B 417 21.48 9.12 -4.01
CA TYR B 417 22.67 9.93 -3.79
C TYR B 417 23.77 9.18 -3.08
N GLY B 418 23.44 8.08 -2.41
CA GLY B 418 24.41 7.37 -1.58
C GLY B 418 24.66 8.01 -0.22
N ALA B 419 25.69 7.53 0.47
CA ALA B 419 25.93 7.98 1.84
C ALA B 419 27.18 8.84 1.95
N ASP B 420 27.70 9.26 0.80
CA ASP B 420 28.91 10.10 0.80
C ASP B 420 28.70 11.37 0.00
N ARG B 421 27.48 11.89 0.05
CA ARG B 421 27.11 13.06 -0.73
C ARG B 421 26.07 13.97 -0.07
N ALA B 422 26.35 15.25 -0.10
CA ALA B 422 25.42 16.21 0.43
C ALA B 422 24.82 16.91 -0.76
N VAL B 423 23.54 17.24 -0.64
CA VAL B 423 22.80 17.90 -1.70
C VAL B 423 22.29 19.19 -1.09
N PRO B 424 22.52 20.32 -1.77
CA PRO B 424 21.98 21.57 -1.24
C PRO B 424 20.50 21.42 -0.96
N LEU B 425 20.07 21.65 0.28
CA LEU B 425 18.63 21.67 0.60
C LEU B 425 18.08 22.66 -0.35
N LEU B 426 16.93 22.38 -0.98
CA LEU B 426 16.34 23.26 -2.01
C LEU B 426 16.53 22.69 -3.41
N GLU B 427 17.73 22.25 -3.70
CA GLU B 427 17.91 21.44 -4.87
C GLU B 427 17.28 20.08 -4.61
N LEU B 428 17.52 19.51 -3.41
CA LEU B 428 16.88 18.26 -2.99
C LEU B 428 15.38 18.40 -3.07
N LEU B 429 14.87 19.57 -2.69
CA LEU B 429 13.42 19.75 -2.63
C LEU B 429 12.78 19.98 -3.98
N ASP B 430 13.60 20.25 -5.00
CA ASP B 430 13.13 20.56 -6.34
C ASP B 430 12.66 19.31 -7.13
N ASP B 431 11.45 19.40 -7.68
CA ASP B 431 10.82 18.31 -8.44
C ASP B 431 11.68 17.82 -9.59
N THR B 432 12.30 18.77 -10.27
CA THR B 432 13.09 18.50 -11.44
C THR B 432 14.51 18.08 -11.10
N ARG B 433 15.19 18.81 -10.24
CA ARG B 433 16.60 18.53 -10.01
C ARG B 433 16.87 17.54 -8.92
N GLY B 434 15.94 17.42 -7.99
CA GLY B 434 16.14 16.55 -6.86
C GLY B 434 15.07 15.52 -6.69
N LEU B 435 14.83 15.15 -5.44
CA LEU B 435 13.84 14.15 -5.07
C LEU B 435 12.46 14.78 -5.05
N GLY B 436 12.40 16.08 -4.92
CA GLY B 436 11.15 16.77 -4.72
C GLY B 436 10.78 16.72 -3.25
N PRO B 437 9.66 17.33 -2.89
CA PRO B 437 9.21 17.26 -1.48
C PRO B 437 8.73 15.86 -1.12
N PRO B 438 8.83 15.50 0.16
CA PRO B 438 8.40 14.15 0.59
C PRO B 438 6.88 14.02 0.52
N ALA B 439 6.39 12.80 0.37
CA ALA B 439 4.95 12.56 0.30
C ALA B 439 4.26 13.24 1.45
N GLY B 440 3.22 14.01 1.12
CA GLY B 440 2.36 14.57 2.12
C GLY B 440 2.60 16.03 2.33
N TYR B 441 3.74 16.55 1.84
CA TYR B 441 4.02 17.97 2.00
C TYR B 441 3.02 18.83 1.23
N LYS B 442 2.46 19.83 1.89
CA LYS B 442 1.33 20.56 1.34
C LYS B 442 1.72 21.80 0.52
N TRP B 443 2.93 22.31 0.70
CA TRP B 443 3.23 23.67 0.21
C TRP B 443 4.60 23.87 -0.47
N PRO B 444 4.70 23.59 -1.78
CA PRO B 444 3.71 23.04 -2.72
C PRO B 444 3.51 21.52 -2.56
N PRO B 445 2.34 21.02 -2.97
CA PRO B 445 1.98 19.61 -2.78
C PRO B 445 2.95 18.72 -3.49
N SER B 446 3.42 17.70 -2.80
CA SER B 446 4.32 16.71 -3.39
C SER B 446 3.56 15.84 -4.37
N GLU B 447 4.23 15.46 -5.44
CA GLU B 447 3.65 14.55 -6.41
C GLU B 447 4.07 13.10 -6.09
N THR B 448 4.84 12.91 -5.02
CA THR B 448 5.29 11.57 -4.63
C THR B 448 4.15 10.79 -3.95
N PRO B 449 3.92 9.57 -4.42
CA PRO B 449 2.85 8.78 -3.81
C PRO B 449 3.20 8.42 -2.36
N ALA B 450 2.20 8.43 -1.46
CA ALA B 450 2.42 7.98 -0.09
C ALA B 450 2.68 6.48 -0.07
N GLY B 451 3.46 5.98 0.89
CA GLY B 451 3.70 4.55 0.99
C GLY B 451 2.48 3.81 1.53
N PRO B 452 2.64 2.52 1.86
CA PRO B 452 1.56 1.75 2.49
C PRO B 452 1.05 2.47 3.74
N GLN B 453 -0.28 2.57 3.86
CA GLN B 453 -0.86 3.17 5.06
C GLN B 453 -0.59 2.31 6.30
N GLU B 454 -0.53 2.94 7.46
CA GLU B 454 -0.20 2.26 8.70
C GLU B 454 -1.48 1.72 9.32
N GLU B 455 -1.50 0.42 9.62
CA GLU B 455 -2.63 -0.18 10.32
C GLU B 455 -2.74 0.31 11.78
N PRO B 456 -3.98 0.65 12.22
CA PRO B 456 -4.19 0.85 13.66
C PRO B 456 -3.70 -0.39 14.39
N ARG B 457 -2.98 -0.18 15.48
CA ARG B 457 -2.29 -1.29 16.12
C ARG B 457 -3.26 -2.32 16.65
N ARG B 458 -2.81 -3.57 16.68
CA ARG B 458 -3.58 -4.66 17.25
C ARG B 458 -2.67 -5.41 18.22
N SER B 459 -3.15 -5.63 19.44
CA SER B 459 -2.30 -6.24 20.46
C SER B 459 -3.12 -7.16 21.35
N ALA B 460 -2.68 -8.42 21.47
CA ALA B 460 -3.34 -9.31 22.43
C ALA B 460 -3.22 -8.69 23.81
N ALA B 461 -2.04 -8.15 24.11
CA ALA B 461 -1.75 -7.49 25.37
C ALA B 461 -2.69 -6.31 25.69
N LEU B 462 -2.82 -5.39 24.74
CA LEU B 462 -3.77 -4.27 24.90
C LEU B 462 -5.18 -4.79 25.13
N ALA B 463 -5.55 -5.81 24.36
CA ALA B 463 -6.89 -6.38 24.43
C ALA B 463 -7.24 -7.03 25.79
N ARG B 464 -6.32 -7.82 26.34
CA ARG B 464 -6.56 -8.45 27.66
C ARG B 464 -6.92 -7.39 28.70
N LEU B 465 -6.18 -6.29 28.66
CA LEU B 465 -6.37 -5.22 29.61
C LEU B 465 -7.79 -4.71 29.51
N VAL B 466 -8.29 -4.61 28.27
CA VAL B 466 -9.64 -4.09 28.07
C VAL B 466 -10.65 -5.12 28.56
N ALA B 467 -10.40 -6.39 28.25
CA ALA B 467 -11.32 -7.45 28.62
C ALA B 467 -11.39 -7.60 30.15
N LYS B 468 -10.23 -7.81 30.78
CA LYS B 468 -10.15 -7.88 32.23
C LYS B 468 -10.86 -6.72 32.89
N ALA B 469 -10.57 -5.51 32.43
CA ALA B 469 -11.27 -4.34 32.93
C ALA B 469 -12.78 -4.45 32.74
N ALA B 470 -13.22 -5.15 31.70
CA ALA B 470 -14.66 -5.21 31.42
C ALA B 470 -15.40 -6.24 32.29
N ARG B 471 -14.80 -7.40 32.44
CA ARG B 471 -15.36 -8.46 33.24
C ARG B 471 -15.61 -7.90 34.64
N ARG B 472 -14.60 -7.24 35.17
CA ARG B 472 -14.64 -6.76 36.54
C ARG B 472 -15.13 -5.31 36.67
N GLY B 473 -15.67 -4.75 35.59
CA GLY B 473 -16.36 -3.46 35.62
C GLY B 473 -15.54 -2.24 36.00
N GLU B 474 -14.23 -2.38 35.96
CA GLU B 474 -13.28 -1.35 36.40
C GLU B 474 -13.08 -0.22 35.37
N ARG B 475 -13.00 1.02 35.84
CA ARG B 475 -12.83 2.16 34.93
C ARG B 475 -11.35 2.47 34.70
N GLU B 476 -10.49 1.72 35.38
CA GLU B 476 -9.06 1.90 35.22
C GLU B 476 -8.36 0.58 35.21
N ILE B 477 -7.28 0.51 34.45
CA ILE B 477 -6.45 -0.66 34.54
C ILE B 477 -5.08 -0.14 34.95
N VAL B 478 -4.36 -0.92 35.73
CA VAL B 478 -3.11 -0.46 36.28
C VAL B 478 -2.03 -1.29 35.64
N ILE B 479 -1.07 -0.61 35.02
CA ILE B 479 -0.02 -1.33 34.36
C ILE B 479 1.26 -1.18 35.14
N ASP B 480 2.07 -2.24 35.13
CA ASP B 480 3.39 -2.20 35.76
C ASP B 480 4.46 -2.61 34.73
N GLU B 481 5.69 -2.74 35.20
CA GLU B 481 6.82 -3.10 34.35
C GLU B 481 6.60 -4.38 33.52
N GLU B 482 5.82 -5.30 34.04
CA GLU B 482 5.53 -6.53 33.30
C GLU B 482 4.59 -6.25 32.15
N THR B 483 3.73 -5.24 32.30
CA THR B 483 2.86 -4.83 31.21
C THR B 483 3.67 -4.07 30.17
N ILE B 484 4.56 -3.21 30.64
CA ILE B 484 5.37 -2.42 29.75
C ILE B 484 6.33 -3.32 28.96
N ALA B 485 6.92 -4.32 29.62
CA ALA B 485 7.77 -5.27 28.91
C ALA B 485 7.01 -6.01 27.81
N GLU B 486 5.68 -6.01 27.89
CA GLU B 486 4.83 -6.74 26.96
C GLU B 486 4.32 -5.86 25.83
N LEU B 487 4.17 -4.55 26.09
CA LEU B 487 3.62 -3.60 25.11
C LEU B 487 4.74 -2.93 24.31
N ALA B 488 5.96 -3.01 24.81
CA ALA B 488 7.08 -2.35 24.18
C ALA B 488 7.32 -3.08 22.85
N TYR B 489 7.49 -2.33 21.77
CA TYR B 489 7.86 -2.93 20.49
C TYR B 489 9.31 -3.43 20.54
N ASP B 490 10.11 -2.83 21.44
CA ASP B 490 11.49 -3.27 21.69
C ASP B 490 12.11 -2.54 22.88
N GLU B 491 13.36 -2.84 23.18
CA GLU B 491 14.08 -2.14 24.26
C GLU B 491 14.70 -0.84 23.72
N ALA B 492 14.13 0.29 24.09
CA ALA B 492 14.62 1.56 23.58
C ALA B 492 16.05 1.90 24.03
N ALA B 493 16.94 2.15 23.08
CA ALA B 493 18.37 2.45 23.36
C ALA B 493 18.57 3.86 23.90
N PRO B 494 19.43 4.03 24.92
CA PRO B 494 19.65 5.38 25.47
C PRO B 494 20.23 6.36 24.44
N ALA B 495 20.96 5.83 23.45
CA ALA B 495 21.50 6.70 22.40
C ALA B 495 20.37 7.31 21.56
N ASP B 496 19.16 6.74 21.65
CA ASP B 496 18.04 7.23 20.84
C ASP B 496 17.18 8.25 21.60
N LEU B 497 17.58 8.58 22.83
CA LEU B 497 16.82 9.53 23.65
C LEU B 497 16.75 10.87 22.97
N PRO B 498 15.58 11.50 22.97
CA PRO B 498 15.43 12.82 22.33
C PRO B 498 16.07 13.89 23.20
N ASN B 499 16.40 15.04 22.60
CA ASN B 499 16.90 16.17 23.36
C ASN B 499 15.86 16.70 24.33
N SER B 500 14.64 16.91 23.86
CA SER B 500 13.62 17.44 24.73
C SER B 500 12.20 17.15 24.25
N LEU B 501 11.23 17.49 25.10
CA LEU B 501 9.82 17.25 24.80
C LEU B 501 8.99 18.07 25.77
N GLU B 502 7.69 18.15 25.54
CA GLU B 502 6.81 18.87 26.47
C GLU B 502 5.52 18.08 26.68
N LEU B 503 5.20 17.80 27.95
CA LEU B 503 3.93 17.16 28.29
C LEU B 503 2.97 18.16 28.92
N GLY B 504 1.71 18.06 28.54
CA GLY B 504 0.66 18.81 29.20
C GLY B 504 -0.03 17.81 30.12
N VAL B 505 -0.25 18.21 31.37
CA VAL B 505 -0.86 17.31 32.35
C VAL B 505 -1.86 18.05 33.21
N HIS B 506 -2.76 17.28 33.81
CA HIS B 506 -3.55 17.71 34.94
C HIS B 506 -2.89 17.15 36.19
N VAL B 507 -2.79 17.98 37.23
CA VAL B 507 -2.39 17.43 38.53
C VAL B 507 -3.64 17.44 39.46
N VAL B 508 -3.99 16.28 40.01
CA VAL B 508 -5.18 16.23 40.86
C VAL B 508 -4.96 15.59 42.24
N ALA B 509 -5.71 16.13 43.20
CA ALA B 509 -5.56 15.73 44.59
C ALA B 509 -6.78 16.13 45.40
N PRO B 510 -6.96 15.47 46.56
CA PRO B 510 -8.03 15.90 47.48
C PRO B 510 -7.72 17.26 48.13
N SER B 511 -6.44 17.49 48.43
CA SER B 511 -6.04 18.72 49.11
C SER B 511 -4.59 19.06 48.80
N LEU B 512 -4.28 20.35 48.89
CA LEU B 512 -2.91 20.83 48.72
C LEU B 512 -1.94 20.05 49.59
N ASP B 513 -2.41 19.66 50.78
CA ASP B 513 -1.57 19.04 51.79
C ASP B 513 -1.39 17.53 51.54
N GLU B 514 -2.47 16.86 51.15
CA GLU B 514 -2.40 15.44 50.81
C GLU B 514 -1.57 15.28 49.53
N LEU B 515 -1.57 16.34 48.71
CA LEU B 515 -0.74 16.37 47.52
C LEU B 515 0.70 16.25 47.98
N SER B 516 1.12 17.17 48.85
CA SER B 516 2.50 17.20 49.31
C SER B 516 2.95 15.86 49.87
N ALA B 517 2.00 15.12 50.44
CA ALA B 517 2.28 13.83 51.09
C ALA B 517 2.31 12.65 50.11
N GLY B 518 2.00 12.92 48.85
CA GLY B 518 2.16 11.92 47.81
C GLY B 518 0.84 11.31 47.34
N THR B 519 -0.27 11.86 47.82
CA THR B 519 -1.60 11.45 47.36
C THR B 519 -2.12 12.39 46.27
N PHE B 520 -1.81 12.02 45.04
CA PHE B 520 -2.19 12.80 43.88
C PHE B 520 -2.24 11.93 42.64
N ARG B 521 -2.86 12.46 41.60
CA ARG B 521 -2.89 11.82 40.30
C ARG B 521 -2.35 12.78 39.25
N VAL B 522 -1.52 12.26 38.35
CA VAL B 522 -1.15 12.99 37.13
C VAL B 522 -1.89 12.44 35.92
N VAL B 523 -2.68 13.30 35.28
CA VAL B 523 -3.46 12.90 34.13
C VAL B 523 -2.96 13.62 32.88
N LEU B 524 -2.43 12.85 31.93
CA LEU B 524 -1.92 13.38 30.66
C LEU B 524 -3.03 14.07 29.90
N ALA B 525 -2.74 15.30 29.49
CA ALA B 525 -3.77 16.19 28.94
C ALA B 525 -4.17 15.77 27.53
N PRO B 526 -5.39 16.16 27.11
CA PRO B 526 -5.71 15.98 25.70
C PRO B 526 -4.92 16.99 24.82
N GLY B 527 -4.71 16.64 23.55
CA GLY B 527 -3.95 17.49 22.66
C GLY B 527 -2.61 16.87 22.27
N PRO B 528 -1.95 17.47 21.26
CA PRO B 528 -0.61 17.06 20.82
C PRO B 528 0.46 17.53 21.82
N GLY B 529 1.52 16.75 21.96
CA GLY B 529 2.63 17.19 22.79
C GLY B 529 3.57 18.05 21.96
N SER B 530 4.76 18.28 22.47
CA SER B 530 5.75 19.03 21.74
C SER B 530 7.05 18.24 21.74
N HIS B 531 7.95 18.56 20.81
CA HIS B 531 9.26 17.92 20.76
C HIS B 531 10.39 18.92 21.05
N HIS B 532 10.03 20.06 21.57
CA HIS B 532 11.00 21.06 21.90
C HIS B 532 10.64 21.72 23.23
N ALA B 533 11.46 21.51 24.25
CA ALA B 533 11.27 22.19 25.54
C ALA B 533 11.37 23.70 25.33
N GLY B 534 10.24 24.39 25.51
CA GLY B 534 10.18 25.82 25.27
C GLY B 534 9.22 26.22 24.17
N ALA B 535 8.81 25.25 23.37
CA ALA B 535 7.93 25.55 22.25
C ALA B 535 6.55 26.09 22.68
N THR B 536 5.94 25.46 23.67
CA THR B 536 4.57 25.85 24.04
C THR B 536 4.57 27.20 24.71
N LEU B 537 5.66 27.51 25.40
CA LEU B 537 5.78 28.76 26.15
C LEU B 537 5.99 29.97 25.22
N GLY B 538 6.46 29.67 24.01
CA GLY B 538 6.96 30.64 23.07
C GLY B 538 6.17 31.90 22.82
N ARG B 539 4.92 31.77 22.41
CA ARG B 539 4.14 32.95 22.04
C ARG B 539 3.61 33.71 23.25
N PHE B 540 3.94 33.23 24.44
CA PHE B 540 3.49 33.88 25.64
C PHE B 540 4.65 34.68 26.22
N THR B 541 5.71 34.86 25.45
CA THR B 541 6.88 35.61 25.92
C THR B 541 6.48 37.04 26.30
N GLY B 542 7.06 37.52 27.40
CA GLY B 542 6.71 38.82 27.95
C GLY B 542 5.77 38.77 29.14
N LEU B 543 4.76 37.89 29.09
CA LEU B 543 3.76 37.74 30.17
C LEU B 543 4.33 37.20 31.47
N LEU B 544 5.29 36.29 31.40
CA LEU B 544 5.82 35.66 32.59
C LEU B 544 7.32 35.85 32.73
N PRO B 545 7.77 37.10 32.98
CA PRO B 545 9.20 37.45 33.07
C PRO B 545 9.95 36.47 33.95
N ASP B 546 9.32 36.07 35.04
CA ASP B 546 9.74 34.95 35.88
C ASP B 546 10.27 33.74 35.07
N VAL B 547 9.40 33.14 34.26
CA VAL B 547 9.74 31.91 33.54
C VAL B 547 10.43 32.17 32.18
N ASP B 548 10.10 33.29 31.53
CA ASP B 548 10.78 33.71 30.30
C ASP B 548 12.31 33.67 30.40
N ALA B 549 12.85 34.07 31.54
CA ALA B 549 14.29 34.15 31.68
C ALA B 549 14.86 32.76 31.94
N GLU B 550 14.04 31.90 32.52
CA GLU B 550 14.47 30.54 32.76
C GLU B 550 14.51 29.84 31.42
N SER B 551 13.40 29.97 30.69
CA SER B 551 13.25 29.41 29.36
C SER B 551 14.40 29.80 28.42
N ALA B 552 14.70 31.09 28.33
CA ALA B 552 15.76 31.52 27.43
C ALA B 552 17.14 30.96 27.82
N ALA B 553 17.39 30.80 29.09
CA ALA B 553 18.69 30.32 29.47
C ALA B 553 18.75 28.83 29.18
N ARG B 554 17.65 28.12 29.45
CA ARG B 554 17.61 26.67 29.24
C ARG B 554 17.81 26.38 27.75
N GLN B 555 17.10 27.14 26.89
CA GLN B 555 17.20 26.99 25.42
C GLN B 555 18.55 27.42 24.80
N ALA B 556 19.17 28.46 25.34
CA ALA B 556 20.51 28.85 24.90
C ALA B 556 21.51 27.71 25.07
N GLY B 557 21.28 26.85 26.05
CA GLY B 557 22.12 25.70 26.27
C GLY B 557 21.39 24.38 26.06
N ARG B 558 20.42 24.37 25.15
CA ARG B 558 19.64 23.16 24.88
C ARG B 558 20.54 22.00 24.49
N PRO B 559 20.16 20.79 24.88
CA PRO B 559 20.96 19.62 24.49
C PRO B 559 20.78 19.28 23.01
N LEU B 560 21.86 18.84 22.37
CA LEU B 560 21.81 18.41 20.98
C LEU B 560 22.21 16.95 20.97
N HIS B 561 21.87 16.23 19.90
CA HIS B 561 22.11 14.79 19.81
C HIS B 561 23.16 14.45 18.76
N ILE B 562 23.61 15.46 18.03
CA ILE B 562 24.70 15.28 17.08
C ILE B 562 25.93 16.02 17.59
N GLN B 563 27.07 15.34 17.64
CA GLN B 563 28.27 15.99 18.16
C GLN B 563 28.71 17.16 17.30
N ASP B 564 29.03 18.25 17.98
CA ASP B 564 29.63 19.42 17.37
C ASP B 564 28.67 20.21 16.48
N ALA B 565 27.39 19.84 16.58
CA ALA B 565 26.33 20.43 15.79
C ALA B 565 26.08 21.89 16.11
N VAL B 566 25.65 22.64 15.12
CA VAL B 566 25.17 24.00 15.31
C VAL B 566 23.68 23.95 15.62
N ALA B 567 23.25 24.65 16.66
CA ALA B 567 21.85 24.70 16.96
C ALA B 567 21.25 25.85 16.19
N ALA B 568 20.03 25.70 15.72
CA ALA B 568 19.38 26.80 15.04
C ALA B 568 17.90 26.68 15.27
N ASP B 569 17.18 27.78 15.03
CA ASP B 569 15.72 27.83 15.12
C ASP B 569 15.14 28.25 13.75
N VAL B 570 14.05 27.61 13.37
CA VAL B 570 13.42 27.89 12.10
C VAL B 570 12.37 28.91 12.35
N ALA B 571 12.31 29.92 11.52
CA ALA B 571 11.20 30.87 11.58
C ALA B 571 10.56 30.96 10.20
N PHE B 572 9.24 30.77 10.12
CA PHE B 572 8.57 30.84 8.83
C PHE B 572 7.23 31.57 8.90
N ILE B 573 6.78 32.07 7.76
CA ILE B 573 5.45 32.67 7.66
C ILE B 573 4.41 31.56 7.44
N PRO B 574 3.45 31.43 8.36
CA PRO B 574 2.46 30.34 8.23
C PRO B 574 1.41 30.59 7.15
N ARG B 575 0.72 29.54 6.72
CA ARG B 575 -0.21 29.64 5.59
C ARG B 575 -1.51 30.37 5.98
N SER B 576 -1.94 30.20 7.22
CA SER B 576 -3.18 30.81 7.70
C SER B 576 -2.94 31.97 8.68
N GLY B 577 -3.82 32.98 8.66
CA GLY B 577 -3.64 34.16 9.48
C GLY B 577 -3.79 33.85 10.95
N ARG B 578 -4.59 32.83 11.22
CA ARG B 578 -4.73 32.33 12.58
C ARG B 578 -3.40 31.74 13.06
N ALA B 579 -2.75 30.98 12.18
CA ALA B 579 -1.47 30.42 12.54
C ALA B 579 -0.43 31.54 12.68
N ALA B 580 -0.57 32.60 11.89
CA ALA B 580 0.42 33.68 11.91
C ALA B 580 0.39 34.39 13.25
N ASN B 581 -0.78 34.43 13.88
CA ASN B 581 -0.95 35.04 15.21
C ASN B 581 -0.33 34.26 16.36
N LEU B 582 0.11 33.03 16.10
CA LEU B 582 0.69 32.21 17.15
C LEU B 582 2.18 32.03 16.98
N ALA B 583 2.79 32.88 16.17
CA ALA B 583 4.16 32.63 15.76
C ALA B 583 5.18 33.67 16.23
N HIS B 584 4.72 34.62 17.05
CA HIS B 584 5.60 35.63 17.60
C HIS B 584 6.42 35.02 18.71
N THR B 585 7.45 34.27 18.31
CA THR B 585 8.19 33.45 19.23
C THR B 585 9.69 33.62 19.08
N PRO B 586 10.37 33.91 20.19
CA PRO B 586 11.79 34.25 20.10
C PRO B 586 12.67 33.03 19.81
N SER B 587 13.86 33.28 19.26
CA SER B 587 14.86 32.27 18.96
C SER B 587 16.03 32.44 19.95
N TYR B 588 16.43 31.36 20.60
CA TYR B 588 17.42 31.47 21.65
C TYR B 588 18.67 30.61 21.42
N SER B 589 18.63 29.80 20.37
CA SER B 589 19.82 29.05 19.93
C SER B 589 20.84 30.05 19.37
N GLY B 590 22.03 29.58 19.04
CA GLY B 590 22.90 30.55 18.37
C GLY B 590 22.37 31.19 17.08
N ARG B 591 21.46 30.50 16.38
CA ARG B 591 21.11 30.84 14.98
C ARG B 591 19.62 30.84 14.61
N ARG B 592 19.27 31.60 13.59
CA ARG B 592 17.94 31.55 13.01
C ARG B 592 17.98 31.40 11.48
N ILE B 593 17.11 30.55 10.96
CA ILE B 593 16.91 30.35 9.52
C ILE B 593 15.56 30.91 9.14
N SER B 594 15.59 32.03 8.43
CA SER B 594 14.36 32.68 7.98
C SER B 594 13.88 32.03 6.70
N VAL B 595 12.60 31.65 6.67
CA VAL B 595 11.98 31.11 5.46
C VAL B 595 10.72 31.90 5.10
N GLY B 596 10.83 32.81 4.13
CA GLY B 596 9.71 33.62 3.69
C GLY B 596 9.46 34.85 4.55
N LEU B 597 10.45 35.21 5.38
CA LEU B 597 10.35 36.36 6.28
C LEU B 597 11.68 37.08 6.22
N PRO B 598 11.68 38.38 6.52
CA PRO B 598 12.98 39.06 6.47
C PRO B 598 13.84 38.56 7.61
N ASP B 599 15.15 38.83 7.58
CA ASP B 599 15.98 38.39 8.70
C ASP B 599 15.57 39.12 9.98
N SER B 600 15.89 38.56 11.15
CA SER B 600 15.72 39.27 12.42
C SER B 600 17.02 39.82 13.06
N GLY B 601 16.92 41.02 13.63
CA GLY B 601 17.98 41.62 14.41
C GLY B 601 18.29 40.85 15.69
N ARG B 602 17.30 40.13 16.21
CA ARG B 602 17.51 39.47 17.50
C ARG B 602 18.27 38.16 17.34
N ALA B 603 18.62 37.79 16.11
CA ALA B 603 19.23 36.48 15.91
C ALA B 603 20.08 36.39 14.65
N GLN B 604 21.30 35.85 14.79
CA GLN B 604 22.19 35.71 13.67
C GLN B 604 21.64 34.69 12.67
N GLU B 605 21.43 35.15 11.45
CA GLU B 605 20.82 34.36 10.41
C GLU B 605 21.81 33.33 9.90
N ILE B 606 21.38 32.08 9.83
CA ILE B 606 22.16 31.04 9.15
C ILE B 606 21.42 30.78 7.84
N PRO B 607 21.94 31.34 6.74
CA PRO B 607 21.10 31.51 5.56
C PRO B 607 20.76 30.16 4.94
N LEU B 608 19.50 30.03 4.54
CA LEU B 608 18.98 28.82 3.94
C LEU B 608 19.90 28.21 2.82
N ASP B 609 20.44 29.04 1.94
CA ASP B 609 21.25 28.50 0.85
C ASP B 609 22.59 27.95 1.26
N GLU B 610 22.92 27.98 2.54
CA GLU B 610 24.16 27.40 3.00
C GLU B 610 23.95 25.99 3.48
N LEU B 611 22.69 25.56 3.44
CA LEU B 611 22.32 24.28 4.01
C LEU B 611 22.26 23.14 2.98
N GLY B 612 22.71 21.96 3.39
CA GLY B 612 22.66 20.77 2.57
C GLY B 612 22.21 19.57 3.36
N VAL B 613 21.85 18.52 2.65
CA VAL B 613 21.34 17.31 3.26
C VAL B 613 22.21 16.13 2.83
N GLY B 614 22.61 15.32 3.80
CA GLY B 614 23.44 14.13 3.58
C GLY B 614 22.68 12.98 4.22
N ALA B 615 23.20 11.76 4.14
CA ALA B 615 22.48 10.63 4.73
C ALA B 615 23.41 9.50 5.14
N ASN B 616 23.10 8.82 6.23
CA ASN B 616 23.76 7.56 6.48
C ASN B 616 22.67 6.46 6.55
N LEU B 617 23.05 5.25 6.91
CA LEU B 617 22.08 4.15 6.88
C LEU B 617 20.92 4.43 7.80
N GLU B 618 21.18 5.23 8.84
CA GLU B 618 20.24 5.43 9.92
C GLU B 618 19.42 6.71 9.82
N ARG B 619 20.02 7.79 9.33
CA ARG B 619 19.36 9.10 9.34
C ARG B 619 19.65 9.98 8.11
N LEU B 620 18.78 10.94 7.86
CA LEU B 620 19.12 12.08 7.02
C LEU B 620 19.81 13.04 7.96
N CYS B 621 20.59 13.98 7.43
CA CYS B 621 21.11 15.02 8.30
C CYS B 621 21.43 16.31 7.60
N LEU B 622 21.09 17.41 8.28
CA LEU B 622 21.30 18.76 7.79
C LEU B 622 22.77 19.17 7.98
N VAL B 623 23.34 19.78 6.96
CA VAL B 623 24.74 20.13 7.02
C VAL B 623 24.88 21.57 6.62
N HIS B 624 25.63 22.36 7.39
CA HIS B 624 26.02 23.70 6.98
C HIS B 624 27.25 23.55 6.10
N LEU B 625 27.06 23.72 4.80
CA LEU B 625 28.11 23.39 3.82
C LEU B 625 29.48 24.09 4.03
N PRO B 626 29.48 25.39 4.33
CA PRO B 626 30.77 26.06 4.52
C PRO B 626 31.67 25.52 5.62
N THR B 627 31.11 24.91 6.67
CA THR B 627 31.91 24.58 7.83
C THR B 627 32.03 23.08 8.06
N GLY B 628 31.18 22.31 7.39
CA GLY B 628 31.16 20.88 7.57
C GLY B 628 30.71 20.50 8.96
N ARG B 629 29.73 21.22 9.47
CA ARG B 629 29.14 20.86 10.74
C ARG B 629 27.67 20.61 10.53
N GLU B 630 27.11 19.65 11.26
CA GLU B 630 25.69 19.40 11.16
C GLU B 630 24.88 20.51 11.80
N VAL B 631 23.62 20.61 11.44
CA VAL B 631 22.77 21.64 12.03
C VAL B 631 21.53 20.97 12.59
N VAL B 632 21.15 21.34 13.81
CA VAL B 632 19.95 20.81 14.40
C VAL B 632 18.98 21.94 14.61
N PRO B 633 18.04 22.10 13.65
CA PRO B 633 17.09 23.20 13.73
C PRO B 633 16.03 22.84 14.73
N ALA B 634 15.43 23.84 15.36
CA ALA B 634 14.24 23.59 16.16
C ALA B 634 13.10 24.52 15.73
N LEU B 635 11.87 24.14 16.00
CA LEU B 635 10.77 25.00 15.75
C LEU B 635 10.23 25.43 17.12
N PRO B 636 10.60 26.62 17.57
CA PRO B 636 10.26 27.00 18.95
C PRO B 636 8.86 27.60 19.14
N ASN B 637 7.90 27.08 18.39
CA ASN B 637 6.51 27.42 18.62
C ASN B 637 5.65 26.19 18.37
N MET B 638 4.32 26.33 18.43
CA MET B 638 3.43 25.18 18.22
C MET B 638 2.63 25.29 16.95
N VAL B 639 3.10 26.08 16.01
CA VAL B 639 2.46 26.11 14.72
C VAL B 639 2.76 24.80 13.97
N SER B 640 1.75 24.22 13.36
CA SER B 640 1.91 22.93 12.69
C SER B 640 2.70 23.10 11.37
N ALA B 641 3.94 22.60 11.35
CA ALA B 641 4.74 22.67 10.12
C ALA B 641 4.01 21.91 9.03
N PHE B 642 3.40 20.79 9.43
CA PHE B 642 2.62 19.96 8.52
C PHE B 642 1.53 20.79 7.82
N ALA B 643 0.74 21.53 8.58
CA ALA B 643 -0.41 22.19 8.01
C ALA B 643 -0.06 23.57 7.50
N GLN B 644 0.99 24.16 8.05
CA GLN B 644 1.17 25.60 7.86
C GLN B 644 2.50 26.07 7.25
N ALA B 645 3.50 25.21 7.12
CA ALA B 645 4.82 25.66 6.70
C ALA B 645 5.15 25.33 5.26
N PRO B 646 5.78 26.30 4.58
CA PRO B 646 6.39 26.08 3.26
C PRO B 646 7.39 24.94 3.38
N ASN B 647 7.48 24.11 2.36
CA ASN B 647 8.30 22.91 2.41
C ASN B 647 9.73 23.04 2.98
N PRO B 648 10.50 24.10 2.61
CA PRO B 648 11.87 24.06 3.16
C PRO B 648 11.85 24.20 4.67
N ALA B 649 10.94 25.04 5.16
CA ALA B 649 10.77 25.22 6.60
C ALA B 649 10.37 23.92 7.30
N ARG B 650 9.37 23.22 6.74
CA ARG B 650 8.91 21.98 7.33
C ARG B 650 10.02 20.94 7.26
N LEU B 651 10.81 20.99 6.21
CA LEU B 651 11.90 20.05 6.04
C LEU B 651 12.98 20.30 7.08
N LEU B 652 13.23 21.57 7.42
CA LEU B 652 14.22 21.89 8.45
C LEU B 652 13.80 21.32 9.79
N PHE B 653 12.56 21.56 10.14
CA PHE B 653 12.00 21.05 11.37
C PHE B 653 12.09 19.54 11.49
N GLU B 654 11.68 18.81 10.46
CA GLU B 654 11.64 17.35 10.60
C GLU B 654 13.05 16.78 10.60
N LEU B 655 13.96 17.44 9.89
CA LEU B 655 15.35 16.99 9.87
C LEU B 655 15.98 17.13 11.26
N GLY B 656 15.58 18.17 12.00
CA GLY B 656 16.08 18.35 13.34
C GLY B 656 15.78 17.16 14.24
N LEU B 657 14.68 16.47 13.96
CA LEU B 657 14.26 15.35 14.79
C LEU B 657 14.81 14.01 14.29
N GLU B 658 15.60 14.03 13.24
CA GLU B 658 16.24 12.79 12.79
C GLU B 658 17.15 12.22 13.86
N GLY B 659 17.25 10.90 13.92
CA GLY B 659 18.13 10.25 14.86
C GLY B 659 17.59 10.23 16.29
N GLN B 660 16.41 10.81 16.48
CA GLN B 660 15.74 10.79 17.77
C GLN B 660 14.45 9.94 17.75
N ARG B 661 14.35 9.00 18.69
CA ARG B 661 13.11 8.24 18.87
C ARG B 661 12.09 9.11 19.59
N LEU B 662 10.96 9.35 18.95
CA LEU B 662 10.03 10.39 19.38
C LEU B 662 8.87 9.81 20.15
N TRP B 663 8.64 10.33 21.35
CA TRP B 663 7.53 9.87 22.17
C TRP B 663 6.23 10.11 21.44
N GLU B 664 5.19 9.35 21.77
CA GLU B 664 3.83 9.62 21.27
C GLU B 664 2.82 9.44 22.39
N PRO B 665 1.62 10.00 22.22
CA PRO B 665 0.53 9.68 23.14
C PRO B 665 0.28 8.19 23.26
N TRP B 666 -0.51 7.82 24.25
CA TRP B 666 -0.94 6.44 24.41
C TRP B 666 -1.74 6.05 23.18
N ASP B 667 -1.38 4.94 22.54
CA ASP B 667 -2.08 4.53 21.32
C ASP B 667 -2.92 3.26 21.50
N TRP B 668 -4.24 3.40 21.39
CA TRP B 668 -5.12 2.26 21.62
C TRP B 668 -5.21 1.42 20.37
N GLY B 669 -4.92 2.03 19.23
CA GLY B 669 -4.96 1.32 17.97
C GLY B 669 -6.37 0.87 17.59
N ALA B 670 -6.46 -0.33 17.04
CA ALA B 670 -7.75 -0.88 16.58
C ALA B 670 -8.84 -0.91 17.66
N LEU B 671 -8.42 -1.03 18.92
CA LEU B 671 -9.30 -1.15 20.07
C LEU B 671 -10.13 0.10 20.32
N SER B 672 -9.92 1.13 19.51
CA SER B 672 -10.62 2.40 19.67
C SER B 672 -12.11 2.27 19.37
N GLU B 673 -12.51 1.13 18.82
CA GLU B 673 -13.91 0.92 18.48
C GLU B 673 -14.74 0.49 19.69
N MET B 674 -14.06 -0.02 20.73
CA MET B 674 -14.75 -0.46 21.94
C MET B 674 -15.55 0.71 22.51
N PRO B 675 -16.75 0.43 23.03
CA PRO B 675 -17.67 1.46 23.57
C PRO B 675 -17.09 2.13 24.80
N PHE B 676 -16.30 1.37 25.55
CA PHE B 676 -15.62 1.95 26.67
C PHE B 676 -14.14 1.55 26.69
N LEU B 677 -13.29 2.54 26.89
CA LEU B 677 -11.88 2.28 27.13
C LEU B 677 -11.45 2.76 28.52
N PRO B 678 -10.96 1.84 29.33
CA PRO B 678 -10.52 2.19 30.68
C PRO B 678 -9.32 3.13 30.64
N GLY B 679 -9.23 4.05 31.59
CA GLY B 679 -8.01 4.82 31.79
C GLY B 679 -6.82 3.91 32.12
N VAL B 680 -5.63 4.37 31.76
CA VAL B 680 -4.44 3.59 32.02
C VAL B 680 -3.58 4.31 33.06
N ARG B 681 -3.31 3.62 34.17
CA ARG B 681 -2.58 4.22 35.27
C ARG B 681 -1.23 3.55 35.40
N TYR B 682 -0.20 4.37 35.42
CA TYR B 682 1.17 3.92 35.66
C TYR B 682 1.61 4.70 36.91
N GLY B 683 1.80 3.97 38.02
CA GLY B 683 1.85 4.48 39.37
C GLY B 683 1.66 5.97 39.61
N ARG B 684 0.41 6.41 39.80
CA ARG B 684 -0.01 7.84 39.96
C ARG B 684 -0.27 8.65 38.68
N THR B 685 0.23 8.19 37.54
CA THR B 685 0.01 8.89 36.26
C THR B 685 -1.01 8.19 35.40
N LEU B 686 -2.00 8.96 34.94
CA LEU B 686 -2.95 8.48 33.95
C LEU B 686 -2.47 8.75 32.51
N LEU B 687 -1.83 7.75 31.91
CA LEU B 687 -1.34 7.86 30.54
C LEU B 687 -2.46 8.10 29.54
N ALA B 688 -3.66 7.62 29.85
CA ALA B 688 -4.82 7.83 29.01
C ALA B 688 -6.05 7.93 29.90
N ALA B 689 -6.91 8.92 29.64
CA ALA B 689 -8.12 9.06 30.45
C ALA B 689 -9.12 7.99 30.02
N PRO B 690 -10.09 7.67 30.90
CA PRO B 690 -11.13 6.72 30.46
C PRO B 690 -12.05 7.37 29.43
N LEU B 691 -12.67 6.53 28.60
CA LEU B 691 -13.23 6.93 27.30
C LEU B 691 -14.54 6.24 26.90
N TRP B 692 -15.59 7.02 26.65
CA TRP B 692 -16.89 6.45 26.21
C TRP B 692 -17.29 6.95 24.83
N ARG B 693 -17.45 6.03 23.89
CA ARG B 693 -17.98 6.37 22.57
C ARG B 693 -19.47 6.66 22.71
N MET B 694 -20.03 7.44 21.79
CA MET B 694 -21.43 7.81 21.89
C MET B 694 -22.29 7.43 20.67
N ASP B 695 -21.92 6.37 19.97
CA ASP B 695 -22.61 5.96 18.75
C ASP B 695 -24.12 5.86 18.96
N GLN B 696 -24.50 5.16 20.02
CA GLN B 696 -25.90 4.97 20.35
C GLN B 696 -26.71 6.25 20.53
N LEU B 697 -26.06 7.34 20.90
CA LEU B 697 -26.79 8.57 21.20
C LEU B 697 -27.01 9.42 19.95
N ARG B 698 -26.46 8.96 18.83
CA ARG B 698 -26.47 9.75 17.59
C ARG B 698 -27.88 9.81 16.98
N GLY B 699 -28.53 8.66 16.91
CA GLY B 699 -29.90 8.56 16.43
C GLY B 699 -30.93 9.30 17.27
N PRO B 700 -30.87 9.16 18.60
CA PRO B 700 -31.80 9.95 19.43
C PRO B 700 -31.55 11.45 19.30
N ALA B 701 -30.33 11.83 18.95
CA ALA B 701 -30.08 13.22 18.60
C ALA B 701 -30.71 13.40 17.22
N ASP B 702 -30.99 14.64 16.85
CA ASP B 702 -31.61 14.98 15.55
C ASP B 702 -33.02 14.38 15.31
N ASP B 703 -33.41 13.40 16.11
CA ASP B 703 -34.79 12.94 16.11
C ASP B 703 -35.63 14.09 16.65
N SER B 704 -36.56 14.58 15.85
CA SER B 704 -37.41 15.67 16.30
C SER B 704 -38.46 15.16 17.29
N GLY B 705 -38.15 15.25 18.56
CA GLY B 705 -39.03 14.77 19.61
C GLY B 705 -38.91 15.62 20.86
N PRO B 706 -39.59 15.21 21.93
CA PRO B 706 -39.59 15.94 23.21
C PRO B 706 -38.22 15.95 23.88
N ALA B 707 -38.02 16.90 24.80
CA ALA B 707 -36.76 17.02 25.51
C ALA B 707 -36.54 15.86 26.49
N ALA B 708 -37.61 15.17 26.83
CA ALA B 708 -37.51 14.00 27.72
C ALA B 708 -37.28 12.73 26.91
N ASP B 709 -37.55 12.79 25.61
CA ASP B 709 -37.32 11.67 24.71
C ASP B 709 -35.80 11.51 24.50
N TRP B 710 -35.08 12.62 24.56
CA TRP B 710 -33.61 12.61 24.52
C TRP B 710 -33.05 12.21 25.87
N ASP B 711 -33.52 12.88 26.93
CA ASP B 711 -33.07 12.62 28.30
C ASP B 711 -33.18 11.14 28.62
N ALA B 712 -34.19 10.49 28.06
CA ALA B 712 -34.43 9.07 28.25
C ALA B 712 -33.27 8.29 27.66
N ALA B 713 -32.93 8.60 26.42
CA ALA B 713 -31.82 7.98 25.74
C ALA B 713 -30.51 8.15 26.53
N LEU B 714 -30.35 9.33 27.10
CA LEU B 714 -29.16 9.66 27.89
C LEU B 714 -28.99 8.72 29.09
N ASP B 715 -30.00 8.63 29.95
CA ASP B 715 -29.94 7.71 31.11
C ASP B 715 -29.78 6.26 30.68
N ARG B 716 -30.37 5.90 29.56
CA ARG B 716 -30.21 4.57 29.01
C ARG B 716 -28.74 4.31 28.69
N TRP B 717 -28.14 5.20 27.89
CA TRP B 717 -26.71 5.12 27.56
C TRP B 717 -25.84 5.20 28.80
N ARG B 718 -26.15 6.18 29.64
CA ARG B 718 -25.40 6.45 30.86
C ARG B 718 -25.35 5.24 31.79
N ALA B 719 -26.48 4.55 31.91
CA ALA B 719 -26.58 3.43 32.83
C ALA B 719 -26.09 2.11 32.23
N GLU B 720 -26.06 2.03 30.91
CA GLU B 720 -25.65 0.80 30.22
C GLU B 720 -24.15 0.60 30.23
N TRP B 721 -23.41 1.70 30.34
CA TRP B 721 -21.95 1.68 30.22
C TRP B 721 -21.30 2.26 31.46
N ASN B 722 -22.13 2.60 32.44
CA ASN B 722 -21.70 3.13 33.74
C ASN B 722 -20.99 4.46 33.62
N VAL B 723 -21.61 5.38 32.91
CA VAL B 723 -21.07 6.71 32.69
C VAL B 723 -21.32 7.61 33.89
N PRO B 724 -20.28 8.30 34.39
CA PRO B 724 -20.46 9.27 35.47
C PRO B 724 -21.41 10.39 35.09
N ARG B 725 -21.84 11.14 36.08
CA ARG B 725 -22.75 12.26 35.89
C ARG B 725 -22.00 13.42 35.23
N ARG B 726 -20.73 13.56 35.58
CA ARG B 726 -19.89 14.62 35.02
C ARG B 726 -18.92 14.07 33.96
N VAL B 727 -18.87 14.72 32.80
CA VAL B 727 -18.00 14.25 31.72
C VAL B 727 -17.23 15.34 30.96
N LEU B 728 -16.10 14.97 30.38
CA LEU B 728 -15.48 15.84 29.37
C LEU B 728 -15.86 15.35 27.95
N ALA B 729 -16.51 16.22 27.18
CA ALA B 729 -16.87 15.88 25.81
C ALA B 729 -15.76 16.33 24.86
N VAL B 730 -15.00 15.35 24.37
CA VAL B 730 -13.81 15.62 23.58
C VAL B 730 -13.97 15.28 22.11
N SER B 731 -13.64 16.26 21.27
CA SER B 731 -13.33 16.06 19.87
C SER B 731 -12.04 16.85 19.52
N MET B 732 -11.85 17.08 18.23
CA MET B 732 -10.74 17.90 17.77
C MET B 732 -10.96 19.37 18.12
N ASP B 733 -12.18 19.86 17.93
CA ASP B 733 -12.45 21.28 18.11
C ASP B 733 -12.83 21.69 19.54
N GLN B 734 -13.35 20.75 20.33
CA GLN B 734 -13.83 21.08 21.68
C GLN B 734 -13.41 20.17 22.82
N ARG B 735 -13.12 20.83 23.93
CA ARG B 735 -13.26 20.22 25.23
C ARG B 735 -14.53 20.82 25.81
N LEU B 736 -15.39 19.99 26.36
CA LEU B 736 -16.64 20.48 26.92
C LEU B 736 -16.91 19.71 28.21
N LEU B 737 -16.56 20.34 29.32
CA LEU B 737 -16.80 19.76 30.63
C LEU B 737 -18.27 20.02 30.93
N LEU B 738 -19.03 18.92 31.02
CA LEU B 738 -20.48 18.95 31.18
C LEU B 738 -20.98 18.18 32.40
N ASP B 739 -21.91 18.77 33.13
CA ASP B 739 -22.69 18.04 34.13
C ASP B 739 -23.99 17.54 33.49
N LEU B 740 -24.16 16.23 33.45
CA LEU B 740 -25.32 15.64 32.78
C LEU B 740 -26.60 15.67 33.65
N ASP B 741 -26.49 16.28 34.83
CA ASP B 741 -27.67 16.53 35.69
C ASP B 741 -28.30 17.86 35.29
N ASP B 742 -27.46 18.87 35.01
CA ASP B 742 -27.92 20.15 34.52
C ASP B 742 -28.67 19.91 33.20
N ALA B 743 -29.87 20.47 33.07
CA ALA B 743 -30.70 20.24 31.89
C ALA B 743 -30.19 21.03 30.69
N TRP B 744 -29.65 22.22 30.95
CA TRP B 744 -29.04 23.06 29.92
C TRP B 744 -27.84 22.35 29.28
N HIS B 745 -27.01 21.72 30.11
CA HIS B 745 -25.89 20.94 29.62
C HIS B 745 -26.36 19.74 28.78
N ARG B 746 -27.49 19.17 29.16
CA ARG B 746 -27.99 17.98 28.49
C ARG B 746 -28.48 18.26 27.08
N VAL B 747 -28.89 19.49 26.81
CA VAL B 747 -29.32 19.82 25.45
C VAL B 747 -28.09 20.27 24.69
N LEU B 748 -27.13 20.82 25.44
CA LEU B 748 -25.89 21.27 24.85
C LEU B 748 -25.10 20.07 24.31
N LEU B 749 -25.15 18.96 25.05
CA LEU B 749 -24.49 17.72 24.66
C LEU B 749 -25.16 17.17 23.42
N ARG B 750 -26.45 17.42 23.32
CA ARG B 750 -27.22 16.95 22.18
C ARG B 750 -26.88 17.73 20.92
N ASP B 751 -26.84 19.05 21.05
CA ASP B 751 -26.55 19.90 19.92
C ASP B 751 -25.13 19.62 19.45
N GLU B 752 -24.22 19.44 20.41
CA GLU B 752 -22.82 19.20 20.10
C GLU B 752 -22.64 17.87 19.38
N LEU B 753 -23.47 16.88 19.69
CA LEU B 753 -23.36 15.57 19.05
C LEU B 753 -23.85 15.57 17.59
N ARG B 754 -24.91 16.33 17.33
CA ARG B 754 -25.43 16.52 15.98
C ARG B 754 -24.37 17.15 15.08
N ARG B 755 -23.60 18.06 15.66
CA ARG B 755 -22.60 18.86 14.96
C ARG B 755 -21.34 18.07 14.65
N THR B 756 -20.90 17.29 15.62
CA THR B 756 -19.69 16.48 15.49
C THR B 756 -19.93 15.02 15.90
N PRO B 757 -20.36 14.19 14.93
CA PRO B 757 -20.79 12.80 15.11
C PRO B 757 -19.77 11.89 15.82
N GLU B 758 -18.49 12.21 15.73
CA GLU B 758 -17.46 11.34 16.32
C GLU B 758 -17.09 11.74 17.77
N LEU B 759 -18.00 12.43 18.44
CA LEU B 759 -17.76 12.92 19.81
C LEU B 759 -17.60 11.82 20.87
N ILE B 760 -16.79 12.06 21.88
CA ILE B 760 -16.65 11.11 22.98
C ILE B 760 -16.82 11.77 24.34
N ALA B 761 -16.87 10.93 25.38
CA ALA B 761 -17.00 11.41 26.75
C ALA B 761 -15.85 10.87 27.51
N GLN B 762 -15.14 11.78 28.18
CA GLN B 762 -14.05 11.42 29.07
C GLN B 762 -14.44 11.60 30.55
N GLN B 763 -13.98 10.68 31.40
CA GLN B 763 -14.05 10.84 32.84
C GLN B 763 -13.16 12.00 33.27
N VAL B 764 -13.73 12.95 34.02
CA VAL B 764 -12.97 14.11 34.50
C VAL B 764 -11.79 13.74 35.39
N ALA B 765 -10.68 14.45 35.26
CA ALA B 765 -9.52 14.11 36.07
C ALA B 765 -9.86 14.28 37.54
N GLY B 766 -9.70 13.17 38.26
CA GLY B 766 -9.93 13.16 39.69
C GLY B 766 -11.24 12.52 40.12
N ASP B 767 -12.23 12.45 39.23
CA ASP B 767 -13.53 11.92 39.61
C ASP B 767 -13.50 10.46 40.10
N GLU B 768 -12.67 9.63 39.49
CA GLU B 768 -12.63 8.22 39.88
C GLU B 768 -12.18 8.04 41.33
N GLU B 769 -11.44 9.01 41.86
CA GLU B 769 -10.98 8.95 43.24
C GLU B 769 -11.89 9.78 44.15
N GLY B 770 -12.97 10.32 43.57
CA GLY B 770 -13.91 11.11 44.32
C GLY B 770 -13.56 12.58 44.44
N TRP B 771 -12.32 12.92 44.13
CA TRP B 771 -11.70 14.22 44.44
C TRP B 771 -12.36 15.51 43.92
N LEU B 772 -13.48 15.41 43.23
CA LEU B 772 -14.14 16.60 42.71
C LEU B 772 -14.93 17.40 43.78
N ASP B 773 -14.23 17.92 44.78
CA ASP B 773 -14.83 18.82 45.80
C ASP B 773 -13.77 19.57 46.63
N PHE B 779 -8.81 20.31 45.47
CA PHE B 779 -8.57 21.68 45.01
C PHE B 779 -8.18 21.65 43.52
N PRO B 780 -8.59 22.69 42.77
CA PRO B 780 -9.10 22.59 41.38
C PRO B 780 -8.12 22.13 40.28
N GLY B 781 -7.36 21.07 40.50
CA GLY B 781 -6.33 20.68 39.55
C GLY B 781 -6.86 20.24 38.19
N HIS B 782 -8.12 19.87 38.14
CA HIS B 782 -8.76 19.35 36.92
C HIS B 782 -9.20 20.45 35.97
N LEU B 783 -9.11 21.71 36.42
CA LEU B 783 -9.46 22.84 35.58
C LEU B 783 -8.23 23.63 35.15
N ALA B 784 -7.06 23.06 35.38
CA ALA B 784 -5.82 23.74 35.04
C ALA B 784 -4.86 22.78 34.37
N GLU B 785 -4.22 23.24 33.31
CA GLU B 785 -3.20 22.45 32.63
C GLU B 785 -1.83 22.95 32.98
N ILE B 786 -0.96 22.00 33.29
CA ILE B 786 0.43 22.30 33.55
C ILE B 786 1.26 21.75 32.40
N VAL B 787 2.00 22.63 31.73
CA VAL B 787 2.90 22.21 30.67
C VAL B 787 4.32 22.14 31.21
N VAL B 788 4.87 20.94 31.32
CA VAL B 788 6.19 20.80 31.91
C VAL B 788 7.17 20.27 30.87
N PRO B 789 8.17 21.08 30.50
CA PRO B 789 9.23 20.68 29.57
C PRO B 789 10.17 19.65 30.20
N LEU B 790 10.85 18.84 29.38
CA LEU B 790 11.82 17.86 29.92
C LEU B 790 13.00 17.69 28.96
N GLU B 791 14.20 17.48 29.48
CA GLU B 791 15.37 17.31 28.61
C GLU B 791 16.04 15.96 28.88
N ARG B 792 16.81 15.49 27.91
CA ARG B 792 17.61 14.31 28.13
C ARG B 792 18.52 14.63 29.34
N ARG B 793 18.45 13.79 30.37
CA ARG B 793 19.20 14.03 31.60
C ARG B 793 20.69 13.97 31.28
N ASP B 794 21.12 12.89 30.66
CA ASP B 794 22.49 12.73 30.20
C ASP B 794 22.72 13.46 28.88
N ARG B 795 23.20 14.69 28.96
CA ARG B 795 23.12 15.63 27.84
C ARG B 795 24.11 15.40 26.69
N HIS B 796 25.15 14.61 26.90
CA HIS B 796 26.16 14.51 25.85
C HIS B 796 25.49 13.99 24.58
N ALA B 797 25.99 14.42 23.42
CA ALA B 797 25.41 14.03 22.14
C ALA B 797 25.95 12.67 21.72
N ALA B 798 25.06 11.71 21.49
CA ALA B 798 25.47 10.31 21.29
C ALA B 798 26.10 10.02 19.94
N ARG B 799 25.79 10.81 18.93
CA ARG B 799 26.17 10.50 17.56
C ARG B 799 27.23 11.46 17.00
N PRO B 800 28.27 10.89 16.38
CA PRO B 800 29.24 11.69 15.63
C PRO B 800 28.50 12.30 14.47
N PRO B 801 28.95 13.46 13.95
CA PRO B 801 28.34 14.01 12.74
C PRO B 801 28.69 13.14 11.56
N HIS B 802 27.94 13.33 10.48
CA HIS B 802 28.21 12.66 9.24
C HIS B 802 28.43 13.75 8.24
N ILE B 803 29.69 14.14 8.08
CA ILE B 803 30.04 15.24 7.19
C ILE B 803 30.78 14.76 5.96
N ARG B 804 30.16 14.96 4.81
CA ARG B 804 30.75 14.58 3.53
C ARG B 804 30.28 15.56 2.48
N ALA B 805 30.02 16.79 2.90
CA ALA B 805 29.55 17.88 2.05
C ALA B 805 30.16 17.76 0.63
N THR B 806 29.34 17.90 -0.42
CA THR B 806 29.82 17.62 -1.77
C THR B 806 29.16 18.49 -2.85
N VAL B 807 29.42 18.11 -4.10
CA VAL B 807 28.95 18.77 -5.31
C VAL B 807 28.71 17.70 -6.43
N SER B 808 28.24 18.12 -7.60
CA SER B 808 27.87 17.15 -8.65
C SER B 808 28.58 17.38 -10.02
N PRO B 812 25.56 15.19 -17.77
CA PRO B 812 24.18 15.35 -18.29
C PRO B 812 24.16 15.22 -19.81
N THR B 813 23.82 14.04 -20.30
CA THR B 813 23.85 13.76 -21.72
C THR B 813 22.50 13.22 -22.19
N GLY B 814 22.31 13.04 -23.49
CA GLY B 814 21.00 12.58 -23.93
C GLY B 814 20.86 11.93 -25.28
N ALA B 815 19.75 12.21 -25.96
CA ALA B 815 19.44 11.56 -27.23
C ALA B 815 20.42 11.95 -28.37
N GLY B 816 21.19 13.03 -28.17
CA GLY B 816 22.30 13.38 -29.04
C GLY B 816 23.15 12.18 -29.44
N GLY B 817 23.99 11.71 -28.52
CA GLY B 817 24.53 10.37 -28.63
C GLY B 817 26.01 10.03 -28.55
N PRO B 818 26.59 10.09 -27.34
CA PRO B 818 27.75 9.19 -27.16
C PRO B 818 27.22 7.79 -26.79
N TRP B 819 26.19 7.75 -25.94
CA TRP B 819 25.56 6.51 -25.54
C TRP B 819 24.21 6.21 -26.22
N LEU B 820 24.06 4.98 -26.69
CA LEU B 820 22.76 4.38 -26.98
C LEU B 820 22.37 3.50 -25.80
N TYR B 821 21.29 3.83 -25.10
CA TYR B 821 20.89 3.09 -23.91
C TYR B 821 19.50 2.46 -24.10
N LEU B 822 19.45 1.15 -24.27
CA LEU B 822 18.18 0.47 -24.48
C LEU B 822 17.57 -0.08 -23.20
N ARG B 823 16.26 0.11 -23.04
CA ARG B 823 15.52 -0.63 -22.03
C ARG B 823 14.63 -1.64 -22.73
N LEU B 824 14.91 -2.92 -22.51
CA LEU B 824 14.19 -4.01 -23.16
C LEU B 824 13.28 -4.66 -22.15
N ARG B 825 11.97 -4.54 -22.37
CA ARG B 825 10.97 -5.05 -21.40
C ARG B 825 10.78 -6.54 -21.52
N VAL B 826 11.78 -7.27 -21.08
CA VAL B 826 11.77 -8.72 -21.04
C VAL B 826 11.57 -9.15 -19.60
N PRO B 827 10.43 -9.77 -19.28
CA PRO B 827 10.18 -10.22 -17.90
C PRO B 827 11.25 -11.19 -17.40
N ARG B 828 11.44 -11.20 -16.08
CA ARG B 828 12.55 -11.88 -15.41
C ARG B 828 12.64 -13.36 -15.75
N ARG B 829 11.50 -14.04 -15.84
CA ARG B 829 11.48 -15.48 -16.19
C ARG B 829 12.06 -15.74 -17.58
N ASN B 830 11.93 -14.76 -18.46
CA ASN B 830 12.38 -14.87 -19.85
C ASN B 830 13.84 -14.40 -20.12
N GLN B 831 14.49 -13.78 -19.13
CA GLN B 831 15.69 -13.01 -19.42
C GLN B 831 16.89 -13.86 -19.83
N ASP B 832 17.13 -14.92 -19.08
CA ASP B 832 18.22 -15.82 -19.40
C ASP B 832 18.16 -16.32 -20.86
N ASP B 833 16.99 -16.72 -21.33
CA ASP B 833 16.87 -17.10 -22.73
C ASP B 833 17.16 -15.95 -23.70
N PHE B 834 16.64 -14.77 -23.37
CA PHE B 834 16.85 -13.59 -24.17
C PHE B 834 18.39 -13.25 -24.23
N LEU B 835 19.06 -13.28 -23.08
CA LEU B 835 20.51 -13.06 -23.01
C LEU B 835 21.31 -14.10 -23.79
N ARG B 836 20.87 -15.35 -23.75
CA ARG B 836 21.51 -16.42 -24.52
C ARG B 836 21.31 -16.26 -26.04
N ASP B 837 20.10 -15.92 -26.48
CA ASP B 837 19.78 -15.97 -27.91
C ASP B 837 19.67 -14.63 -28.66
N GLN B 838 19.12 -13.61 -28.01
CA GLN B 838 18.82 -12.37 -28.70
C GLN B 838 19.88 -11.28 -28.47
N VAL B 839 20.35 -11.12 -27.24
CA VAL B 839 21.35 -10.09 -26.96
C VAL B 839 22.62 -10.19 -27.81
N PRO B 840 23.14 -11.44 -28.06
CA PRO B 840 24.26 -11.59 -28.99
C PRO B 840 24.01 -10.98 -30.38
N VAL B 841 22.78 -11.08 -30.88
CA VAL B 841 22.46 -10.50 -32.18
C VAL B 841 22.66 -9.00 -32.09
N LEU B 842 22.22 -8.42 -30.98
CA LEU B 842 22.34 -6.98 -30.81
C LEU B 842 23.81 -6.59 -30.71
N VAL B 843 24.61 -7.46 -30.09
CA VAL B 843 26.01 -7.11 -29.81
C VAL B 843 26.83 -7.12 -31.10
N ARG B 844 26.54 -8.08 -31.97
CA ARG B 844 27.18 -8.13 -33.28
C ARG B 844 26.79 -6.93 -34.14
N ALA B 845 25.53 -6.49 -34.04
CA ALA B 845 25.07 -5.34 -34.81
C ALA B 845 25.84 -4.12 -34.34
N GLY B 846 26.00 -3.99 -33.04
CA GLY B 846 26.77 -2.89 -32.49
C GLY B 846 28.22 -2.93 -32.97
N ILE B 847 28.80 -4.12 -33.06
CA ILE B 847 30.19 -4.22 -33.52
C ILE B 847 30.33 -3.74 -34.97
N GLU B 848 29.52 -4.26 -35.88
CA GLU B 848 29.61 -3.86 -37.29
C GLU B 848 29.22 -2.41 -37.54
N HIS B 849 28.77 -1.70 -36.52
CA HIS B 849 28.45 -0.30 -36.72
C HIS B 849 29.44 0.56 -35.98
N GLY B 850 30.49 -0.10 -35.50
CA GLY B 850 31.66 0.58 -34.94
C GLY B 850 31.54 1.01 -33.50
N ALA B 851 30.60 0.43 -32.77
CA ALA B 851 30.48 0.72 -31.35
C ALA B 851 31.69 0.11 -30.64
N ASP B 852 32.26 0.85 -29.71
CA ASP B 852 33.53 0.44 -29.10
C ASP B 852 33.37 -0.28 -27.75
N ARG B 853 32.24 -0.05 -27.09
CA ARG B 853 31.92 -0.66 -25.79
C ARG B 853 30.45 -1.08 -25.71
N TRP B 854 30.17 -2.18 -25.01
CA TRP B 854 28.79 -2.56 -24.73
C TRP B 854 28.70 -3.26 -23.40
N PHE B 855 27.54 -3.21 -22.76
CA PHE B 855 27.30 -3.98 -21.54
C PHE B 855 25.79 -4.15 -21.31
N PHE B 856 25.41 -5.00 -20.36
CA PHE B 856 24.01 -5.12 -20.02
C PHE B 856 23.93 -5.22 -18.52
N ILE B 857 22.81 -4.78 -17.97
CA ILE B 857 22.50 -5.00 -16.58
C ILE B 857 21.07 -5.47 -16.48
N ARG B 858 20.73 -6.17 -15.40
CA ARG B 858 19.36 -6.42 -15.05
C ARG B 858 18.89 -5.33 -14.09
N TYR B 859 17.75 -4.71 -14.37
CA TYR B 859 17.30 -3.51 -13.65
C TYR B 859 15.85 -3.66 -13.28
N SER B 860 15.46 -3.01 -12.21
CA SER B 860 14.04 -2.87 -11.90
C SER B 860 13.72 -1.39 -11.69
N ASP B 861 12.80 -0.88 -12.49
CA ASP B 861 12.32 0.48 -12.27
C ASP B 861 10.87 0.36 -11.86
N THR B 862 10.13 1.44 -12.02
CA THR B 862 8.73 1.44 -11.61
C THR B 862 7.81 0.54 -12.46
N ALA B 863 8.28 0.15 -13.65
CA ALA B 863 7.45 -0.65 -14.55
C ALA B 863 7.87 -2.12 -14.58
N GLY B 864 8.68 -2.52 -13.61
CA GLY B 864 9.01 -3.92 -13.43
C GLY B 864 10.45 -4.26 -13.70
N GLN B 865 10.70 -5.55 -13.90
CA GLN B 865 12.05 -6.01 -14.19
C GLN B 865 12.32 -6.05 -15.68
N HIS B 866 13.46 -5.48 -16.07
CA HIS B 866 13.82 -5.42 -17.48
C HIS B 866 15.33 -5.50 -17.64
N LEU B 867 15.77 -5.50 -18.89
CA LEU B 867 17.20 -5.48 -19.20
C LEU B 867 17.56 -4.11 -19.73
N ARG B 868 18.76 -3.66 -19.43
CA ARG B 868 19.25 -2.45 -20.04
C ARG B 868 20.49 -2.81 -20.78
N VAL B 869 20.55 -2.47 -22.06
CA VAL B 869 21.73 -2.76 -22.85
C VAL B 869 22.31 -1.44 -23.31
N ARG B 870 23.60 -1.27 -23.15
CA ARG B 870 24.22 -0.03 -23.56
C ARG B 870 25.30 -0.15 -24.60
N PHE B 871 25.28 0.76 -25.58
CA PHE B 871 26.37 0.85 -26.55
C PHE B 871 27.03 2.23 -26.53
N ARG B 872 28.33 2.26 -26.77
CA ARG B 872 29.06 3.50 -26.94
C ARG B 872 29.66 3.56 -28.34
N GLY B 873 29.56 4.73 -28.99
CA GLY B 873 30.12 4.90 -30.32
C GLY B 873 30.01 6.29 -30.95
N GLU B 874 30.45 6.40 -32.20
CA GLU B 874 30.32 7.66 -32.91
C GLU B 874 28.86 7.94 -33.21
N ARG B 875 28.43 9.14 -32.84
CA ARG B 875 27.06 9.63 -32.98
C ARG B 875 26.34 9.20 -34.26
N GLU B 876 26.93 9.45 -35.42
CA GLU B 876 26.26 9.13 -36.69
C GLU B 876 26.07 7.63 -36.85
N LYS B 877 27.13 6.86 -36.64
CA LYS B 877 27.07 5.40 -36.78
C LYS B 877 26.02 4.81 -35.84
N LEU B 878 25.97 5.35 -34.63
CA LEU B 878 25.05 4.89 -33.60
C LEU B 878 23.58 5.14 -33.97
N TRP B 879 23.23 6.40 -34.22
CA TRP B 879 21.84 6.78 -34.43
C TRP B 879 21.29 6.63 -35.84
N ALA B 880 22.15 6.60 -36.83
CA ALA B 880 21.70 6.51 -38.21
C ALA B 880 21.98 5.13 -38.78
N GLY B 881 22.86 4.38 -38.13
CA GLY B 881 23.19 3.04 -38.61
C GLY B 881 22.70 1.91 -37.71
N LEU B 882 23.20 1.86 -36.48
CA LEU B 882 22.91 0.78 -35.53
C LEU B 882 21.46 0.78 -35.04
N LEU B 883 21.00 1.95 -34.62
CA LEU B 883 19.67 2.10 -34.03
C LEU B 883 18.56 1.57 -34.94
N PRO B 884 18.62 1.90 -36.24
CA PRO B 884 17.48 1.36 -36.99
C PRO B 884 17.62 -0.13 -37.27
N GLU B 885 18.83 -0.66 -37.30
CA GLU B 885 18.95 -2.09 -37.49
C GLU B 885 18.44 -2.73 -36.21
N ILE B 886 18.94 -2.25 -35.07
CA ILE B 886 18.52 -2.74 -33.74
C ILE B 886 17.00 -2.74 -33.62
N GLY B 887 16.39 -1.63 -34.03
CA GLY B 887 14.96 -1.47 -33.95
C GLY B 887 14.20 -2.49 -34.76
N ALA B 888 14.68 -2.79 -35.97
CA ALA B 888 13.97 -3.77 -36.78
C ALA B 888 13.92 -5.10 -36.03
N ARG B 889 15.05 -5.48 -35.46
CA ARG B 889 15.12 -6.69 -34.66
C ARG B 889 14.17 -6.64 -33.46
N LEU B 890 14.10 -5.48 -32.82
CA LEU B 890 13.26 -5.32 -31.64
C LEU B 890 11.78 -5.50 -31.89
N VAL B 891 11.29 -5.07 -33.05
CA VAL B 891 9.89 -5.30 -33.36
C VAL B 891 9.62 -6.74 -33.81
N GLU B 892 10.49 -7.32 -34.62
CA GLU B 892 10.39 -8.75 -34.96
C GLU B 892 10.24 -9.56 -33.66
N TRP B 893 11.18 -9.34 -32.73
CA TRP B 893 11.23 -10.12 -31.50
C TRP B 893 9.99 -9.92 -30.65
N GLN B 894 9.45 -8.70 -30.69
CA GLN B 894 8.18 -8.40 -30.02
C GLN B 894 7.02 -9.20 -30.59
N ARG B 895 6.96 -9.31 -31.91
CA ARG B 895 5.97 -10.17 -32.54
C ARG B 895 6.12 -11.62 -32.11
N GLN B 896 7.35 -12.09 -32.00
CA GLN B 896 7.61 -13.45 -31.54
C GLN B 896 7.42 -13.64 -30.02
N GLY B 897 6.93 -12.61 -29.34
CA GLY B 897 6.66 -12.67 -27.92
C GLY B 897 7.88 -12.72 -26.99
N LEU B 898 8.99 -12.10 -27.40
CA LEU B 898 10.20 -12.17 -26.58
C LEU B 898 10.38 -11.00 -25.63
N LEU B 899 9.75 -9.88 -25.96
CA LEU B 899 9.83 -8.71 -25.10
C LEU B 899 8.60 -7.86 -25.40
N ALA B 900 8.15 -7.06 -24.44
CA ALA B 900 6.87 -6.37 -24.57
C ALA B 900 7.04 -5.06 -25.30
N GLY B 901 8.26 -4.52 -25.22
CA GLY B 901 8.56 -3.22 -25.75
C GLY B 901 9.98 -2.76 -25.43
N HIS B 902 10.33 -1.61 -26.00
CA HIS B 902 11.62 -0.99 -25.73
C HIS B 902 11.55 0.53 -25.59
N GLU B 903 12.45 1.08 -24.77
CA GLU B 903 12.66 2.53 -24.78
C GLU B 903 14.14 2.87 -24.93
N LEU B 904 14.39 4.12 -25.29
CA LEU B 904 15.73 4.66 -25.31
C LEU B 904 15.81 5.65 -24.17
N GLY B 905 16.76 5.44 -23.27
CA GLY B 905 16.90 6.28 -22.10
C GLY B 905 18.25 6.97 -22.01
N GLN B 906 18.38 7.87 -21.04
CA GLN B 906 19.67 8.53 -20.82
C GLN B 906 20.65 7.68 -20.01
N TYR B 907 21.92 7.74 -20.37
CA TYR B 907 22.94 7.05 -19.58
C TYR B 907 23.71 8.00 -18.63
N ASP B 908 23.60 7.76 -17.33
CA ASP B 908 24.49 8.38 -16.35
C ASP B 908 25.55 7.40 -15.82
N PRO B 909 26.75 7.40 -16.43
CA PRO B 909 27.80 6.53 -15.90
C PRO B 909 28.15 7.04 -14.52
N GLU B 910 28.22 6.17 -13.54
CA GLU B 910 28.46 6.64 -12.19
C GLU B 910 29.91 6.35 -11.83
N TYR B 911 30.83 6.99 -12.55
CA TYR B 911 32.24 6.68 -12.41
C TYR B 911 32.79 6.95 -11.02
N GLU B 912 32.15 7.85 -10.28
CA GLU B 912 32.59 8.12 -8.91
C GLU B 912 32.55 6.84 -8.04
N ARG B 913 31.52 6.01 -8.25
CA ARG B 913 31.42 4.72 -7.58
C ARG B 913 32.57 3.78 -7.94
N TYR B 914 33.16 3.99 -9.11
CA TYR B 914 34.17 3.09 -9.63
C TYR B 914 35.54 3.76 -9.76
N GLY B 915 35.91 4.57 -8.76
CA GLY B 915 37.22 5.14 -8.70
C GLY B 915 37.43 6.45 -9.45
N GLY B 916 36.37 6.94 -10.10
CA GLY B 916 36.42 8.24 -10.76
C GLY B 916 36.72 8.22 -12.25
N ASP B 917 36.70 9.41 -12.86
CA ASP B 917 36.77 9.52 -14.32
C ASP B 917 38.09 9.07 -14.94
N ALA B 918 39.19 9.12 -14.19
CA ALA B 918 40.46 8.71 -14.77
C ALA B 918 40.45 7.20 -15.05
N LEU B 919 39.70 6.46 -14.25
CA LEU B 919 39.65 5.02 -14.39
C LEU B 919 38.52 4.52 -15.32
N ALA B 920 37.75 5.44 -15.91
CA ALA B 920 36.55 5.09 -16.69
C ALA B 920 36.74 4.09 -17.82
N GLU B 921 37.84 4.17 -18.57
CA GLU B 921 38.03 3.14 -19.58
C GLU B 921 38.17 1.75 -18.93
N PHE B 922 38.74 1.67 -17.75
CA PHE B 922 38.85 0.39 -17.06
C PHE B 922 37.49 -0.15 -16.56
N THR B 923 36.62 0.75 -16.13
CA THR B 923 35.26 0.38 -15.77
C THR B 923 34.42 -0.11 -16.96
N GLU B 924 34.40 0.66 -18.05
CA GLU B 924 33.63 0.30 -19.24
C GLU B 924 34.08 -1.06 -19.75
N THR B 925 35.37 -1.30 -19.73
CA THR B 925 35.91 -2.59 -20.17
C THR B 925 35.55 -3.76 -19.24
N ALA B 926 35.68 -3.53 -17.94
CA ALA B 926 35.23 -4.51 -17.00
C ALA B 926 33.78 -4.85 -17.28
N PHE B 927 32.91 -3.86 -17.39
CA PHE B 927 31.48 -4.11 -17.67
C PHE B 927 31.25 -4.90 -18.97
N GLN B 928 32.02 -4.58 -20.00
CA GLN B 928 31.86 -5.30 -21.25
C GLN B 928 32.24 -6.79 -21.15
N HIS B 929 33.42 -7.07 -20.62
CA HIS B 929 33.89 -8.44 -20.55
C HIS B 929 33.08 -9.22 -19.53
N ASP B 930 32.60 -8.54 -18.50
CA ASP B 930 31.72 -9.21 -17.58
C ASP B 930 30.36 -9.49 -18.21
N SER B 931 29.93 -8.59 -19.08
CA SER B 931 28.69 -8.84 -19.78
C SER B 931 28.84 -10.07 -20.67
N ALA B 932 29.94 -10.11 -21.41
CA ALA B 932 30.16 -11.21 -22.34
C ALA B 932 30.32 -12.55 -21.62
N ALA B 933 31.06 -12.53 -20.52
CA ALA B 933 31.24 -13.69 -19.66
C ALA B 933 29.92 -14.28 -19.26
N ALA B 934 29.03 -13.44 -18.75
CA ALA B 934 27.73 -13.85 -18.23
C ALA B 934 26.85 -14.54 -19.29
N ILE B 935 26.71 -13.91 -20.45
CA ILE B 935 25.97 -14.50 -21.53
C ILE B 935 26.58 -15.86 -21.80
N SER B 936 27.89 -15.87 -21.86
CA SER B 936 28.66 -17.11 -22.04
C SER B 936 28.42 -18.19 -20.96
N LEU B 937 28.38 -17.82 -19.70
CA LEU B 937 28.09 -18.79 -18.65
C LEU B 937 26.64 -19.31 -18.76
N LEU B 938 25.73 -18.40 -19.05
CA LEU B 938 24.33 -18.75 -19.15
C LEU B 938 24.12 -19.78 -20.27
N ARG B 939 24.91 -19.62 -21.35
CA ARG B 939 24.82 -20.55 -22.46
C ARG B 939 25.32 -21.92 -22.01
N LEU B 940 26.31 -21.96 -21.13
CA LEU B 940 26.74 -23.23 -20.56
C LEU B 940 25.62 -23.82 -19.74
N THR B 941 24.99 -23.03 -18.87
CA THR B 941 23.96 -23.63 -18.00
C THR B 941 22.77 -24.19 -18.77
N ARG B 942 22.53 -23.67 -19.97
CA ARG B 942 21.45 -24.20 -20.80
C ARG B 942 21.67 -25.70 -21.18
N ARG B 943 22.94 -26.10 -21.32
CA ARG B 943 23.27 -27.45 -21.80
C ARG B 943 22.82 -28.55 -20.83
N ALA B 944 22.23 -29.61 -21.41
CA ALA B 944 21.85 -30.84 -20.70
C ALA B 944 23.10 -31.58 -20.27
N GLY B 945 23.25 -31.80 -18.97
CA GLY B 945 24.42 -32.50 -18.51
C GLY B 945 25.40 -31.60 -17.80
N PHE B 946 25.25 -30.29 -17.99
CA PHE B 946 26.11 -29.33 -17.31
C PHE B 946 26.13 -29.49 -15.80
N ARG B 947 27.34 -29.64 -15.26
CA ARG B 947 27.54 -30.07 -13.88
C ARG B 947 27.15 -29.02 -12.83
N TYR B 948 27.48 -27.76 -13.12
CA TYR B 948 27.35 -26.68 -12.13
C TYR B 948 26.06 -25.90 -12.23
N THR B 949 25.52 -25.55 -11.07
CA THR B 949 24.32 -24.74 -11.01
C THR B 949 24.70 -23.28 -11.24
N LEU B 950 23.69 -22.43 -11.43
CA LEU B 950 23.93 -21.00 -11.55
C LEU B 950 24.60 -20.39 -10.31
N ASP B 951 24.17 -20.80 -9.12
CA ASP B 951 24.78 -20.27 -7.92
C ASP B 951 26.27 -20.66 -7.85
N GLU B 952 26.59 -21.87 -8.26
CA GLU B 952 27.99 -22.25 -8.27
C GLU B 952 28.79 -21.39 -9.24
N VAL B 953 28.35 -21.29 -10.50
CA VAL B 953 29.12 -20.51 -11.48
C VAL B 953 29.20 -19.04 -11.08
N THR B 954 28.18 -18.51 -10.39
CA THR B 954 28.21 -17.12 -9.95
C THR B 954 29.22 -16.93 -8.82
N ALA B 955 29.20 -17.84 -7.84
CA ALA B 955 30.19 -17.83 -6.75
C ALA B 955 31.62 -17.95 -7.30
N ILE B 956 31.80 -18.84 -8.26
CA ILE B 956 33.08 -18.94 -8.94
C ILE B 956 33.49 -17.60 -9.58
N SER B 957 32.54 -16.96 -10.23
CA SER B 957 32.83 -15.72 -10.93
C SER B 957 33.17 -14.62 -9.96
N ALA B 958 32.46 -14.54 -8.84
CA ALA B 958 32.81 -13.55 -7.82
C ALA B 958 34.23 -13.75 -7.30
N ALA B 959 34.55 -14.96 -6.89
CA ALA B 959 35.85 -15.25 -6.28
C ALA B 959 36.98 -15.04 -7.27
N ALA B 960 36.70 -15.33 -8.55
CA ALA B 960 37.69 -15.07 -9.58
C ALA B 960 37.88 -13.54 -9.78
N LEU B 961 36.81 -12.76 -9.63
CA LEU B 961 36.94 -11.31 -9.72
C LEU B 961 37.81 -10.85 -8.55
N ALA B 962 37.49 -11.30 -7.35
CA ALA B 962 38.37 -11.04 -6.19
C ALA B 962 39.84 -11.44 -6.40
N ASP B 963 40.13 -12.65 -6.93
CA ASP B 963 41.53 -13.00 -7.26
C ASP B 963 42.11 -11.96 -8.20
N ALA B 964 41.36 -11.60 -9.24
CA ALA B 964 41.90 -10.79 -10.33
C ALA B 964 42.17 -9.31 -9.97
N PHE B 965 41.36 -8.73 -9.09
CA PHE B 965 41.59 -7.33 -8.75
C PHE B 965 42.99 -7.13 -8.14
N GLY B 966 43.45 -8.11 -7.36
CA GLY B 966 44.76 -8.04 -6.75
C GLY B 966 44.67 -7.40 -5.36
N PRO B 967 45.84 -7.20 -4.70
CA PRO B 967 45.92 -6.64 -3.33
C PRO B 967 45.24 -5.28 -3.24
N PRO B 968 44.63 -4.96 -2.09
CA PRO B 968 44.08 -3.62 -1.85
C PRO B 968 45.17 -2.56 -1.94
N ALA B 969 44.79 -1.29 -1.96
CA ALA B 969 45.80 -0.25 -1.80
C ALA B 969 46.12 -0.24 -0.31
N PRO B 970 47.38 0.09 0.05
CA PRO B 970 47.73 0.10 1.47
C PRO B 970 46.96 1.18 2.22
N VAL B 971 46.63 0.91 3.48
CA VAL B 971 45.80 1.86 4.21
C VAL B 971 46.59 2.66 5.26
N VAL B 972 46.16 2.58 6.51
CA VAL B 972 46.83 3.21 7.63
C VAL B 972 46.19 2.63 8.88
N GLU B 973 44.88 2.41 8.78
CA GLU B 973 44.09 1.95 9.91
C GLU B 973 43.07 0.94 9.39
N PRO B 974 42.79 -0.10 10.17
CA PRO B 974 41.75 -1.07 9.81
C PRO B 974 40.36 -0.44 9.64
N VAL B 975 39.64 -0.90 8.62
CA VAL B 975 38.30 -0.41 8.35
C VAL B 975 37.27 -1.27 9.11
N PRO B 976 36.42 -0.62 9.90
CA PRO B 976 35.30 -1.29 10.57
C PRO B 976 34.20 -1.74 9.59
N LEU B 977 33.93 -3.04 9.51
CA LEU B 977 32.90 -3.56 8.63
C LEU B 977 31.59 -3.78 9.38
N VAL B 978 30.48 -3.73 8.64
CA VAL B 978 29.14 -3.84 9.20
C VAL B 978 29.01 -5.10 10.04
N GLY B 979 29.85 -6.09 9.77
CA GLY B 979 29.75 -7.36 10.48
C GLY B 979 30.63 -7.46 11.70
N GLY B 980 31.47 -6.45 11.94
CA GLY B 980 32.41 -6.48 13.04
C GLY B 980 33.84 -6.81 12.67
N LEU B 981 34.10 -7.17 11.41
CA LEU B 981 35.46 -7.45 10.97
C LEU B 981 36.27 -6.15 11.04
N GLN B 982 37.53 -6.24 11.45
CA GLN B 982 38.41 -5.08 11.36
C GLN B 982 39.27 -5.24 10.11
N TRP B 983 38.71 -4.81 8.98
CA TRP B 983 39.28 -5.02 7.65
C TRP B 983 40.72 -4.51 7.52
N ALA B 984 41.64 -5.36 7.07
CA ALA B 984 43.05 -4.97 7.01
C ALA B 984 43.81 -5.71 5.92
N PRO B 985 44.29 -4.97 4.93
CA PRO B 985 45.11 -5.50 3.82
C PRO B 985 46.24 -6.46 4.24
N ASP B 986 46.96 -6.16 5.33
CA ASP B 986 48.07 -7.03 5.75
C ASP B 986 47.59 -8.38 6.32
N LEU B 987 46.33 -8.42 6.74
CA LEU B 987 45.69 -9.65 7.21
C LEU B 987 45.48 -10.66 6.04
N PHE B 988 45.50 -10.17 4.81
CA PHE B 988 45.26 -11.04 3.66
C PHE B 988 46.43 -11.09 2.69
N ASP B 989 47.66 -10.99 3.21
CA ASP B 989 48.84 -11.03 2.35
C ASP B 989 48.91 -12.33 1.56
N GLY B 990 49.12 -12.21 0.25
CA GLY B 990 49.19 -13.33 -0.66
C GLY B 990 47.82 -13.77 -1.14
N ASP B 991 46.75 -13.25 -0.52
CA ASP B 991 45.38 -13.67 -0.85
C ASP B 991 44.35 -12.53 -1.12
N PRO B 992 44.47 -11.89 -2.29
CA PRO B 992 43.51 -10.82 -2.64
C PRO B 992 42.06 -11.31 -2.71
N ALA B 993 41.86 -12.55 -3.12
CA ALA B 993 40.51 -13.12 -3.15
C ALA B 993 39.86 -13.04 -1.77
N ALA B 994 40.56 -13.56 -0.76
CA ALA B 994 40.02 -13.49 0.58
C ALA B 994 39.82 -12.04 0.99
N ALA B 995 40.80 -11.20 0.63
CA ALA B 995 40.73 -9.78 0.94
C ALA B 995 39.37 -9.22 0.54
N TRP B 996 39.12 -9.13 -0.76
CA TRP B 996 37.86 -8.53 -1.22
C TRP B 996 36.61 -9.31 -0.81
N MET B 997 36.65 -10.63 -0.89
CA MET B 997 35.49 -11.41 -0.46
C MET B 997 35.19 -11.18 1.00
N SER B 998 36.14 -10.63 1.77
CA SER B 998 35.87 -10.47 3.20
C SER B 998 34.99 -9.26 3.47
N SER B 999 35.06 -8.29 2.55
CA SER B 999 34.32 -7.05 2.71
C SER B 999 32.88 -7.25 2.30
N THR B 1000 32.57 -8.49 1.95
CA THR B 1000 31.35 -8.83 1.24
C THR B 1000 30.26 -9.32 2.19
N GLY B 1001 30.62 -9.63 3.44
CA GLY B 1001 29.64 -10.08 4.41
C GLY B 1001 30.22 -10.46 5.75
N GLY B 1002 29.35 -10.55 6.76
CA GLY B 1002 29.76 -10.97 8.09
C GLY B 1002 30.03 -12.45 8.15
N ARG B 1003 30.98 -12.83 9.01
CA ARG B 1003 31.35 -14.22 9.19
C ARG B 1003 30.13 -15.02 9.66
N ARG B 1004 29.23 -14.37 10.38
CA ARG B 1004 28.06 -15.05 10.93
C ARG B 1004 26.97 -15.29 9.88
N GLU B 1005 26.94 -14.47 8.84
CA GLU B 1005 25.90 -14.57 7.80
C GLU B 1005 26.10 -15.57 6.67
N LEU B 1006 27.07 -16.46 6.83
CA LEU B 1006 27.27 -17.54 5.87
C LEU B 1006 25.97 -18.32 5.68
N PRO B 1007 25.68 -18.73 4.44
CA PRO B 1007 24.39 -19.37 4.17
C PRO B 1007 24.37 -20.81 4.68
N PRO B 1008 23.18 -21.31 5.05
CA PRO B 1008 22.96 -22.71 5.41
C PRO B 1008 23.79 -23.67 4.56
N ASP B 1009 23.59 -23.63 3.25
CA ASP B 1009 24.30 -24.53 2.33
C ASP B 1009 25.84 -24.52 2.45
N TYR B 1010 26.41 -23.45 2.99
CA TYR B 1010 27.86 -23.45 3.21
C TYR B 1010 28.20 -24.21 4.50
N ARG B 1011 27.47 -23.91 5.57
CA ARG B 1011 27.75 -24.53 6.86
C ARG B 1011 27.47 -26.04 6.82
N ARG B 1012 26.43 -26.42 6.08
CA ARG B 1012 26.05 -27.83 5.97
C ARG B 1012 27.02 -28.63 5.10
N ASP B 1013 28.01 -27.98 4.49
CA ASP B 1013 28.89 -28.70 3.57
C ASP B 1013 30.22 -27.99 3.21
N PRO B 1014 30.90 -27.35 4.19
CA PRO B 1014 32.00 -26.45 3.82
C PRO B 1014 33.22 -27.08 3.17
N ALA B 1015 33.38 -28.39 3.28
CA ALA B 1015 34.53 -29.03 2.68
C ALA B 1015 34.40 -28.96 1.17
N ARG B 1016 33.14 -29.04 0.73
CA ARG B 1016 32.78 -29.06 -0.66
C ARG B 1016 33.17 -27.74 -1.26
N TRP B 1017 32.58 -26.67 -0.75
CA TRP B 1017 32.80 -25.36 -1.32
C TRP B 1017 34.29 -24.97 -1.28
N GLN B 1018 34.99 -25.37 -0.23
CA GLN B 1018 36.41 -25.10 -0.13
C GLN B 1018 37.16 -25.76 -1.29
N LYS B 1019 36.71 -26.94 -1.70
CA LYS B 1019 37.40 -27.65 -2.78
C LYS B 1019 37.04 -27.02 -4.12
N LEU B 1020 35.80 -26.57 -4.24
CA LEU B 1020 35.33 -25.95 -5.49
C LEU B 1020 35.83 -24.50 -5.67
N ILE B 1021 35.53 -23.66 -4.69
CA ILE B 1021 35.82 -22.25 -4.79
C ILE B 1021 37.16 -21.94 -4.14
N ASP B 1022 38.22 -22.15 -4.91
CA ASP B 1022 39.59 -21.98 -4.42
C ASP B 1022 40.47 -21.28 -5.47
N PRO B 1023 40.23 -19.98 -5.68
CA PRO B 1023 41.00 -19.23 -6.67
C PRO B 1023 42.48 -19.11 -6.27
N THR B 1024 42.75 -18.83 -5.01
CA THR B 1024 44.13 -18.64 -4.53
C THR B 1024 45.00 -19.89 -4.76
N GLY B 1025 44.36 -21.07 -4.68
CA GLY B 1025 45.03 -22.33 -4.91
C GLY B 1025 45.20 -22.80 -6.35
N GLY B 1026 44.79 -22.00 -7.33
CA GLY B 1026 44.97 -22.37 -8.72
C GLY B 1026 43.80 -23.17 -9.26
N TRP B 1027 42.71 -23.18 -8.49
CA TRP B 1027 41.44 -23.79 -8.89
C TRP B 1027 41.55 -25.31 -9.19
N PRO B 1028 42.12 -26.07 -8.24
CA PRO B 1028 42.55 -27.44 -8.60
C PRO B 1028 41.38 -28.32 -8.99
N LEU B 1029 40.33 -28.34 -8.18
CA LEU B 1029 39.19 -29.18 -8.49
C LEU B 1029 38.55 -28.80 -9.81
N LEU B 1030 38.29 -27.52 -10.03
CA LEU B 1030 37.64 -27.07 -11.25
C LEU B 1030 38.42 -27.38 -12.54
N ARG B 1031 39.74 -27.23 -12.53
CA ARG B 1031 40.51 -27.47 -13.75
C ARG B 1031 40.60 -28.95 -14.08
N ALA B 1032 40.18 -29.78 -13.13
CA ALA B 1032 40.04 -31.22 -13.35
C ALA B 1032 38.92 -31.42 -14.36
N ASP B 1033 37.72 -31.00 -13.98
CA ASP B 1033 36.53 -31.15 -14.81
C ASP B 1033 36.63 -30.51 -16.20
N GLU B 1034 35.99 -31.12 -17.18
CA GLU B 1034 35.85 -30.51 -18.50
C GLU B 1034 34.91 -29.30 -18.44
N ASP B 1035 33.76 -29.46 -17.79
CA ASP B 1035 32.86 -28.33 -17.58
C ASP B 1035 33.48 -27.19 -16.76
N GLY B 1036 34.23 -27.54 -15.71
CA GLY B 1036 34.86 -26.55 -14.86
C GLY B 1036 35.87 -25.76 -15.66
N CYS B 1037 36.51 -26.42 -16.61
CA CYS B 1037 37.45 -25.71 -17.45
C CYS B 1037 36.72 -24.65 -18.26
N GLN B 1038 35.57 -25.03 -18.80
CA GLN B 1038 34.84 -24.10 -19.65
C GLN B 1038 34.33 -22.92 -18.85
N VAL B 1039 34.08 -23.13 -17.56
CA VAL B 1039 33.71 -22.05 -16.67
C VAL B 1039 34.89 -21.08 -16.52
N LEU B 1040 36.07 -21.61 -16.26
CA LEU B 1040 37.24 -20.76 -16.11
C LEU B 1040 37.65 -20.10 -17.41
N ALA B 1041 37.48 -20.77 -18.53
CA ALA B 1041 37.86 -20.17 -19.81
C ALA B 1041 37.01 -18.90 -20.09
N ALA B 1042 35.71 -19.02 -19.84
CA ALA B 1042 34.75 -17.95 -20.06
C ALA B 1042 34.99 -16.72 -19.15
N LEU B 1043 35.83 -16.91 -18.13
CA LEU B 1043 36.16 -15.80 -17.25
C LEU B 1043 37.52 -15.15 -17.55
N GLU B 1044 38.25 -15.62 -18.56
CA GLU B 1044 39.61 -15.14 -18.77
C GLU B 1044 39.68 -13.66 -19.16
N SER B 1045 39.08 -13.36 -20.30
CA SER B 1045 39.11 -12.02 -20.83
C SER B 1045 38.61 -11.02 -19.79
N ARG B 1046 37.63 -11.40 -19.00
CA ARG B 1046 37.14 -10.50 -17.96
C ARG B 1046 38.00 -10.43 -16.68
N ASP B 1047 38.65 -11.52 -16.30
CA ASP B 1047 39.63 -11.44 -15.21
C ASP B 1047 40.79 -10.51 -15.60
N GLU B 1048 41.18 -10.58 -16.88
CA GLU B 1048 42.26 -9.78 -17.39
C GLU B 1048 41.88 -8.31 -17.22
N ALA B 1049 40.69 -7.94 -17.70
CA ALA B 1049 40.20 -6.58 -17.58
C ALA B 1049 40.13 -6.14 -16.11
N VAL B 1050 39.84 -7.06 -15.21
CA VAL B 1050 39.78 -6.65 -13.83
C VAL B 1050 41.20 -6.47 -13.25
N ARG B 1051 42.14 -7.29 -13.72
CA ARG B 1051 43.53 -7.17 -13.29
C ARG B 1051 44.01 -5.80 -13.66
N ARG B 1052 43.79 -5.42 -14.92
CA ARG B 1052 44.21 -4.13 -15.45
C ARG B 1052 43.65 -3.00 -14.60
N PHE B 1053 42.35 -3.09 -14.31
CA PHE B 1053 41.69 -2.09 -13.51
C PHE B 1053 42.43 -1.96 -12.18
N GLY B 1054 42.64 -3.08 -11.49
CA GLY B 1054 43.26 -3.06 -10.18
C GLY B 1054 44.66 -2.46 -10.14
N THR B 1055 45.45 -2.75 -11.18
CA THR B 1055 46.76 -2.19 -11.35
C THR B 1055 46.64 -0.67 -11.37
N ALA B 1056 45.90 -0.16 -12.36
CA ALA B 1056 45.71 1.27 -12.55
C ALA B 1056 45.09 1.88 -11.32
N TYR B 1057 44.35 1.05 -10.59
CA TYR B 1057 43.76 1.56 -9.39
C TYR B 1057 44.79 1.77 -8.28
N ARG B 1058 45.72 0.84 -8.13
CA ARG B 1058 46.76 1.02 -7.12
C ARG B 1058 47.72 2.17 -7.50
N GLU B 1059 47.97 2.36 -8.79
CA GLU B 1059 48.83 3.41 -9.30
C GLU B 1059 48.33 4.79 -8.87
N ALA B 1060 47.02 4.92 -8.71
CA ALA B 1060 46.43 6.23 -8.54
C ALA B 1060 45.99 6.46 -7.10
N PHE B 1061 46.01 5.38 -6.32
CA PHE B 1061 45.74 5.52 -4.89
C PHE B 1061 46.80 6.43 -4.28
N ARG B 1062 46.44 7.07 -3.17
CA ARG B 1062 47.40 7.73 -2.31
C ARG B 1062 46.99 7.39 -0.89
N PRO B 1063 47.98 7.20 0.01
CA PRO B 1063 47.63 6.85 1.40
C PRO B 1063 46.72 7.88 2.06
N THR B 1064 46.61 9.05 1.44
CA THR B 1064 45.69 10.10 1.89
C THR B 1064 44.23 9.73 1.58
N ASP B 1065 44.01 8.99 0.48
CA ASP B 1065 42.66 8.66 0.00
C ASP B 1065 41.86 7.96 1.08
N SER B 1066 40.54 8.08 1.03
CA SER B 1066 39.70 7.37 2.00
C SER B 1066 39.89 5.86 1.87
N PRO B 1067 40.01 5.18 3.01
CA PRO B 1067 40.20 3.72 2.99
C PRO B 1067 38.98 3.05 2.36
N SER B 1068 37.82 3.68 2.49
CA SER B 1068 36.54 3.15 2.00
C SER B 1068 36.32 3.16 0.48
N THR B 1069 37.02 4.02 -0.23
CA THR B 1069 36.84 4.12 -1.68
C THR B 1069 37.04 2.76 -2.37
N GLN B 1070 38.14 2.06 -2.10
CA GLN B 1070 38.41 0.79 -2.75
C GLN B 1070 37.39 -0.32 -2.37
N LEU B 1071 36.95 -0.36 -1.12
CA LEU B 1071 35.99 -1.38 -0.70
C LEU B 1071 34.66 -1.29 -1.45
N ARG B 1072 34.26 -0.05 -1.74
CA ARG B 1072 33.03 0.21 -2.48
C ARG B 1072 33.20 -0.13 -3.96
N LEU B 1073 34.36 0.19 -4.52
CA LEU B 1073 34.64 -0.09 -5.91
C LEU B 1073 34.53 -1.59 -6.14
N VAL B 1074 35.38 -2.36 -5.47
CA VAL B 1074 35.37 -3.79 -5.63
C VAL B 1074 34.02 -4.39 -5.24
N GLY B 1075 33.41 -3.87 -4.18
CA GLY B 1075 32.10 -4.33 -3.76
C GLY B 1075 31.07 -4.12 -4.87
N SER B 1076 31.21 -2.99 -5.56
CA SER B 1076 30.33 -2.67 -6.70
C SER B 1076 30.51 -3.64 -7.86
N LEU B 1077 31.76 -3.98 -8.15
CA LEU B 1077 32.06 -4.93 -9.21
C LEU B 1077 31.51 -6.30 -8.88
N LEU B 1078 31.61 -6.71 -7.60
CA LEU B 1078 31.09 -8.00 -7.14
C LEU B 1078 29.59 -8.04 -7.31
N HIS B 1079 28.95 -6.98 -6.84
CA HIS B 1079 27.51 -6.84 -6.95
C HIS B 1079 27.02 -6.96 -8.39
N MET B 1080 27.65 -6.23 -9.32
CA MET B 1080 27.24 -6.26 -10.72
C MET B 1080 27.49 -7.60 -11.40
N THR B 1081 28.50 -8.35 -10.96
CA THR B 1081 28.77 -9.65 -11.57
C THR B 1081 27.61 -10.52 -11.19
N CYS B 1082 27.08 -10.32 -9.98
CA CYS B 1082 25.91 -11.05 -9.51
C CYS B 1082 24.65 -10.59 -10.21
N ASN B 1083 24.53 -9.28 -10.43
CA ASN B 1083 23.40 -8.73 -11.15
C ASN B 1083 23.27 -9.39 -12.51
N ARG B 1084 24.38 -9.47 -13.23
CA ARG B 1084 24.35 -9.99 -14.58
C ARG B 1084 23.98 -11.46 -14.64
N LEU B 1085 24.35 -12.22 -13.61
CA LEU B 1085 24.16 -13.65 -13.63
C LEU B 1085 22.84 -14.07 -12.99
N ILE B 1086 22.55 -13.51 -11.83
CA ILE B 1086 21.38 -13.91 -11.06
C ILE B 1086 20.69 -12.70 -10.42
N GLY B 1087 20.72 -11.56 -11.09
CA GLY B 1087 20.06 -10.36 -10.59
C GLY B 1087 18.63 -10.56 -10.14
N GLY B 1088 18.10 -9.59 -9.41
CA GLY B 1088 16.70 -9.60 -9.04
C GLY B 1088 16.37 -10.19 -7.67
N SER B 1089 17.37 -10.38 -6.82
CA SER B 1089 17.13 -10.82 -5.44
C SER B 1089 18.30 -10.58 -4.48
N ALA B 1090 18.11 -9.67 -3.51
CA ALA B 1090 19.16 -9.36 -2.55
C ALA B 1090 19.62 -10.55 -1.68
N GLU B 1091 18.70 -11.40 -1.25
CA GLU B 1091 19.15 -12.56 -0.45
C GLU B 1091 19.97 -13.60 -1.22
N ARG B 1092 19.57 -13.88 -2.47
CA ARG B 1092 20.29 -14.85 -3.28
C ARG B 1092 21.72 -14.36 -3.49
N GLU B 1093 21.87 -13.06 -3.74
CA GLU B 1093 23.19 -12.48 -3.87
C GLU B 1093 23.98 -12.61 -2.57
N ARG B 1094 23.31 -12.45 -1.44
CA ARG B 1094 23.94 -12.62 -0.12
C ARG B 1094 24.37 -14.06 0.09
N SER B 1095 23.54 -15.00 -0.31
CA SER B 1095 23.88 -16.41 -0.22
C SER B 1095 25.08 -16.74 -1.07
N VAL B 1096 24.97 -16.44 -2.37
CA VAL B 1096 26.00 -16.77 -3.34
C VAL B 1096 27.35 -16.13 -3.02
N LEU B 1097 27.34 -14.90 -2.52
CA LEU B 1097 28.59 -14.26 -2.17
C LEU B 1097 29.16 -14.92 -0.93
N GLY B 1098 28.25 -15.32 -0.06
CA GLY B 1098 28.61 -16.02 1.16
C GLY B 1098 29.43 -17.28 0.93
N LEU B 1099 28.88 -18.21 0.15
CA LEU B 1099 29.58 -19.44 -0.20
C LEU B 1099 31.04 -19.15 -0.51
N ALA B 1100 31.24 -18.17 -1.39
CA ALA B 1100 32.56 -17.83 -1.85
C ALA B 1100 33.35 -17.17 -0.73
N ARG B 1101 32.69 -16.34 0.06
CA ARG B 1101 33.35 -15.66 1.15
C ARG B 1101 33.92 -16.71 2.10
N GLY B 1102 33.03 -17.59 2.58
CA GLY B 1102 33.39 -18.70 3.44
C GLY B 1102 34.52 -19.55 2.86
N ALA B 1103 34.29 -20.05 1.65
CA ALA B 1103 35.22 -20.95 0.99
C ALA B 1103 36.62 -20.41 0.96
N VAL B 1104 36.74 -19.18 0.49
CA VAL B 1104 38.03 -18.54 0.25
C VAL B 1104 38.68 -18.09 1.57
N GLN B 1105 37.85 -17.78 2.55
CA GLN B 1105 38.38 -17.49 3.88
C GLN B 1105 38.95 -18.77 4.50
N ASP B 1106 38.16 -19.84 4.48
CA ASP B 1106 38.57 -21.12 5.04
C ASP B 1106 39.80 -21.68 4.33
N ASN B 1107 39.90 -21.49 3.02
CA ASN B 1107 41.10 -21.93 2.32
C ASN B 1107 42.36 -21.21 2.84
N LEU B 1108 42.14 -20.00 3.36
CA LEU B 1108 43.21 -19.14 3.86
C LEU B 1108 43.69 -19.55 5.27
N ASN B 1109 42.78 -19.92 6.16
CA ASN B 1109 43.21 -20.42 7.47
C ASN B 1109 43.99 -21.72 7.33
N ARG B 1110 43.50 -22.61 6.46
CA ARG B 1110 44.12 -23.90 6.19
C ARG B 1110 45.55 -23.79 5.67
N ARG B 1111 45.91 -22.59 5.23
CA ARG B 1111 47.23 -22.34 4.69
C ARG B 1111 48.11 -21.73 5.80
N ARG B 1112 47.59 -21.70 7.03
CA ARG B 1112 48.30 -21.09 8.19
C ARG B 1112 48.22 -21.77 9.60
N HIS B 1113 47.06 -22.23 10.06
CA HIS B 1113 46.94 -22.78 11.42
C HIS B 1113 47.19 -24.29 11.46
#